data_2ECN
#
_entry.id   2ECN
#
loop_
_entity.id
_entity.type
_entity.pdbx_description
1 polymer 'RING finger protein 141'
2 non-polymer 'ZINC ION'
#
_entity_poly.entity_id   1
_entity_poly.type   'polypeptide(L)'
_entity_poly.pdbx_seq_one_letter_code
;GSSGSSGRVKQLTDEEECCICMDGRADLILPCAHSFCQKCIDKWSDRHRNCPICRLQMTGANESSGPSSG
;
_entity_poly.pdbx_strand_id   A
#
# COMPACT_ATOMS: atom_id res chain seq x y z
N GLY A 1 -7.79 10.29 -34.80
CA GLY A 1 -6.76 10.72 -35.73
C GLY A 1 -5.92 11.86 -35.18
N SER A 2 -6.08 13.05 -35.76
CA SER A 2 -5.32 14.22 -35.32
C SER A 2 -6.18 15.11 -34.41
N SER A 3 -6.92 14.48 -33.52
CA SER A 3 -7.79 15.21 -32.60
C SER A 3 -7.78 14.57 -31.21
N GLY A 4 -8.27 15.31 -30.22
CA GLY A 4 -8.32 14.79 -28.87
C GLY A 4 -7.83 15.80 -27.84
N SER A 5 -8.58 15.95 -26.76
CA SER A 5 -8.23 16.89 -25.70
C SER A 5 -7.18 16.29 -24.77
N SER A 6 -7.49 15.10 -24.23
CA SER A 6 -6.58 14.42 -23.32
C SER A 6 -5.83 13.30 -24.03
N GLY A 7 -4.59 13.06 -23.62
CA GLY A 7 -3.79 12.02 -24.22
C GLY A 7 -2.42 12.52 -24.65
N ARG A 8 -1.68 13.09 -23.71
CA ARG A 8 -0.34 13.61 -24.01
C ARG A 8 0.70 12.97 -23.10
N VAL A 9 1.97 13.22 -23.40
CA VAL A 9 3.07 12.67 -22.61
C VAL A 9 2.88 12.99 -21.13
N LYS A 10 3.09 11.98 -20.28
CA LYS A 10 2.95 12.16 -18.84
C LYS A 10 4.23 11.76 -18.12
N GLN A 11 4.86 12.73 -17.47
CA GLN A 11 6.11 12.46 -16.75
C GLN A 11 5.93 11.31 -15.76
N LEU A 12 7.00 10.55 -15.54
CA LEU A 12 6.96 9.42 -14.63
C LEU A 12 7.65 9.77 -13.31
N THR A 13 7.61 11.05 -12.94
CA THR A 13 8.22 11.50 -11.70
C THR A 13 7.90 10.57 -10.54
N ASP A 14 6.62 10.28 -10.36
CA ASP A 14 6.18 9.40 -9.29
C ASP A 14 6.97 8.10 -9.29
N GLU A 15 7.15 7.51 -8.11
CA GLU A 15 7.90 6.27 -7.98
C GLU A 15 7.10 5.24 -7.19
N GLU A 16 6.52 5.67 -6.07
CA GLU A 16 5.74 4.79 -5.22
C GLU A 16 4.46 5.48 -4.76
N GLU A 17 3.51 4.68 -4.29
CA GLU A 17 2.24 5.21 -3.81
C GLU A 17 1.48 4.17 -3.00
N CYS A 18 0.70 4.63 -2.02
CA CYS A 18 -0.08 3.75 -1.17
C CYS A 18 -0.72 2.63 -1.99
N CYS A 19 -1.04 1.52 -1.34
CA CYS A 19 -1.65 0.39 -2.01
C CYS A 19 -3.16 0.34 -1.73
N ILE A 20 -3.54 0.75 -0.53
CA ILE A 20 -4.95 0.77 -0.14
C ILE A 20 -5.73 1.80 -0.94
N CYS A 21 -5.47 3.07 -0.66
CA CYS A 21 -6.15 4.16 -1.36
C CYS A 21 -5.44 4.51 -2.66
N MET A 22 -4.12 4.52 -2.62
CA MET A 22 -3.31 4.83 -3.80
C MET A 22 -3.59 6.25 -4.28
N ASP A 23 -3.49 7.21 -3.37
CA ASP A 23 -3.73 8.61 -3.71
C ASP A 23 -2.70 9.11 -4.72
N GLY A 24 -1.44 9.09 -4.33
CA GLY A 24 -0.37 9.54 -5.21
C GLY A 24 1.00 9.17 -4.72
N ARG A 25 1.22 9.30 -3.41
CA ARG A 25 2.50 8.97 -2.80
C ARG A 25 2.32 8.03 -1.62
N ALA A 26 3.41 7.41 -1.20
CA ALA A 26 3.38 6.47 -0.07
C ALA A 26 4.25 6.96 1.07
N ASP A 27 3.72 6.89 2.29
CA ASP A 27 4.46 7.33 3.47
C ASP A 27 5.58 6.34 3.80
N LEU A 28 5.33 5.07 3.56
CA LEU A 28 6.32 4.03 3.83
C LEU A 28 6.12 2.83 2.90
N ILE A 29 7.08 1.90 2.93
CA ILE A 29 7.02 0.72 2.10
C ILE A 29 7.47 -0.52 2.86
N LEU A 30 6.82 -1.65 2.61
CA LEU A 30 7.16 -2.90 3.28
C LEU A 30 8.01 -3.78 2.37
N PRO A 31 8.79 -4.69 2.97
CA PRO A 31 9.65 -5.61 2.24
C PRO A 31 8.87 -6.66 1.47
N CYS A 32 7.54 -6.56 1.52
CA CYS A 32 6.68 -7.50 0.84
C CYS A 32 5.94 -6.82 -0.32
N ALA A 33 6.45 -5.67 -0.74
CA ALA A 33 5.85 -4.92 -1.83
C ALA A 33 4.49 -4.36 -1.43
N HIS A 34 4.42 -3.78 -0.23
CA HIS A 34 3.18 -3.21 0.27
C HIS A 34 3.45 -1.87 0.95
N SER A 35 2.86 -0.81 0.40
CA SER A 35 3.03 0.53 0.95
C SER A 35 1.72 1.05 1.55
N PHE A 36 1.84 2.01 2.46
CA PHE A 36 0.67 2.59 3.11
C PHE A 36 0.92 4.04 3.50
N CYS A 37 -0.01 4.92 3.13
CA CYS A 37 0.11 6.34 3.43
C CYS A 37 -0.29 6.63 4.88
N GLN A 38 0.03 7.82 5.36
CA GLN A 38 -0.30 8.22 6.72
C GLN A 38 -1.80 8.08 6.99
N LYS A 39 -2.60 8.59 6.06
CA LYS A 39 -4.05 8.52 6.18
C LYS A 39 -4.50 7.13 6.59
N CYS A 40 -4.25 6.15 5.72
CA CYS A 40 -4.63 4.77 6.00
C CYS A 40 -3.97 4.26 7.27
N ILE A 41 -2.64 4.19 7.25
CA ILE A 41 -1.89 3.72 8.41
C ILE A 41 -2.51 4.22 9.71
N ASP A 42 -2.82 5.51 9.76
CA ASP A 42 -3.43 6.10 10.95
C ASP A 42 -4.82 5.53 11.18
N LYS A 43 -5.58 5.38 10.11
CA LYS A 43 -6.94 4.84 10.20
C LYS A 43 -6.95 3.51 10.93
N TRP A 44 -6.10 2.59 10.48
CA TRP A 44 -6.00 1.27 11.09
C TRP A 44 -5.44 1.36 12.51
N SER A 45 -6.34 1.35 13.49
CA SER A 45 -5.93 1.44 14.89
C SER A 45 -4.65 0.64 15.13
N ASP A 46 -4.70 -0.65 14.85
CA ASP A 46 -3.55 -1.54 15.03
C ASP A 46 -2.54 -1.35 13.90
N ARG A 47 -1.69 -0.34 14.03
CA ARG A 47 -0.68 -0.06 13.02
C ARG A 47 0.61 -0.81 13.30
N HIS A 48 0.48 -1.95 13.98
CA HIS A 48 1.63 -2.78 14.33
C HIS A 48 2.45 -3.12 13.08
N ARG A 49 3.76 -3.24 13.24
CA ARG A 49 4.65 -3.55 12.13
C ARG A 49 4.02 -4.61 11.22
N ASN A 50 3.14 -5.43 11.80
CA ASN A 50 2.47 -6.49 11.05
C ASN A 50 1.82 -5.92 9.79
N CYS A 51 1.87 -6.69 8.70
CA CYS A 51 1.28 -6.26 7.44
C CYS A 51 -0.15 -6.75 7.32
N PRO A 52 -1.07 -5.83 6.96
CA PRO A 52 -2.48 -6.14 6.81
C PRO A 52 -2.76 -7.02 5.59
N ILE A 53 -2.24 -6.61 4.44
CA ILE A 53 -2.43 -7.35 3.21
C ILE A 53 -2.01 -8.81 3.37
N CYS A 54 -0.75 -9.02 3.70
CA CYS A 54 -0.22 -10.36 3.89
C CYS A 54 -1.03 -11.12 4.94
N ARG A 55 -1.24 -10.50 6.09
CA ARG A 55 -2.00 -11.13 7.16
C ARG A 55 -3.23 -11.83 6.61
N LEU A 56 -3.93 -11.18 5.68
CA LEU A 56 -5.12 -11.75 5.08
C LEU A 56 -4.83 -13.14 4.52
N GLN A 57 -3.70 -13.29 3.84
CA GLN A 57 -3.31 -14.56 3.26
C GLN A 57 -4.37 -15.07 2.29
N MET A 58 -4.89 -14.16 1.46
CA MET A 58 -5.92 -14.52 0.50
C MET A 58 -5.30 -15.23 -0.71
N THR A 59 -5.53 -16.54 -0.79
CA THR A 59 -4.99 -17.34 -1.89
C THR A 59 -3.49 -17.17 -2.01
N GLY A 60 -2.81 -17.11 -0.87
CA GLY A 60 -1.36 -16.94 -0.88
C GLY A 60 -0.63 -18.28 -0.98
N ALA A 61 -0.06 -18.72 0.14
CA ALA A 61 0.67 -19.98 0.17
C ALA A 61 0.37 -20.75 1.45
N ASN A 62 0.65 -22.05 1.42
CA ASN A 62 0.41 -22.90 2.58
C ASN A 62 1.27 -22.47 3.76
N GLU A 63 0.65 -21.82 4.73
CA GLU A 63 1.36 -21.34 5.92
C GLU A 63 0.49 -21.48 7.16
N SER A 64 0.86 -22.41 8.04
CA SER A 64 0.11 -22.64 9.27
C SER A 64 0.68 -21.82 10.42
N SER A 65 -0.15 -20.95 10.97
CA SER A 65 0.28 -20.09 12.07
C SER A 65 -0.60 -20.32 13.31
N GLY A 66 -1.91 -20.13 13.14
CA GLY A 66 -2.83 -20.32 14.25
C GLY A 66 -3.66 -19.09 14.53
N PRO A 67 -4.90 -19.30 14.99
CA PRO A 67 -5.82 -18.20 15.32
C PRO A 67 -5.38 -17.42 16.55
N SER A 68 -6.13 -16.36 16.88
CA SER A 68 -5.82 -15.54 18.03
C SER A 68 -7.05 -15.37 18.92
N SER A 69 -7.01 -16.02 20.09
CA SER A 69 -8.12 -15.94 21.03
C SER A 69 -8.25 -14.54 21.61
N GLY A 70 -7.19 -14.08 22.28
CA GLY A 70 -7.21 -12.75 22.87
C GLY A 70 -8.24 -12.63 23.98
N GLY A 1 -8.11 27.29 -38.57
CA GLY A 1 -7.14 26.60 -37.73
C GLY A 1 -6.07 27.52 -37.19
N SER A 2 -5.89 27.51 -35.87
CA SER A 2 -4.89 28.36 -35.23
C SER A 2 -4.13 27.58 -34.16
N SER A 3 -2.87 27.96 -33.96
CA SER A 3 -2.02 27.30 -32.98
C SER A 3 -0.99 28.27 -32.40
N GLY A 4 -0.48 27.95 -31.21
CA GLY A 4 0.50 28.80 -30.57
C GLY A 4 1.73 28.04 -30.13
N SER A 5 1.87 27.88 -28.81
CA SER A 5 3.02 27.15 -28.26
C SER A 5 2.61 26.33 -27.04
N SER A 6 2.70 25.02 -27.18
CA SER A 6 2.33 24.11 -26.10
C SER A 6 3.40 23.04 -25.89
N GLY A 7 4.40 23.37 -25.07
CA GLY A 7 5.47 22.42 -24.80
C GLY A 7 5.01 21.22 -24.01
N ARG A 8 5.92 20.61 -23.26
CA ARG A 8 5.60 19.44 -22.46
C ARG A 8 6.74 19.11 -21.50
N VAL A 9 6.38 18.69 -20.29
CA VAL A 9 7.38 18.33 -19.28
C VAL A 9 7.13 16.93 -18.74
N LYS A 10 8.21 16.15 -18.64
CA LYS A 10 8.13 14.79 -18.13
C LYS A 10 9.07 14.57 -16.96
N GLN A 11 8.52 14.58 -15.75
CA GLN A 11 9.32 14.39 -14.54
C GLN A 11 8.65 13.38 -13.61
N LEU A 12 9.36 13.03 -12.53
CA LEU A 12 8.84 12.07 -11.56
C LEU A 12 8.78 12.69 -10.17
N THR A 13 7.71 13.44 -9.92
CA THR A 13 7.53 14.10 -8.63
C THR A 13 7.33 13.07 -7.52
N ASP A 14 6.55 12.02 -7.81
CA ASP A 14 6.28 10.97 -6.84
C ASP A 14 6.79 9.62 -7.34
N GLU A 15 7.33 8.82 -6.43
CA GLU A 15 7.86 7.51 -6.79
C GLU A 15 7.01 6.40 -6.17
N GLU A 16 6.84 6.46 -4.85
CA GLU A 16 6.06 5.46 -4.14
C GLU A 16 4.61 5.92 -3.98
N GLU A 17 3.69 4.96 -3.95
CA GLU A 17 2.28 5.27 -3.80
C GLU A 17 1.56 4.17 -3.01
N CYS A 18 0.74 4.58 -2.05
CA CYS A 18 -0.01 3.64 -1.22
C CYS A 18 -0.54 2.49 -2.06
N CYS A 19 -0.89 1.39 -1.39
CA CYS A 19 -1.42 0.22 -2.08
C CYS A 19 -2.91 0.05 -1.78
N ILE A 20 -3.31 0.33 -0.55
CA ILE A 20 -4.70 0.21 -0.14
C ILE A 20 -5.59 1.16 -0.94
N CYS A 21 -5.30 2.46 -0.82
CA CYS A 21 -6.07 3.47 -1.53
C CYS A 21 -5.40 3.86 -2.84
N MET A 22 -4.08 4.07 -2.76
CA MET A 22 -3.31 4.44 -3.95
C MET A 22 -3.76 5.81 -4.48
N ASP A 23 -4.08 6.72 -3.56
CA ASP A 23 -4.52 8.05 -3.94
C ASP A 23 -3.34 8.95 -4.26
N GLY A 24 -2.37 8.98 -3.35
CA GLY A 24 -1.19 9.80 -3.55
C GLY A 24 0.10 9.00 -3.48
N ARG A 25 1.01 9.43 -2.60
CA ARG A 25 2.29 8.75 -2.43
C ARG A 25 2.24 7.79 -1.24
N ALA A 26 3.36 7.13 -0.99
CA ALA A 26 3.44 6.18 0.12
C ALA A 26 4.45 6.65 1.16
N ASP A 27 3.99 6.80 2.40
CA ASP A 27 4.85 7.25 3.49
C ASP A 27 5.91 6.20 3.81
N LEU A 28 5.49 4.95 3.86
CA LEU A 28 6.40 3.84 4.15
C LEU A 28 6.23 2.70 3.17
N ILE A 29 7.18 1.78 3.15
CA ILE A 29 7.12 0.64 2.25
C ILE A 29 7.57 -0.64 2.96
N LEU A 30 6.80 -1.71 2.77
CA LEU A 30 7.11 -2.99 3.39
C LEU A 30 8.02 -3.83 2.48
N PRO A 31 8.74 -4.78 3.08
CA PRO A 31 9.66 -5.66 2.36
C PRO A 31 8.91 -6.65 1.48
N CYS A 32 7.58 -6.56 1.47
CA CYS A 32 6.76 -7.46 0.67
C CYS A 32 5.99 -6.68 -0.40
N ALA A 33 6.56 -5.55 -0.82
CA ALA A 33 5.94 -4.72 -1.84
C ALA A 33 4.57 -4.23 -1.39
N HIS A 34 4.53 -3.61 -0.20
CA HIS A 34 3.28 -3.10 0.35
C HIS A 34 3.53 -1.80 1.11
N SER A 35 3.03 -0.69 0.57
CA SER A 35 3.20 0.61 1.19
C SER A 35 1.88 1.13 1.75
N PHE A 36 1.95 2.19 2.54
CA PHE A 36 0.75 2.78 3.15
C PHE A 36 0.94 4.27 3.36
N CYS A 37 -0.07 5.05 2.99
CA CYS A 37 -0.02 6.50 3.14
C CYS A 37 -0.40 6.91 4.57
N GLN A 38 -0.10 8.15 4.91
CA GLN A 38 -0.41 8.67 6.24
C GLN A 38 -1.87 8.48 6.57
N LYS A 39 -2.74 8.83 5.63
CA LYS A 39 -4.18 8.70 5.82
C LYS A 39 -4.54 7.29 6.30
N CYS A 40 -4.07 6.29 5.56
CA CYS A 40 -4.34 4.90 5.92
C CYS A 40 -3.63 4.51 7.21
N ILE A 41 -2.30 4.61 7.19
CA ILE A 41 -1.50 4.28 8.36
C ILE A 41 -2.14 4.79 9.64
N ASP A 42 -2.63 6.03 9.60
CA ASP A 42 -3.27 6.64 10.75
C ASP A 42 -4.55 5.90 11.11
N LYS A 43 -5.37 5.62 10.10
CA LYS A 43 -6.63 4.92 10.32
C LYS A 43 -6.41 3.59 11.03
N TRP A 44 -5.53 2.76 10.46
CA TRP A 44 -5.22 1.46 11.04
C TRP A 44 -3.88 1.50 11.77
N SER A 45 -3.92 1.32 13.09
CA SER A 45 -2.72 1.34 13.90
C SER A 45 -2.70 0.17 14.87
N ASP A 46 -1.51 -0.22 15.30
CA ASP A 46 -1.35 -1.34 16.23
C ASP A 46 0.10 -1.48 16.66
N ARG A 47 0.33 -2.28 17.70
CA ARG A 47 1.68 -2.50 18.22
C ARG A 47 2.28 -3.77 17.63
N HIS A 48 2.05 -3.99 16.34
CA HIS A 48 2.57 -5.16 15.65
C HIS A 48 3.28 -4.77 14.36
N ARG A 49 4.38 -5.46 14.06
CA ARG A 49 5.14 -5.18 12.85
C ARG A 49 4.78 -6.16 11.74
N ASN A 50 3.49 -6.42 11.58
CA ASN A 50 3.01 -7.33 10.56
C ASN A 50 2.36 -6.56 9.40
N CYS A 51 2.05 -7.28 8.32
CA CYS A 51 1.43 -6.66 7.15
C CYS A 51 -0.04 -7.04 7.07
N PRO A 52 -0.90 -6.03 6.88
CA PRO A 52 -2.35 -6.22 6.76
C PRO A 52 -2.74 -6.93 5.47
N ILE A 53 -2.19 -6.47 4.36
CA ILE A 53 -2.48 -7.07 3.06
C ILE A 53 -2.18 -8.57 3.06
N CYS A 54 -0.95 -8.91 3.42
CA CYS A 54 -0.54 -10.32 3.46
C CYS A 54 -1.40 -11.11 4.44
N ARG A 55 -1.80 -10.46 5.54
CA ARG A 55 -2.61 -11.10 6.55
C ARG A 55 -4.03 -11.36 6.03
N LEU A 56 -4.50 -10.47 5.15
CA LEU A 56 -5.83 -10.60 4.57
C LEU A 56 -5.95 -11.87 3.74
N GLN A 57 -4.83 -12.29 3.14
CA GLN A 57 -4.81 -13.49 2.33
C GLN A 57 -4.17 -14.65 3.08
N MET A 58 -5.01 -15.60 3.50
CA MET A 58 -4.52 -16.77 4.24
C MET A 58 -4.71 -18.04 3.42
N THR A 59 -4.32 -19.17 4.00
CA THR A 59 -4.44 -20.45 3.32
C THR A 59 -5.81 -20.59 2.64
N GLY A 60 -5.79 -20.62 1.31
CA GLY A 60 -7.04 -20.75 0.57
C GLY A 60 -7.07 -22.00 -0.28
N ALA A 61 -7.56 -21.86 -1.52
CA ALA A 61 -7.65 -23.00 -2.43
C ALA A 61 -6.28 -23.31 -3.06
N ASN A 62 -5.61 -24.33 -2.54
CA ASN A 62 -4.31 -24.72 -3.03
C ASN A 62 -4.22 -26.24 -3.17
N GLU A 63 -3.69 -26.70 -4.31
CA GLU A 63 -3.55 -28.13 -4.56
C GLU A 63 -2.45 -28.73 -3.68
N SER A 64 -2.82 -29.73 -2.90
CA SER A 64 -1.88 -30.39 -2.01
C SER A 64 -2.31 -31.83 -1.73
N SER A 65 -1.46 -32.57 -1.02
CA SER A 65 -1.75 -33.96 -0.70
C SER A 65 -3.18 -34.12 -0.20
N GLY A 66 -3.53 -33.40 0.85
CA GLY A 66 -4.87 -33.47 1.40
C GLY A 66 -5.63 -32.16 1.27
N PRO A 67 -6.28 -31.98 0.11
CA PRO A 67 -7.06 -30.76 -0.16
C PRO A 67 -8.33 -30.67 0.68
N SER A 68 -8.47 -29.56 1.40
CA SER A 68 -9.64 -29.36 2.26
C SER A 68 -10.89 -29.12 1.41
N SER A 69 -12.05 -29.16 2.07
CA SER A 69 -13.31 -28.94 1.38
C SER A 69 -13.42 -27.51 0.86
N GLY A 70 -14.53 -27.20 0.20
CA GLY A 70 -14.73 -25.86 -0.34
C GLY A 70 -13.57 -25.41 -1.21
N GLY A 1 5.29 40.11 0.05
CA GLY A 1 5.46 39.53 1.37
C GLY A 1 5.88 38.07 1.32
N SER A 2 6.85 37.70 2.14
CA SER A 2 7.35 36.33 2.18
C SER A 2 8.15 36.08 3.44
N SER A 3 7.65 35.18 4.29
CA SER A 3 8.32 34.85 5.55
C SER A 3 8.18 33.37 5.85
N GLY A 4 9.31 32.71 6.10
CA GLY A 4 9.30 31.30 6.39
C GLY A 4 10.36 30.52 5.64
N SER A 5 11.28 29.91 6.38
CA SER A 5 12.36 29.15 5.76
C SER A 5 12.39 27.72 6.28
N SER A 6 12.25 26.76 5.38
CA SER A 6 12.25 25.35 5.75
C SER A 6 13.58 24.70 5.42
N GLY A 7 13.90 23.63 6.14
CA GLY A 7 15.16 22.93 5.90
C GLY A 7 15.25 21.61 6.67
N ARG A 8 15.08 20.51 5.94
CA ARG A 8 15.13 19.19 6.56
C ARG A 8 15.44 18.12 5.52
N VAL A 9 15.84 16.94 5.99
CA VAL A 9 16.17 15.83 5.09
C VAL A 9 14.98 15.46 4.23
N LYS A 10 15.24 14.99 3.02
CA LYS A 10 14.19 14.59 2.10
C LYS A 10 14.18 13.08 1.91
N GLN A 11 13.66 12.37 2.91
CA GLN A 11 13.58 10.91 2.86
C GLN A 11 12.55 10.46 1.82
N LEU A 12 11.82 11.42 1.27
CA LEU A 12 10.80 11.11 0.27
C LEU A 12 11.41 11.08 -1.13
N THR A 13 12.60 10.51 -1.23
CA THR A 13 13.29 10.40 -2.52
C THR A 13 12.47 9.57 -3.50
N ASP A 14 12.01 8.41 -3.04
CA ASP A 14 11.23 7.51 -3.88
C ASP A 14 9.90 8.15 -4.27
N GLU A 15 9.36 7.75 -5.41
CA GLU A 15 8.09 8.29 -5.90
C GLU A 15 7.00 7.23 -5.84
N GLU A 16 7.00 6.43 -4.78
CA GLU A 16 6.01 5.37 -4.61
C GLU A 16 4.68 5.95 -4.15
N GLU A 17 3.67 5.08 -4.06
CA GLU A 17 2.34 5.50 -3.64
C GLU A 17 1.63 4.38 -2.88
N CYS A 18 0.64 4.75 -2.07
CA CYS A 18 -0.10 3.77 -1.28
C CYS A 18 -0.60 2.64 -2.17
N CYS A 19 -0.94 1.51 -1.55
CA CYS A 19 -1.43 0.35 -2.28
C CYS A 19 -2.92 0.14 -2.03
N ILE A 20 -3.39 0.65 -0.90
CA ILE A 20 -4.81 0.51 -0.54
C ILE A 20 -5.66 1.54 -1.27
N CYS A 21 -5.46 2.81 -0.96
CA CYS A 21 -6.20 3.89 -1.60
C CYS A 21 -5.61 4.23 -2.97
N MET A 22 -4.32 4.01 -3.12
CA MET A 22 -3.63 4.29 -4.37
C MET A 22 -3.99 5.68 -4.89
N ASP A 23 -4.00 6.65 -3.98
CA ASP A 23 -4.32 8.03 -4.35
C ASP A 23 -3.17 8.96 -4.03
N GLY A 24 -2.79 9.01 -2.75
CA GLY A 24 -1.70 9.88 -2.33
C GLY A 24 -0.34 9.30 -2.70
N ARG A 25 0.55 9.25 -1.72
CA ARG A 25 1.90 8.73 -1.95
C ARG A 25 2.20 7.58 -0.99
N ALA A 26 3.43 7.08 -1.04
CA ALA A 26 3.85 5.99 -0.18
C ALA A 26 4.78 6.48 0.94
N ASP A 27 4.21 6.69 2.12
CA ASP A 27 4.98 7.17 3.27
C ASP A 27 6.00 6.12 3.70
N LEU A 28 5.57 4.87 3.78
CA LEU A 28 6.44 3.78 4.18
C LEU A 28 6.22 2.55 3.31
N ILE A 29 7.31 1.84 2.99
CA ILE A 29 7.24 0.65 2.16
C ILE A 29 7.58 -0.59 2.97
N LEU A 30 6.93 -1.71 2.62
CA LEU A 30 7.18 -2.98 3.32
C LEU A 30 8.06 -3.89 2.48
N PRO A 31 8.73 -4.83 3.17
CA PRO A 31 9.63 -5.79 2.50
C PRO A 31 8.87 -6.80 1.64
N CYS A 32 7.55 -6.67 1.61
CA CYS A 32 6.71 -7.56 0.84
C CYS A 32 6.05 -6.82 -0.32
N ALA A 33 6.62 -5.69 -0.69
CA ALA A 33 6.09 -4.88 -1.79
C ALA A 33 4.72 -4.32 -1.44
N HIS A 34 4.62 -3.65 -0.30
CA HIS A 34 3.37 -3.07 0.15
C HIS A 34 3.60 -1.73 0.85
N SER A 35 3.03 -0.67 0.30
CA SER A 35 3.19 0.66 0.88
C SER A 35 1.88 1.14 1.51
N PHE A 36 1.98 2.16 2.34
CA PHE A 36 0.81 2.72 3.01
C PHE A 36 0.99 4.20 3.31
N CYS A 37 0.02 5.01 2.90
CA CYS A 37 0.08 6.45 3.12
C CYS A 37 -0.27 6.79 4.57
N GLN A 38 0.12 7.99 5.00
CA GLN A 38 -0.15 8.43 6.36
C GLN A 38 -1.64 8.29 6.69
N LYS A 39 -2.48 8.66 5.73
CA LYS A 39 -3.93 8.58 5.91
C LYS A 39 -4.34 7.19 6.38
N CYS A 40 -4.05 6.19 5.56
CA CYS A 40 -4.38 4.81 5.89
C CYS A 40 -3.75 4.39 7.21
N ILE A 41 -2.41 4.33 7.23
CA ILE A 41 -1.68 3.95 8.43
C ILE A 41 -2.36 4.51 9.67
N ASP A 42 -2.66 5.80 9.65
CA ASP A 42 -3.31 6.45 10.79
C ASP A 42 -4.71 5.92 10.99
N LYS A 43 -5.48 5.86 9.90
CA LYS A 43 -6.86 5.37 9.96
C LYS A 43 -6.93 4.03 10.68
N TRP A 44 -6.03 3.11 10.31
CA TRP A 44 -6.00 1.79 10.92
C TRP A 44 -4.86 1.69 11.93
N SER A 45 -5.20 1.68 13.21
CA SER A 45 -4.20 1.59 14.27
C SER A 45 -4.43 0.36 15.13
N ASP A 46 -4.76 -0.76 14.48
CA ASP A 46 -5.00 -2.01 15.18
C ASP A 46 -3.74 -2.85 15.24
N ARG A 47 -3.14 -3.11 14.08
CA ARG A 47 -1.92 -3.90 14.00
C ARG A 47 -0.72 -3.11 14.51
N HIS A 48 0.41 -3.79 14.67
CA HIS A 48 1.63 -3.15 15.14
C HIS A 48 2.65 -3.00 14.01
N ARG A 49 3.15 -4.13 13.52
CA ARG A 49 4.13 -4.12 12.44
C ARG A 49 3.68 -5.04 11.30
N ASN A 50 3.16 -6.20 11.65
CA ASN A 50 2.69 -7.16 10.65
C ASN A 50 2.01 -6.44 9.48
N CYS A 51 2.03 -7.08 8.32
CA CYS A 51 1.41 -6.51 7.13
C CYS A 51 -0.04 -6.96 7.00
N PRO A 52 -0.96 -5.98 6.85
CA PRO A 52 -2.38 -6.25 6.72
C PRO A 52 -2.73 -6.90 5.38
N ILE A 53 -2.14 -6.40 4.31
CA ILE A 53 -2.37 -6.94 2.98
C ILE A 53 -1.99 -8.42 2.91
N CYS A 54 -1.06 -8.82 3.76
CA CYS A 54 -0.62 -10.21 3.80
C CYS A 54 -1.37 -11.01 4.87
N ARG A 55 -1.58 -10.37 6.02
CA ARG A 55 -2.29 -11.02 7.12
C ARG A 55 -3.60 -11.63 6.64
N LEU A 56 -4.49 -10.79 6.14
CA LEU A 56 -5.79 -11.27 5.64
C LEU A 56 -5.62 -12.48 4.74
N GLN A 57 -4.52 -12.49 3.98
CA GLN A 57 -4.25 -13.61 3.06
C GLN A 57 -3.89 -14.87 3.84
N MET A 58 -4.90 -15.64 4.22
CA MET A 58 -4.70 -16.88 4.97
C MET A 58 -4.82 -18.09 4.05
N THR A 59 -3.97 -19.08 4.28
CA THR A 59 -3.98 -20.30 3.49
C THR A 59 -4.84 -21.38 4.13
N GLY A 60 -5.33 -22.31 3.31
CA GLY A 60 -6.16 -23.39 3.82
C GLY A 60 -7.04 -24.00 2.75
N ALA A 61 -8.15 -23.35 2.45
CA ALA A 61 -9.08 -23.83 1.44
C ALA A 61 -8.33 -24.19 0.15
N ASN A 62 -8.94 -25.06 -0.65
CA ASN A 62 -8.35 -25.49 -1.91
C ASN A 62 -9.36 -25.43 -3.05
N GLU A 63 -8.97 -24.83 -4.17
CA GLU A 63 -9.84 -24.71 -5.32
C GLU A 63 -11.26 -24.37 -4.89
N SER A 64 -11.39 -23.49 -3.90
CA SER A 64 -12.69 -23.09 -3.39
C SER A 64 -12.98 -21.63 -3.73
N SER A 65 -14.11 -21.39 -4.40
CA SER A 65 -14.50 -20.04 -4.78
C SER A 65 -15.89 -19.71 -4.25
N GLY A 66 -15.94 -18.80 -3.28
CA GLY A 66 -17.21 -18.41 -2.70
C GLY A 66 -17.09 -17.17 -1.84
N PRO A 67 -18.12 -16.30 -1.90
CA PRO A 67 -18.15 -15.06 -1.13
C PRO A 67 -18.32 -15.31 0.38
N SER A 68 -18.39 -14.23 1.14
CA SER A 68 -18.54 -14.33 2.59
C SER A 68 -18.91 -12.97 3.19
N SER A 69 -20.10 -12.90 3.79
CA SER A 69 -20.57 -11.67 4.40
C SER A 69 -19.85 -11.41 5.73
N GLY A 70 -20.08 -10.23 6.30
CA GLY A 70 -19.45 -9.88 7.55
C GLY A 70 -17.96 -9.71 7.42
N GLY A 1 -0.25 36.83 -31.09
CA GLY A 1 -0.43 37.55 -29.85
C GLY A 1 0.86 37.69 -29.07
N SER A 2 0.96 38.75 -28.28
CA SER A 2 2.15 39.00 -27.48
C SER A 2 1.95 38.53 -26.04
N SER A 3 2.51 37.37 -25.72
CA SER A 3 2.39 36.81 -24.38
C SER A 3 3.34 35.64 -24.19
N GLY A 4 3.66 35.34 -22.93
CA GLY A 4 4.57 34.25 -22.64
C GLY A 4 3.97 33.26 -21.65
N SER A 5 4.53 32.04 -21.63
CA SER A 5 4.05 31.01 -20.73
C SER A 5 4.74 31.10 -19.37
N SER A 6 3.98 31.41 -18.34
CA SER A 6 4.52 31.53 -16.99
C SER A 6 5.19 30.24 -16.56
N GLY A 7 4.48 29.12 -16.72
CA GLY A 7 5.02 27.83 -16.34
C GLY A 7 4.04 26.70 -16.57
N ARG A 8 3.05 26.59 -15.71
CA ARG A 8 2.04 25.53 -15.82
C ARG A 8 2.70 24.17 -15.94
N VAL A 9 3.76 23.96 -15.16
CA VAL A 9 4.47 22.69 -15.18
C VAL A 9 4.45 22.03 -13.80
N LYS A 10 4.26 20.71 -13.79
CA LYS A 10 4.21 19.95 -12.55
C LYS A 10 4.50 18.48 -12.79
N GLN A 11 5.20 17.85 -11.85
CA GLN A 11 5.55 16.43 -11.97
C GLN A 11 5.67 15.79 -10.59
N LEU A 12 5.03 14.64 -10.43
CA LEU A 12 5.07 13.93 -9.16
C LEU A 12 6.51 13.72 -8.69
N THR A 13 6.91 14.45 -7.66
CA THR A 13 8.26 14.35 -7.12
C THR A 13 8.63 12.89 -6.87
N ASP A 14 7.72 12.15 -6.24
CA ASP A 14 7.97 10.74 -5.95
C ASP A 14 7.11 9.84 -6.83
N GLU A 15 7.50 8.57 -6.94
CA GLU A 15 6.77 7.62 -7.76
C GLU A 15 5.91 6.70 -6.89
N GLU A 16 6.48 6.24 -5.78
CA GLU A 16 5.77 5.36 -4.86
C GLU A 16 4.31 5.79 -4.71
N GLU A 17 3.47 4.86 -4.28
CA GLU A 17 2.05 5.14 -4.10
C GLU A 17 1.41 4.11 -3.18
N CYS A 18 0.53 4.59 -2.29
CA CYS A 18 -0.15 3.73 -1.34
C CYS A 18 -0.69 2.48 -2.04
N CYS A 19 -0.99 1.45 -1.24
CA CYS A 19 -1.51 0.20 -1.78
C CYS A 19 -3.01 0.11 -1.58
N ILE A 20 -3.47 0.47 -0.39
CA ILE A 20 -4.89 0.42 -0.06
C ILE A 20 -5.68 1.40 -0.93
N CYS A 21 -5.47 2.70 -0.69
CA CYS A 21 -6.18 3.73 -1.45
C CYS A 21 -5.38 4.12 -2.68
N MET A 22 -4.08 3.81 -2.68
CA MET A 22 -3.21 4.13 -3.80
C MET A 22 -3.62 5.45 -4.45
N ASP A 23 -4.14 6.36 -3.64
CA ASP A 23 -4.57 7.67 -4.15
C ASP A 23 -3.62 8.77 -3.68
N GLY A 24 -2.32 8.47 -3.69
CA GLY A 24 -1.33 9.44 -3.28
C GLY A 24 -0.01 8.79 -2.87
N ARG A 25 1.08 9.53 -3.06
CA ARG A 25 2.40 9.02 -2.70
C ARG A 25 2.34 8.17 -1.44
N ALA A 26 3.30 7.27 -1.30
CA ALA A 26 3.37 6.40 -0.13
C ALA A 26 4.24 6.99 0.96
N ASP A 27 3.81 6.85 2.21
CA ASP A 27 4.57 7.38 3.34
C ASP A 27 5.71 6.44 3.72
N LEU A 28 5.49 5.14 3.55
CA LEU A 28 6.50 4.14 3.86
C LEU A 28 6.35 2.90 2.99
N ILE A 29 7.34 2.03 3.03
CA ILE A 29 7.31 0.80 2.25
C ILE A 29 7.61 -0.42 3.11
N LEU A 30 6.86 -1.50 2.89
CA LEU A 30 7.05 -2.73 3.64
C LEU A 30 7.97 -3.70 2.90
N PRO A 31 8.61 -4.60 3.66
CA PRO A 31 9.52 -5.60 3.10
C PRO A 31 8.79 -6.66 2.26
N CYS A 32 7.47 -6.53 2.20
CA CYS A 32 6.66 -7.47 1.43
C CYS A 32 6.11 -6.83 0.17
N ALA A 33 6.71 -5.70 -0.22
CA ALA A 33 6.29 -4.98 -1.41
C ALA A 33 4.91 -4.37 -1.22
N HIS A 34 4.72 -3.69 -0.10
CA HIS A 34 3.45 -3.05 0.21
C HIS A 34 3.66 -1.69 0.87
N SER A 35 3.09 -0.64 0.29
CA SER A 35 3.22 0.70 0.83
C SER A 35 1.92 1.17 1.45
N PHE A 36 2.00 2.18 2.31
CA PHE A 36 0.82 2.72 2.98
C PHE A 36 1.00 4.22 3.27
N CYS A 37 0.06 5.03 2.79
CA CYS A 37 0.12 6.47 2.99
C CYS A 37 -0.13 6.81 4.46
N GLN A 38 0.02 8.09 4.80
CA GLN A 38 -0.19 8.55 6.17
C GLN A 38 -1.64 8.32 6.60
N LYS A 39 -2.58 8.61 5.70
CA LYS A 39 -3.99 8.45 5.99
C LYS A 39 -4.29 7.03 6.46
N CYS A 40 -4.13 6.06 5.56
CA CYS A 40 -4.38 4.67 5.89
C CYS A 40 -3.71 4.29 7.21
N ILE A 41 -2.39 4.41 7.26
CA ILE A 41 -1.64 4.08 8.47
C ILE A 41 -2.27 4.73 9.69
N ASP A 42 -2.33 6.05 9.70
CA ASP A 42 -2.92 6.79 10.82
C ASP A 42 -4.11 6.04 11.40
N LYS A 43 -5.06 5.68 10.52
CA LYS A 43 -6.26 4.97 10.95
C LYS A 43 -5.89 3.67 11.66
N TRP A 44 -5.03 2.87 11.03
CA TRP A 44 -4.60 1.60 11.61
C TRP A 44 -3.50 1.82 12.63
N SER A 45 -3.89 2.18 13.85
CA SER A 45 -2.94 2.42 14.92
C SER A 45 -2.79 1.20 15.80
N ASP A 46 -1.76 0.39 15.54
CA ASP A 46 -1.52 -0.82 16.31
C ASP A 46 -0.02 -1.05 16.47
N ARG A 47 0.41 -1.32 17.71
CA ARG A 47 1.82 -1.56 18.00
C ARG A 47 2.22 -2.98 17.60
N HIS A 48 2.05 -3.29 16.31
CA HIS A 48 2.40 -4.62 15.81
C HIS A 48 3.26 -4.50 14.54
N ARG A 49 3.93 -5.59 14.20
CA ARG A 49 4.78 -5.60 13.01
C ARG A 49 4.23 -6.55 11.95
N ASN A 50 2.92 -6.48 11.71
CA ASN A 50 2.27 -7.33 10.73
C ASN A 50 1.67 -6.50 9.60
N CYS A 51 1.52 -7.11 8.44
CA CYS A 51 0.95 -6.42 7.28
C CYS A 51 -0.48 -6.89 7.02
N PRO A 52 -1.38 -5.93 6.76
CA PRO A 52 -2.79 -6.22 6.49
C PRO A 52 -2.98 -6.90 5.14
N ILE A 53 -2.33 -6.37 4.11
CA ILE A 53 -2.43 -6.93 2.77
C ILE A 53 -2.15 -8.43 2.76
N CYS A 54 -0.92 -8.80 3.13
CA CYS A 54 -0.53 -10.20 3.16
C CYS A 54 -1.57 -11.04 3.92
N ARG A 55 -2.03 -10.51 5.05
CA ARG A 55 -3.02 -11.21 5.86
C ARG A 55 -4.03 -11.94 4.98
N LEU A 56 -4.53 -11.26 3.96
CA LEU A 56 -5.50 -11.85 3.05
C LEU A 56 -5.00 -13.19 2.52
N GLN A 57 -3.82 -13.18 1.91
CA GLN A 57 -3.24 -14.39 1.36
C GLN A 57 -3.57 -15.60 2.22
N MET A 58 -3.29 -15.49 3.51
CA MET A 58 -3.57 -16.58 4.45
C MET A 58 -4.73 -16.23 5.36
N THR A 59 -5.89 -16.84 5.11
CA THR A 59 -7.08 -16.59 5.91
C THR A 59 -6.93 -17.13 7.32
N GLY A 60 -6.91 -16.22 8.29
CA GLY A 60 -6.77 -16.62 9.68
C GLY A 60 -5.31 -16.77 10.09
N ALA A 61 -5.09 -17.19 11.34
CA ALA A 61 -3.73 -17.37 11.84
C ALA A 61 -3.32 -18.84 11.79
N ASN A 62 -2.06 -19.10 12.12
CA ASN A 62 -1.54 -20.47 12.10
C ASN A 62 -2.11 -21.28 13.25
N GLU A 63 -3.28 -21.87 13.04
CA GLU A 63 -3.93 -22.68 14.06
C GLU A 63 -3.01 -23.80 14.54
N SER A 64 -2.49 -23.65 15.75
CA SER A 64 -1.59 -24.66 16.32
C SER A 64 -1.46 -24.47 17.82
N SER A 65 -1.91 -25.47 18.57
CA SER A 65 -1.86 -25.42 20.02
C SER A 65 -1.28 -26.72 20.60
N GLY A 66 -0.39 -26.59 21.56
CA GLY A 66 0.23 -27.76 22.17
C GLY A 66 0.22 -27.70 23.67
N PRO A 67 1.33 -27.22 24.26
CA PRO A 67 1.47 -27.10 25.71
C PRO A 67 0.58 -26.01 26.29
N SER A 68 -0.66 -26.37 26.61
CA SER A 68 -1.61 -25.43 27.17
C SER A 68 -1.32 -25.15 28.64
N SER A 69 -1.10 -23.87 28.97
CA SER A 69 -0.78 -23.48 30.34
C SER A 69 -1.78 -24.10 31.32
N GLY A 70 -1.25 -24.80 32.31
CA GLY A 70 -2.10 -25.44 33.30
C GLY A 70 -3.23 -24.54 33.75
N GLY A 1 -10.07 4.22 -13.66
CA GLY A 1 -10.51 4.90 -12.46
C GLY A 1 -9.37 5.59 -11.73
N SER A 2 -8.52 6.28 -12.49
CA SER A 2 -7.38 6.98 -11.93
C SER A 2 -7.56 8.49 -12.04
N SER A 3 -7.76 9.14 -10.89
CA SER A 3 -7.95 10.59 -10.86
C SER A 3 -7.33 11.20 -9.61
N GLY A 4 -6.38 12.09 -9.80
CA GLY A 4 -5.72 12.74 -8.68
C GLY A 4 -4.40 13.37 -9.06
N SER A 5 -4.46 14.41 -9.89
CA SER A 5 -3.25 15.10 -10.33
C SER A 5 -2.67 15.95 -9.22
N SER A 6 -1.62 15.45 -8.58
CA SER A 6 -0.98 16.18 -7.49
C SER A 6 0.46 16.52 -7.84
N GLY A 7 0.72 17.81 -8.07
CA GLY A 7 2.06 18.24 -8.42
C GLY A 7 2.05 19.39 -9.42
N ARG A 8 1.26 19.25 -10.47
CA ARG A 8 1.16 20.29 -11.50
C ARG A 8 2.56 20.65 -12.02
N VAL A 9 3.35 19.64 -12.34
CA VAL A 9 4.70 19.85 -12.86
C VAL A 9 4.86 19.24 -14.25
N LYS A 10 5.59 19.93 -15.11
CA LYS A 10 5.83 19.46 -16.46
C LYS A 10 6.95 18.43 -16.50
N GLN A 11 6.93 17.51 -15.52
CA GLN A 11 7.94 16.47 -15.44
C GLN A 11 7.38 15.22 -14.77
N LEU A 12 7.37 14.11 -15.50
CA LEU A 12 6.86 12.85 -14.97
C LEU A 12 7.88 12.19 -14.06
N THR A 13 7.43 11.78 -12.88
CA THR A 13 8.31 11.13 -11.90
C THR A 13 7.52 10.65 -10.69
N ASP A 14 7.72 9.38 -10.33
CA ASP A 14 7.04 8.81 -9.19
C ASP A 14 8.01 8.01 -8.32
N GLU A 15 7.94 8.24 -7.00
CA GLU A 15 8.81 7.54 -6.07
C GLU A 15 8.09 6.37 -5.42
N GLU A 16 6.83 6.58 -5.06
CA GLU A 16 6.03 5.53 -4.42
C GLU A 16 4.58 6.00 -4.23
N GLU A 17 3.69 5.05 -3.98
CA GLU A 17 2.28 5.35 -3.79
C GLU A 17 1.60 4.26 -2.95
N CYS A 18 0.77 4.69 -2.01
CA CYS A 18 0.06 3.76 -1.14
C CYS A 18 -0.51 2.59 -1.94
N CYS A 19 -0.79 1.49 -1.25
CA CYS A 19 -1.34 0.31 -1.90
C CYS A 19 -2.84 0.21 -1.68
N ILE A 20 -3.27 0.45 -0.45
CA ILE A 20 -4.69 0.39 -0.10
C ILE A 20 -5.49 1.40 -0.92
N CYS A 21 -5.26 2.68 -0.67
CA CYS A 21 -5.96 3.74 -1.39
C CYS A 21 -5.22 4.11 -2.67
N MET A 22 -3.91 3.92 -2.67
CA MET A 22 -3.09 4.24 -3.83
C MET A 22 -3.59 5.51 -4.52
N ASP A 23 -4.06 6.46 -3.73
CA ASP A 23 -4.58 7.71 -4.26
C ASP A 23 -3.43 8.70 -4.50
N GLY A 24 -2.54 8.81 -3.52
CA GLY A 24 -1.42 9.72 -3.64
C GLY A 24 -0.09 9.01 -3.59
N ARG A 25 0.79 9.45 -2.70
CA ARG A 25 2.11 8.85 -2.55
C ARG A 25 2.14 7.87 -1.38
N ALA A 26 3.29 7.24 -1.17
CA ALA A 26 3.46 6.29 -0.08
C ALA A 26 4.36 6.86 1.01
N ASP A 27 3.95 6.66 2.27
CA ASP A 27 4.73 7.15 3.40
C ASP A 27 5.79 6.14 3.81
N LEU A 28 5.47 4.86 3.67
CA LEU A 28 6.40 3.80 4.03
C LEU A 28 6.26 2.61 3.07
N ILE A 29 7.33 1.83 2.96
CA ILE A 29 7.32 0.66 2.09
C ILE A 29 7.74 -0.59 2.84
N LEU A 30 6.99 -1.67 2.65
CA LEU A 30 7.28 -2.94 3.32
C LEU A 30 8.11 -3.84 2.41
N PRO A 31 8.81 -4.80 3.04
CA PRO A 31 9.67 -5.74 2.31
C PRO A 31 8.86 -6.74 1.48
N CYS A 32 7.54 -6.61 1.55
CA CYS A 32 6.65 -7.50 0.81
C CYS A 32 5.98 -6.76 -0.35
N ALA A 33 6.48 -5.57 -0.65
CA ALA A 33 5.94 -4.76 -1.73
C ALA A 33 4.58 -4.19 -1.36
N HIS A 34 4.47 -3.68 -0.14
CA HIS A 34 3.22 -3.10 0.34
C HIS A 34 3.49 -1.80 1.10
N SER A 35 3.05 -0.69 0.52
CA SER A 35 3.23 0.62 1.13
C SER A 35 1.93 1.14 1.72
N PHE A 36 2.03 2.16 2.56
CA PHE A 36 0.85 2.75 3.19
C PHE A 36 1.08 4.23 3.49
N CYS A 37 0.12 5.06 3.10
CA CYS A 37 0.20 6.50 3.31
C CYS A 37 -0.16 6.85 4.75
N GLN A 38 0.12 8.09 5.14
CA GLN A 38 -0.19 8.55 6.48
C GLN A 38 -1.68 8.44 6.77
N LYS A 39 -2.50 8.86 5.81
CA LYS A 39 -3.95 8.80 5.97
C LYS A 39 -4.39 7.43 6.47
N CYS A 40 -4.14 6.40 5.66
CA CYS A 40 -4.51 5.04 6.02
C CYS A 40 -3.88 4.64 7.36
N ILE A 41 -2.56 4.56 7.38
CA ILE A 41 -1.85 4.20 8.61
C ILE A 41 -2.46 4.87 9.83
N ASP A 42 -2.83 6.14 9.68
CA ASP A 42 -3.44 6.89 10.77
C ASP A 42 -4.82 6.33 11.11
N LYS A 43 -5.69 6.27 10.12
CA LYS A 43 -7.05 5.76 10.31
C LYS A 43 -7.02 4.37 10.92
N TRP A 44 -6.46 3.41 10.18
CA TRP A 44 -6.37 2.03 10.66
C TRP A 44 -5.52 1.94 11.93
N SER A 45 -6.05 1.28 12.94
CA SER A 45 -5.34 1.13 14.21
C SER A 45 -4.32 0.01 14.13
N ASP A 46 -3.48 0.05 13.09
CA ASP A 46 -2.45 -0.96 12.90
C ASP A 46 -1.05 -0.35 13.02
N ARG A 47 -0.42 -0.54 14.17
CA ARG A 47 0.91 -0.01 14.40
C ARG A 47 1.90 -1.14 14.67
N HIS A 48 1.83 -2.19 13.87
CA HIS A 48 2.73 -3.33 14.03
C HIS A 48 3.39 -3.67 12.70
N ARG A 49 4.68 -4.02 12.76
CA ARG A 49 5.44 -4.37 11.57
C ARG A 49 4.66 -5.36 10.70
N ASN A 50 3.73 -6.07 11.32
CA ASN A 50 2.91 -7.05 10.61
C ASN A 50 2.18 -6.41 9.44
N CYS A 51 2.06 -7.14 8.34
CA CYS A 51 1.39 -6.65 7.15
C CYS A 51 -0.04 -7.18 7.08
N PRO A 52 -1.01 -6.25 6.95
CA PRO A 52 -2.43 -6.60 6.88
C PRO A 52 -2.79 -7.30 5.57
N ILE A 53 -2.35 -6.71 4.46
CA ILE A 53 -2.62 -7.28 3.14
C ILE A 53 -2.22 -8.75 3.08
N CYS A 54 -0.92 -9.02 3.25
CA CYS A 54 -0.42 -10.38 3.22
C CYS A 54 -1.28 -11.30 4.08
N ARG A 55 -1.53 -10.88 5.31
CA ARG A 55 -2.33 -11.67 6.24
C ARG A 55 -3.67 -12.05 5.61
N LEU A 56 -4.24 -11.13 4.84
CA LEU A 56 -5.52 -11.37 4.17
C LEU A 56 -5.37 -12.40 3.05
N GLN A 57 -4.48 -12.12 2.11
CA GLN A 57 -4.24 -13.01 0.99
C GLN A 57 -3.50 -14.26 1.45
N MET A 58 -4.23 -15.19 2.07
CA MET A 58 -3.63 -16.43 2.56
C MET A 58 -4.43 -17.64 2.07
N THR A 59 -3.86 -18.83 2.28
CA THR A 59 -4.53 -20.06 1.87
C THR A 59 -5.90 -20.19 2.51
N GLY A 60 -6.85 -20.74 1.75
CA GLY A 60 -8.20 -20.92 2.27
C GLY A 60 -9.23 -21.02 1.16
N ALA A 61 -9.70 -19.88 0.68
CA ALA A 61 -10.69 -19.84 -0.39
C ALA A 61 -10.20 -19.02 -1.58
N ASN A 62 -10.02 -19.69 -2.71
CA ASN A 62 -9.54 -19.02 -3.91
C ASN A 62 -10.32 -17.73 -4.16
N GLU A 63 -9.60 -16.62 -4.23
CA GLU A 63 -10.22 -15.33 -4.47
C GLU A 63 -9.19 -14.31 -4.97
N SER A 64 -9.59 -13.49 -5.93
CA SER A 64 -8.71 -12.48 -6.50
C SER A 64 -8.63 -11.26 -5.60
N SER A 65 -8.03 -11.44 -4.43
CA SER A 65 -7.89 -10.35 -3.47
C SER A 65 -7.68 -9.02 -4.19
N GLY A 66 -6.83 -9.03 -5.21
CA GLY A 66 -6.55 -7.82 -5.96
C GLY A 66 -5.38 -7.98 -6.91
N PRO A 67 -5.38 -7.20 -8.00
CA PRO A 67 -4.32 -7.23 -9.01
C PRO A 67 -3.01 -6.67 -8.50
N SER A 68 -1.90 -7.20 -9.01
CA SER A 68 -0.58 -6.74 -8.59
C SER A 68 0.51 -7.32 -9.51
N SER A 69 1.38 -6.45 -9.99
CA SER A 69 2.46 -6.87 -10.88
C SER A 69 3.78 -6.99 -10.11
N GLY A 70 4.50 -8.07 -10.36
CA GLY A 70 5.77 -8.28 -9.69
C GLY A 70 6.85 -7.36 -10.19
N GLY A 1 11.29 12.38 -31.90
CA GLY A 1 11.04 13.22 -30.74
C GLY A 1 11.68 12.67 -29.48
N SER A 2 12.55 13.46 -28.86
CA SER A 2 13.23 13.03 -27.64
C SER A 2 13.66 14.24 -26.81
N SER A 3 14.13 13.98 -25.60
CA SER A 3 14.56 15.04 -24.70
C SER A 3 15.27 14.47 -23.47
N GLY A 4 16.10 15.29 -22.84
CA GLY A 4 16.82 14.84 -21.67
C GLY A 4 16.95 15.94 -20.62
N SER A 5 16.65 15.60 -19.37
CA SER A 5 16.72 16.56 -18.28
C SER A 5 17.88 16.22 -17.34
N SER A 6 18.43 17.26 -16.70
CA SER A 6 19.55 17.06 -15.78
C SER A 6 19.06 17.01 -14.34
N GLY A 7 19.96 16.65 -13.44
CA GLY A 7 19.60 16.56 -12.03
C GLY A 7 20.03 17.78 -11.24
N ARG A 8 19.69 18.96 -11.75
CA ARG A 8 20.04 20.21 -11.09
C ARG A 8 18.80 21.06 -10.82
N VAL A 9 17.77 20.42 -10.29
CA VAL A 9 16.52 21.11 -9.97
C VAL A 9 15.90 20.58 -8.68
N LYS A 10 15.63 21.49 -7.75
CA LYS A 10 15.04 21.10 -6.47
C LYS A 10 13.56 20.75 -6.64
N GLN A 11 13.22 19.51 -6.29
CA GLN A 11 11.84 19.04 -6.40
C GLN A 11 11.65 17.71 -5.68
N LEU A 12 10.52 17.56 -5.01
CA LEU A 12 10.22 16.34 -4.28
C LEU A 12 9.10 15.55 -4.95
N THR A 13 9.47 14.65 -5.85
CA THR A 13 8.50 13.84 -6.56
C THR A 13 8.89 12.36 -6.54
N ASP A 14 8.43 11.64 -5.53
CA ASP A 14 8.72 10.22 -5.39
C ASP A 14 7.73 9.37 -6.19
N GLU A 15 8.23 8.35 -6.87
CA GLU A 15 7.39 7.47 -7.66
C GLU A 15 6.76 6.38 -6.79
N GLU A 16 6.44 6.73 -5.55
CA GLU A 16 5.84 5.78 -4.62
C GLU A 16 4.33 6.05 -4.47
N GLU A 17 3.58 4.98 -4.26
CA GLU A 17 2.13 5.10 -4.11
C GLU A 17 1.62 4.10 -3.08
N CYS A 18 0.62 4.51 -2.30
CA CYS A 18 0.04 3.64 -1.28
C CYS A 18 -0.54 2.38 -1.90
N CYS A 19 -0.75 1.36 -1.07
CA CYS A 19 -1.30 0.10 -1.53
C CYS A 19 -2.80 0.04 -1.30
N ILE A 20 -3.23 0.47 -0.12
CA ILE A 20 -4.65 0.47 0.24
C ILE A 20 -5.43 1.42 -0.66
N CYS A 21 -5.24 2.71 -0.44
CA CYS A 21 -5.94 3.73 -1.23
C CYS A 21 -5.27 3.91 -2.59
N MET A 22 -3.95 3.75 -2.62
CA MET A 22 -3.19 3.90 -3.85
C MET A 22 -3.72 5.06 -4.68
N ASP A 23 -4.22 6.09 -4.00
CA ASP A 23 -4.76 7.26 -4.67
C ASP A 23 -3.94 8.51 -4.34
N GLY A 24 -2.62 8.32 -4.17
CA GLY A 24 -1.75 9.43 -3.85
C GLY A 24 -0.29 9.03 -3.78
N ARG A 25 0.28 9.09 -2.59
CA ARG A 25 1.67 8.72 -2.38
C ARG A 25 1.82 7.77 -1.20
N ALA A 26 3.06 7.38 -0.93
CA ALA A 26 3.34 6.47 0.18
C ALA A 26 4.35 7.08 1.15
N ASP A 27 4.18 6.80 2.44
CA ASP A 27 5.07 7.31 3.46
C ASP A 27 6.06 6.25 3.92
N LEU A 28 5.62 4.99 3.89
CA LEU A 28 6.46 3.87 4.29
C LEU A 28 6.30 2.69 3.34
N ILE A 29 7.33 1.87 3.24
CA ILE A 29 7.31 0.71 2.37
C ILE A 29 7.64 -0.57 3.14
N LEU A 30 6.98 -1.66 2.79
CA LEU A 30 7.21 -2.94 3.45
C LEU A 30 8.07 -3.86 2.58
N PRO A 31 8.75 -4.81 3.23
CA PRO A 31 9.61 -5.77 2.53
C PRO A 31 8.82 -6.76 1.67
N CYS A 32 7.51 -6.59 1.64
CA CYS A 32 6.64 -7.46 0.86
C CYS A 32 6.07 -6.71 -0.35
N ALA A 33 6.63 -5.54 -0.65
CA ALA A 33 6.17 -4.74 -1.76
C ALA A 33 4.81 -4.11 -1.48
N HIS A 34 4.62 -3.67 -0.25
CA HIS A 34 3.36 -3.05 0.16
C HIS A 34 3.61 -1.77 0.96
N SER A 35 3.20 -0.64 0.38
CA SER A 35 3.39 0.66 1.04
C SER A 35 2.07 1.18 1.58
N PHE A 36 2.15 2.06 2.58
CA PHE A 36 0.96 2.64 3.19
C PHE A 36 1.17 4.12 3.49
N CYS A 37 0.25 4.96 3.02
CA CYS A 37 0.34 6.39 3.24
C CYS A 37 -0.09 6.75 4.66
N GLN A 38 0.43 7.86 5.17
CA GLN A 38 0.09 8.31 6.53
C GLN A 38 -1.41 8.20 6.78
N LYS A 39 -2.20 8.84 5.92
CA LYS A 39 -3.65 8.81 6.05
C LYS A 39 -4.12 7.43 6.50
N CYS A 40 -3.92 6.43 5.64
CA CYS A 40 -4.33 5.07 5.96
C CYS A 40 -3.72 4.60 7.27
N ILE A 41 -2.39 4.62 7.33
CA ILE A 41 -1.68 4.19 8.54
C ILE A 41 -2.37 4.73 9.80
N ASP A 42 -2.88 5.95 9.72
CA ASP A 42 -3.56 6.57 10.84
C ASP A 42 -4.90 5.90 11.11
N LYS A 43 -5.74 5.84 10.07
CA LYS A 43 -7.06 5.23 10.18
C LYS A 43 -6.96 3.87 10.88
N TRP A 44 -6.11 3.00 10.37
CA TRP A 44 -5.92 1.67 10.94
C TRP A 44 -4.68 1.64 11.84
N SER A 45 -4.88 1.26 13.10
CA SER A 45 -3.79 1.18 14.05
C SER A 45 -3.99 0.02 15.01
N ASP A 46 -2.95 -0.80 15.17
CA ASP A 46 -3.01 -1.95 16.07
C ASP A 46 -1.64 -2.27 16.64
N ARG A 47 -1.59 -3.22 17.57
CA ARG A 47 -0.33 -3.60 18.20
C ARG A 47 0.28 -4.81 17.49
N HIS A 48 -0.06 -4.97 16.21
CA HIS A 48 0.46 -6.07 15.42
C HIS A 48 1.56 -5.59 14.47
N ARG A 49 2.59 -6.42 14.29
CA ARG A 49 3.69 -6.07 13.40
C ARG A 49 3.63 -6.88 12.11
N ASN A 50 2.41 -7.20 11.67
CA ASN A 50 2.22 -7.97 10.45
C ASN A 50 1.51 -7.13 9.38
N CYS A 51 1.92 -7.31 8.14
CA CYS A 51 1.32 -6.58 7.03
C CYS A 51 -0.20 -6.79 6.98
N PRO A 52 -0.94 -5.68 7.01
CA PRO A 52 -2.41 -5.72 6.98
C PRO A 52 -2.94 -6.15 5.62
N ILE A 53 -2.06 -6.23 4.63
CA ILE A 53 -2.45 -6.63 3.29
C ILE A 53 -2.20 -8.12 3.08
N CYS A 54 -0.93 -8.53 3.14
CA CYS A 54 -0.55 -9.92 2.96
C CYS A 54 -1.54 -10.84 3.67
N ARG A 55 -2.13 -10.36 4.76
CA ARG A 55 -3.09 -11.14 5.52
C ARG A 55 -4.09 -11.84 4.60
N LEU A 56 -4.71 -11.06 3.71
CA LEU A 56 -5.68 -11.61 2.76
C LEU A 56 -5.07 -11.72 1.36
N GLN A 57 -4.17 -10.80 1.04
CA GLN A 57 -3.52 -10.81 -0.26
C GLN A 57 -2.13 -11.44 -0.19
N MET A 58 -2.09 -12.73 0.15
CA MET A 58 -0.84 -13.46 0.27
C MET A 58 0.03 -13.24 -0.98
N THR A 59 1.33 -13.46 -0.83
CA THR A 59 2.26 -13.30 -1.93
C THR A 59 2.98 -14.60 -2.26
N GLY A 60 2.84 -15.06 -3.50
CA GLY A 60 3.47 -16.30 -3.91
C GLY A 60 4.89 -16.08 -4.41
N ALA A 61 5.68 -15.33 -3.64
CA ALA A 61 7.06 -15.05 -4.01
C ALA A 61 7.14 -14.43 -5.40
N ASN A 62 6.19 -13.56 -5.71
CA ASN A 62 6.16 -12.89 -7.01
C ASN A 62 6.79 -11.51 -6.92
N GLU A 63 6.32 -10.70 -5.97
CA GLU A 63 6.84 -9.35 -5.80
C GLU A 63 8.21 -9.39 -5.13
N SER A 64 8.25 -9.92 -3.91
CA SER A 64 9.50 -10.01 -3.16
C SER A 64 9.85 -11.46 -2.86
N SER A 65 11.15 -11.76 -2.85
CA SER A 65 11.62 -13.12 -2.58
C SER A 65 13.02 -13.09 -1.96
N GLY A 66 13.36 -14.17 -1.25
CA GLY A 66 14.66 -14.25 -0.62
C GLY A 66 14.58 -14.17 0.89
N PRO A 67 15.67 -14.56 1.57
CA PRO A 67 15.74 -14.55 3.03
C PRO A 67 15.77 -13.13 3.60
N SER A 68 14.63 -12.68 4.11
CA SER A 68 14.53 -11.33 4.68
C SER A 68 15.65 -11.09 5.70
N SER A 69 16.49 -10.11 5.41
CA SER A 69 17.60 -9.77 6.30
C SER A 69 17.12 -8.94 7.48
N GLY A 70 16.47 -7.83 7.19
CA GLY A 70 15.96 -6.97 8.24
C GLY A 70 15.19 -7.73 9.29
N GLY A 1 -16.92 -14.00 -25.08
CA GLY A 1 -16.46 -12.64 -24.89
C GLY A 1 -15.37 -12.25 -25.88
N SER A 2 -15.12 -10.96 -26.00
CA SER A 2 -14.10 -10.46 -26.92
C SER A 2 -13.31 -9.33 -26.29
N SER A 3 -11.99 -9.51 -26.21
CA SER A 3 -11.11 -8.50 -25.62
C SER A 3 -9.72 -8.55 -26.27
N GLY A 4 -9.00 -7.44 -26.17
CA GLY A 4 -7.67 -7.37 -26.75
C GLY A 4 -6.97 -6.06 -26.44
N SER A 5 -5.65 -6.12 -26.31
CA SER A 5 -4.86 -4.92 -26.01
C SER A 5 -5.39 -3.72 -26.76
N SER A 6 -6.08 -2.83 -26.05
CA SER A 6 -6.65 -1.63 -26.66
C SER A 6 -5.67 -0.46 -26.58
N GLY A 7 -4.40 -0.76 -26.84
CA GLY A 7 -3.37 0.28 -26.81
C GLY A 7 -3.30 0.95 -25.45
N ARG A 8 -2.63 0.31 -24.50
CA ARG A 8 -2.48 0.86 -23.16
C ARG A 8 -1.02 1.24 -22.89
N VAL A 9 -0.69 2.50 -23.14
CA VAL A 9 0.67 2.99 -22.92
C VAL A 9 0.67 4.24 -22.05
N LYS A 10 -0.25 4.27 -21.08
CA LYS A 10 -0.37 5.41 -20.18
C LYS A 10 -0.28 4.96 -18.72
N GLN A 11 0.88 5.16 -18.11
CA GLN A 11 1.08 4.77 -16.72
C GLN A 11 1.77 5.89 -15.94
N LEU A 12 1.09 6.40 -14.92
CA LEU A 12 1.63 7.47 -14.10
C LEU A 12 1.60 7.10 -12.62
N THR A 13 2.72 6.54 -12.14
CA THR A 13 2.82 6.13 -10.74
C THR A 13 4.18 6.48 -10.17
N ASP A 14 4.22 7.47 -9.28
CA ASP A 14 5.47 7.89 -8.66
C ASP A 14 6.25 6.70 -8.14
N GLU A 15 7.55 6.89 -7.94
CA GLU A 15 8.41 5.82 -7.45
C GLU A 15 7.67 4.92 -6.49
N GLU A 16 6.91 5.53 -5.58
CA GLU A 16 6.15 4.78 -4.59
C GLU A 16 4.77 5.40 -4.37
N GLU A 17 3.85 4.61 -3.83
CA GLU A 17 2.50 5.09 -3.58
C GLU A 17 1.67 4.04 -2.85
N CYS A 18 0.83 4.49 -1.92
CA CYS A 18 -0.01 3.58 -1.14
C CYS A 18 -0.61 2.50 -2.04
N CYS A 19 -1.01 1.40 -1.43
CA CYS A 19 -1.59 0.28 -2.16
C CYS A 19 -3.08 0.13 -1.82
N ILE A 20 -3.43 0.38 -0.57
CA ILE A 20 -4.80 0.27 -0.12
C ILE A 20 -5.70 1.25 -0.86
N CYS A 21 -5.45 2.54 -0.68
CA CYS A 21 -6.23 3.57 -1.33
C CYS A 21 -5.54 4.07 -2.59
N MET A 22 -4.27 3.69 -2.75
CA MET A 22 -3.49 4.11 -3.91
C MET A 22 -3.73 5.58 -4.24
N ASP A 23 -3.58 6.44 -3.24
CA ASP A 23 -3.77 7.87 -3.43
C ASP A 23 -2.79 8.44 -4.45
N GLY A 24 -1.50 8.36 -4.11
CA GLY A 24 -0.48 8.87 -5.01
C GLY A 24 0.92 8.77 -4.41
N ARG A 25 1.03 9.06 -3.11
CA ARG A 25 2.30 9.02 -2.42
C ARG A 25 2.32 7.88 -1.40
N ALA A 26 3.52 7.52 -0.94
CA ALA A 26 3.67 6.45 0.04
C ALA A 26 4.60 6.89 1.18
N ASP A 27 4.05 6.94 2.39
CA ASP A 27 4.82 7.33 3.56
C ASP A 27 5.86 6.27 3.91
N LEU A 28 5.45 5.01 3.87
CA LEU A 28 6.34 3.90 4.18
C LEU A 28 6.11 2.73 3.23
N ILE A 29 7.17 1.97 2.98
CA ILE A 29 7.09 0.82 2.09
C ILE A 29 7.53 -0.45 2.80
N LEU A 30 6.76 -1.53 2.61
CA LEU A 30 7.08 -2.81 3.23
C LEU A 30 7.95 -3.67 2.30
N PRO A 31 8.69 -4.61 2.89
CA PRO A 31 9.57 -5.51 2.15
C PRO A 31 8.79 -6.51 1.31
N CYS A 32 7.47 -6.43 1.37
CA CYS A 32 6.61 -7.34 0.61
C CYS A 32 5.83 -6.58 -0.45
N ALA A 33 6.40 -5.47 -0.92
CA ALA A 33 5.75 -4.65 -1.94
C ALA A 33 4.40 -4.15 -1.47
N HIS A 34 4.39 -3.48 -0.32
CA HIS A 34 3.15 -2.94 0.24
C HIS A 34 3.42 -1.65 1.00
N SER A 35 2.82 -0.55 0.53
CA SER A 35 3.01 0.74 1.17
C SER A 35 1.70 1.21 1.82
N PHE A 36 1.81 2.22 2.68
CA PHE A 36 0.65 2.76 3.37
C PHE A 36 0.81 4.26 3.62
N CYS A 37 -0.09 5.05 3.06
CA CYS A 37 -0.06 6.50 3.23
C CYS A 37 -0.44 6.89 4.65
N GLN A 38 -0.06 8.11 5.04
CA GLN A 38 -0.37 8.61 6.38
C GLN A 38 -1.85 8.41 6.71
N LYS A 39 -2.72 8.83 5.79
CA LYS A 39 -4.16 8.69 5.99
C LYS A 39 -4.51 7.28 6.44
N CYS A 40 -4.15 6.29 5.63
CA CYS A 40 -4.44 4.89 5.95
C CYS A 40 -3.85 4.52 7.30
N ILE A 41 -2.52 4.53 7.40
CA ILE A 41 -1.84 4.19 8.64
C ILE A 41 -2.56 4.79 9.85
N ASP A 42 -2.81 6.09 9.80
CA ASP A 42 -3.49 6.78 10.88
C ASP A 42 -4.74 6.00 11.32
N LYS A 43 -5.53 5.57 10.35
CA LYS A 43 -6.73 4.81 10.63
C LYS A 43 -6.40 3.47 11.29
N TRP A 44 -5.55 2.69 10.64
CA TRP A 44 -5.14 1.39 11.16
C TRP A 44 -4.88 1.47 12.66
N SER A 45 -5.75 0.84 13.44
CA SER A 45 -5.62 0.83 14.90
C SER A 45 -4.87 -0.41 15.37
N ASP A 46 -5.22 -1.56 14.80
CA ASP A 46 -4.59 -2.82 15.17
C ASP A 46 -3.10 -2.81 14.78
N ARG A 47 -2.24 -2.90 15.78
CA ARG A 47 -0.80 -2.89 15.55
C ARG A 47 -0.25 -4.32 15.56
N HIS A 48 0.54 -4.65 14.54
CA HIS A 48 1.13 -5.97 14.43
C HIS A 48 2.32 -5.95 13.48
N ARG A 49 3.50 -6.25 14.00
CA ARG A 49 4.72 -6.27 13.20
C ARG A 49 4.45 -6.85 11.82
N ASN A 50 3.53 -7.81 11.76
CA ASN A 50 3.18 -8.46 10.49
C ASN A 50 2.42 -7.48 9.59
N CYS A 51 2.46 -7.76 8.29
CA CYS A 51 1.78 -6.92 7.31
C CYS A 51 0.30 -7.26 7.24
N PRO A 52 -0.55 -6.23 7.18
CA PRO A 52 -2.00 -6.39 7.09
C PRO A 52 -2.45 -6.97 5.75
N ILE A 53 -1.97 -6.37 4.67
CA ILE A 53 -2.31 -6.82 3.33
C ILE A 53 -2.12 -8.33 3.19
N CYS A 54 -0.88 -8.77 3.34
CA CYS A 54 -0.56 -10.19 3.23
C CYS A 54 -1.48 -11.03 4.11
N ARG A 55 -1.88 -10.46 5.25
CA ARG A 55 -2.75 -11.15 6.18
C ARG A 55 -3.86 -11.90 5.44
N LEU A 56 -4.56 -11.20 4.56
CA LEU A 56 -5.64 -11.79 3.78
C LEU A 56 -5.15 -12.20 2.40
N GLN A 57 -4.33 -11.35 1.78
CA GLN A 57 -3.78 -11.64 0.46
C GLN A 57 -4.85 -12.26 -0.44
N MET A 58 -6.03 -11.64 -0.46
CA MET A 58 -7.13 -12.13 -1.28
C MET A 58 -6.86 -11.88 -2.76
N THR A 59 -7.04 -12.90 -3.57
CA THR A 59 -6.81 -12.80 -5.01
C THR A 59 -7.64 -11.67 -5.62
N GLY A 60 -6.96 -10.66 -6.15
CA GLY A 60 -7.65 -9.53 -6.75
C GLY A 60 -6.69 -8.47 -7.27
N ALA A 61 -6.04 -7.76 -6.36
CA ALA A 61 -5.10 -6.72 -6.73
C ALA A 61 -4.13 -7.21 -7.80
N ASN A 62 -3.39 -6.29 -8.41
CA ASN A 62 -2.43 -6.63 -9.44
C ASN A 62 -1.09 -7.02 -8.83
N GLU A 63 -0.25 -7.68 -9.62
CA GLU A 63 1.07 -8.11 -9.16
C GLU A 63 1.97 -6.90 -8.93
N SER A 64 2.28 -6.17 -9.99
CA SER A 64 3.14 -5.00 -9.90
C SER A 64 4.40 -5.31 -9.11
N SER A 65 5.00 -6.47 -9.38
CA SER A 65 6.21 -6.88 -8.69
C SER A 65 7.46 -6.50 -9.49
N GLY A 66 8.63 -6.75 -8.90
CA GLY A 66 9.87 -6.42 -9.57
C GLY A 66 10.87 -7.57 -9.54
N PRO A 67 10.81 -8.46 -10.55
CA PRO A 67 11.70 -9.61 -10.64
C PRO A 67 13.13 -9.21 -10.95
N SER A 68 13.38 -7.91 -11.03
CA SER A 68 14.71 -7.40 -11.33
C SER A 68 15.78 -8.28 -10.70
N SER A 69 16.83 -8.55 -11.47
CA SER A 69 17.92 -9.40 -11.00
C SER A 69 18.89 -8.59 -10.13
N GLY A 70 19.05 -9.03 -8.89
CA GLY A 70 19.94 -8.36 -7.96
C GLY A 70 19.45 -6.96 -7.61
N GLY A 1 -3.07 11.22 -47.06
CA GLY A 1 -2.55 11.99 -45.94
C GLY A 1 -2.23 11.12 -44.74
N SER A 2 -1.12 11.43 -44.07
CA SER A 2 -0.70 10.66 -42.90
C SER A 2 0.24 11.48 -42.02
N SER A 3 -0.20 11.74 -40.80
CA SER A 3 0.61 12.53 -39.85
C SER A 3 0.27 12.15 -38.42
N GLY A 4 1.05 12.67 -37.47
CA GLY A 4 0.83 12.37 -36.08
C GLY A 4 2.04 11.73 -35.42
N SER A 5 1.96 10.43 -35.19
CA SER A 5 3.05 9.69 -34.55
C SER A 5 3.23 10.14 -33.10
N SER A 6 2.11 10.32 -32.40
CA SER A 6 2.15 10.75 -31.00
C SER A 6 2.66 9.63 -30.10
N GLY A 7 3.10 9.99 -28.90
CA GLY A 7 3.62 9.01 -27.96
C GLY A 7 4.61 9.60 -26.99
N ARG A 8 4.11 10.22 -25.93
CA ARG A 8 4.97 10.83 -24.92
C ARG A 8 5.05 9.96 -23.68
N VAL A 9 6.21 9.97 -23.03
CA VAL A 9 6.42 9.17 -21.82
C VAL A 9 5.54 9.66 -20.69
N LYS A 10 5.44 8.86 -19.63
CA LYS A 10 4.63 9.21 -18.47
C LYS A 10 5.51 9.68 -17.32
N GLN A 11 5.74 10.99 -17.25
CA GLN A 11 6.56 11.57 -16.19
C GLN A 11 5.69 12.09 -15.04
N LEU A 12 6.29 12.24 -13.87
CA LEU A 12 5.58 12.73 -12.70
C LEU A 12 6.55 13.05 -11.56
N THR A 13 6.07 13.82 -10.59
CA THR A 13 6.90 14.21 -9.45
C THR A 13 6.84 13.15 -8.35
N ASP A 14 5.64 12.66 -8.07
CA ASP A 14 5.46 11.64 -7.04
C ASP A 14 6.47 10.51 -7.21
N GLU A 15 6.98 10.02 -6.08
CA GLU A 15 7.96 8.94 -6.09
C GLU A 15 7.29 7.58 -5.92
N GLU A 16 6.44 7.48 -4.90
CA GLU A 16 5.73 6.24 -4.62
C GLU A 16 4.24 6.50 -4.42
N GLU A 17 3.46 5.42 -4.32
CA GLU A 17 2.02 5.54 -4.13
C GLU A 17 1.52 4.47 -3.16
N CYS A 18 0.37 4.73 -2.56
CA CYS A 18 -0.23 3.78 -1.60
C CYS A 18 -0.83 2.58 -2.34
N CYS A 19 -1.06 1.51 -1.59
CA CYS A 19 -1.63 0.30 -2.17
C CYS A 19 -3.14 0.22 -1.91
N ILE A 20 -3.55 0.64 -0.72
CA ILE A 20 -4.95 0.63 -0.35
C ILE A 20 -5.74 1.67 -1.14
N CYS A 21 -5.53 2.93 -0.82
CA CYS A 21 -6.23 4.03 -1.50
C CYS A 21 -5.50 4.41 -2.79
N MET A 22 -4.20 4.11 -2.84
CA MET A 22 -3.40 4.41 -4.01
C MET A 22 -3.86 5.72 -4.67
N ASP A 23 -4.08 6.74 -3.84
CA ASP A 23 -4.52 8.04 -4.34
C ASP A 23 -3.40 9.06 -4.28
N GLY A 24 -2.69 9.09 -3.15
CA GLY A 24 -1.59 10.02 -2.99
C GLY A 24 -0.24 9.36 -3.15
N ARG A 25 0.59 9.46 -2.13
CA ARG A 25 1.93 8.88 -2.16
C ARG A 25 2.10 7.86 -1.04
N ALA A 26 3.24 7.18 -1.03
CA ALA A 26 3.53 6.18 -0.01
C ALA A 26 4.37 6.76 1.12
N ASP A 27 3.91 6.56 2.34
CA ASP A 27 4.62 7.07 3.52
C ASP A 27 5.75 6.13 3.91
N LEU A 28 5.49 4.83 3.84
CA LEU A 28 6.49 3.83 4.19
C LEU A 28 6.38 2.60 3.30
N ILE A 29 7.46 1.85 3.19
CA ILE A 29 7.49 0.65 2.35
C ILE A 29 7.79 -0.59 3.19
N LEU A 30 7.21 -1.72 2.80
CA LEU A 30 7.42 -2.97 3.52
C LEU A 30 8.27 -3.94 2.68
N PRO A 31 8.93 -4.89 3.36
CA PRO A 31 9.77 -5.89 2.71
C PRO A 31 8.97 -6.89 1.90
N CYS A 32 7.65 -6.71 1.88
CA CYS A 32 6.76 -7.60 1.14
C CYS A 32 6.16 -6.89 -0.06
N ALA A 33 6.78 -5.79 -0.47
CA ALA A 33 6.30 -5.02 -1.61
C ALA A 33 4.90 -4.46 -1.35
N HIS A 34 4.76 -3.75 -0.24
CA HIS A 34 3.47 -3.16 0.12
C HIS A 34 3.68 -1.81 0.80
N SER A 35 3.16 -0.76 0.18
CA SER A 35 3.28 0.60 0.71
C SER A 35 1.98 1.05 1.37
N PHE A 36 2.07 2.06 2.22
CA PHE A 36 0.89 2.58 2.91
C PHE A 36 1.08 4.06 3.25
N CYS A 37 0.17 4.90 2.74
CA CYS A 37 0.23 6.33 2.99
C CYS A 37 -0.05 6.64 4.45
N GLN A 38 0.18 7.90 4.84
CA GLN A 38 -0.04 8.32 6.22
C GLN A 38 -1.51 8.14 6.61
N LYS A 39 -2.40 8.55 5.72
CA LYS A 39 -3.83 8.44 5.97
C LYS A 39 -4.20 7.02 6.40
N CYS A 40 -4.11 6.08 5.47
CA CYS A 40 -4.43 4.69 5.75
C CYS A 40 -3.81 4.24 7.07
N ILE A 41 -2.49 4.29 7.16
CA ILE A 41 -1.78 3.91 8.36
C ILE A 41 -2.43 4.49 9.60
N ASP A 42 -2.57 5.81 9.62
CA ASP A 42 -3.19 6.50 10.75
C ASP A 42 -4.48 5.81 11.17
N LYS A 43 -5.42 5.72 10.25
CA LYS A 43 -6.70 5.07 10.52
C LYS A 43 -6.50 3.68 11.09
N TRP A 44 -5.62 2.91 10.46
CA TRP A 44 -5.33 1.55 10.91
C TRP A 44 -4.59 1.56 12.25
N SER A 45 -5.31 1.20 13.31
CA SER A 45 -4.74 1.18 14.65
C SER A 45 -3.27 0.74 14.60
N ASP A 46 -2.44 1.41 15.39
CA ASP A 46 -1.01 1.09 15.44
C ASP A 46 -0.72 0.13 16.59
N ARG A 47 -1.59 -0.84 16.78
CA ARG A 47 -1.42 -1.83 17.85
C ARG A 47 -0.51 -2.97 17.40
N HIS A 48 -0.59 -3.31 16.12
CA HIS A 48 0.23 -4.37 15.56
C HIS A 48 1.29 -3.81 14.62
N ARG A 49 2.32 -4.62 14.35
CA ARG A 49 3.41 -4.20 13.46
C ARG A 49 3.48 -5.10 12.24
N ASN A 50 2.38 -5.79 11.95
CA ASN A 50 2.33 -6.69 10.80
C ASN A 50 1.69 -6.00 9.60
N CYS A 51 1.64 -6.70 8.47
CA CYS A 51 1.07 -6.17 7.25
C CYS A 51 -0.35 -6.70 7.04
N PRO A 52 -1.30 -5.79 6.79
CA PRO A 52 -2.70 -6.14 6.56
C PRO A 52 -2.91 -6.86 5.23
N ILE A 53 -2.39 -6.28 4.16
CA ILE A 53 -2.53 -6.86 2.83
C ILE A 53 -2.09 -8.32 2.83
N CYS A 54 -1.13 -8.65 3.68
CA CYS A 54 -0.63 -10.02 3.78
C CYS A 54 -1.47 -10.83 4.77
N ARG A 55 -1.61 -10.31 5.98
CA ARG A 55 -2.39 -10.99 7.02
C ARG A 55 -3.67 -11.58 6.44
N LEU A 56 -4.23 -10.90 5.45
CA LEU A 56 -5.46 -11.35 4.81
C LEU A 56 -5.24 -12.64 4.05
N GLN A 57 -4.24 -12.65 3.17
CA GLN A 57 -3.92 -13.83 2.39
C GLN A 57 -4.08 -15.10 3.21
N MET A 58 -3.66 -15.04 4.47
CA MET A 58 -3.76 -16.19 5.37
C MET A 58 -5.22 -16.60 5.55
N THR A 59 -5.55 -17.80 5.08
CA THR A 59 -6.91 -18.31 5.19
C THR A 59 -7.22 -18.76 6.61
N GLY A 60 -6.42 -19.70 7.12
CA GLY A 60 -6.62 -20.19 8.47
C GLY A 60 -6.04 -19.27 9.52
N ALA A 61 -6.63 -19.29 10.71
CA ALA A 61 -6.17 -18.45 11.81
C ALA A 61 -5.85 -19.28 13.04
N ASN A 62 -4.74 -18.95 13.70
CA ASN A 62 -4.31 -19.67 14.90
C ASN A 62 -5.27 -19.41 16.04
N GLU A 63 -5.27 -20.32 17.03
CA GLU A 63 -6.14 -20.19 18.19
C GLU A 63 -5.44 -20.69 19.45
N SER A 64 -5.71 -20.03 20.58
CA SER A 64 -5.11 -20.40 21.85
C SER A 64 -6.19 -20.72 22.89
N SER A 65 -7.23 -21.41 22.46
CA SER A 65 -8.33 -21.77 23.35
C SER A 65 -7.80 -22.14 24.74
N GLY A 66 -6.73 -22.92 24.77
CA GLY A 66 -6.16 -23.33 26.04
C GLY A 66 -6.64 -24.69 26.49
N PRO A 67 -6.09 -25.75 25.88
CA PRO A 67 -6.46 -27.13 26.21
C PRO A 67 -5.98 -27.55 27.60
N SER A 68 -5.33 -26.63 28.30
CA SER A 68 -4.82 -26.89 29.64
C SER A 68 -5.94 -26.87 30.66
N SER A 69 -5.62 -27.25 31.90
CA SER A 69 -6.60 -27.28 32.98
C SER A 69 -7.77 -28.19 32.62
N GLY A 70 -7.44 -29.35 32.04
CA GLY A 70 -8.47 -30.30 31.67
C GLY A 70 -9.47 -30.56 32.79
N GLY A 1 21.69 26.65 -4.85
CA GLY A 1 22.47 27.37 -5.85
C GLY A 1 21.99 28.79 -6.03
N SER A 2 22.67 29.54 -6.90
CA SER A 2 22.31 30.92 -7.16
C SER A 2 22.29 31.21 -8.66
N SER A 3 21.73 30.27 -9.43
CA SER A 3 21.65 30.42 -10.87
C SER A 3 20.38 31.15 -11.28
N GLY A 4 20.22 31.38 -12.59
CA GLY A 4 19.04 32.07 -13.08
C GLY A 4 17.94 31.11 -13.49
N SER A 5 17.60 30.19 -12.59
CA SER A 5 16.56 29.21 -12.87
C SER A 5 16.27 28.35 -11.64
N SER A 6 15.08 28.54 -11.07
CA SER A 6 14.68 27.79 -9.87
C SER A 6 13.27 27.23 -10.04
N GLY A 7 13.15 25.91 -9.88
CA GLY A 7 11.86 25.26 -10.01
C GLY A 7 11.94 23.75 -9.85
N ARG A 8 12.45 23.31 -8.70
CA ARG A 8 12.59 21.89 -8.44
C ARG A 8 12.48 21.61 -6.94
N VAL A 9 12.06 20.40 -6.59
CA VAL A 9 11.91 20.01 -5.19
C VAL A 9 13.28 19.77 -4.55
N LYS A 10 13.33 19.89 -3.23
CA LYS A 10 14.57 19.69 -2.49
C LYS A 10 14.87 18.20 -2.32
N GLN A 11 15.65 17.65 -3.24
CA GLN A 11 16.00 16.24 -3.19
C GLN A 11 14.86 15.41 -2.63
N LEU A 12 13.65 15.70 -3.07
CA LEU A 12 12.46 14.98 -2.61
C LEU A 12 11.59 14.55 -3.79
N THR A 13 12.01 13.49 -4.47
CA THR A 13 11.28 12.97 -5.62
C THR A 13 10.83 11.54 -5.38
N ASP A 14 9.68 11.38 -4.76
CA ASP A 14 9.13 10.06 -4.47
C ASP A 14 8.21 9.60 -5.59
N GLU A 15 8.45 8.39 -6.09
CA GLU A 15 7.63 7.83 -7.17
C GLU A 15 6.84 6.63 -6.68
N GLU A 16 6.48 6.64 -5.40
CA GLU A 16 5.71 5.55 -4.81
C GLU A 16 4.27 5.97 -4.55
N GLU A 17 3.38 5.00 -4.45
CA GLU A 17 1.97 5.27 -4.22
C GLU A 17 1.35 4.19 -3.32
N CYS A 18 0.55 4.63 -2.35
CA CYS A 18 -0.10 3.71 -1.43
C CYS A 18 -0.78 2.57 -2.18
N CYS A 19 -0.95 1.44 -1.50
CA CYS A 19 -1.58 0.27 -2.10
C CYS A 19 -2.99 0.08 -1.56
N ILE A 20 -3.19 0.42 -0.29
CA ILE A 20 -4.49 0.28 0.34
C ILE A 20 -5.53 1.16 -0.35
N CYS A 21 -5.18 2.43 -0.56
CA CYS A 21 -6.08 3.37 -1.20
C CYS A 21 -5.50 3.87 -2.52
N MET A 22 -4.19 4.06 -2.55
CA MET A 22 -3.50 4.53 -3.75
C MET A 22 -3.92 5.95 -4.10
N ASP A 23 -3.96 6.82 -3.10
CA ASP A 23 -4.35 8.20 -3.30
C ASP A 23 -3.30 8.95 -4.10
N GLY A 24 -2.16 9.23 -3.48
CA GLY A 24 -1.10 9.93 -4.15
C GLY A 24 0.26 9.27 -3.96
N ARG A 25 0.84 9.45 -2.78
CA ARG A 25 2.13 8.86 -2.47
C ARG A 25 2.08 8.04 -1.19
N ALA A 26 3.10 7.24 -0.95
CA ALA A 26 3.16 6.41 0.24
C ALA A 26 4.13 6.99 1.27
N ASP A 27 3.85 6.74 2.55
CA ASP A 27 4.69 7.24 3.63
C ASP A 27 5.82 6.25 3.93
N LEU A 28 5.55 4.97 3.70
CA LEU A 28 6.55 3.93 3.95
C LEU A 28 6.32 2.73 3.03
N ILE A 29 7.28 1.81 3.04
CA ILE A 29 7.18 0.61 2.21
C ILE A 29 7.63 -0.63 2.98
N LEU A 30 6.81 -1.67 2.93
CA LEU A 30 7.13 -2.92 3.62
C LEU A 30 8.05 -3.79 2.78
N PRO A 31 8.78 -4.70 3.44
CA PRO A 31 9.71 -5.60 2.76
C PRO A 31 8.99 -6.67 1.94
N CYS A 32 7.67 -6.58 1.90
CA CYS A 32 6.85 -7.52 1.15
C CYS A 32 6.23 -6.86 -0.07
N ALA A 33 6.80 -5.73 -0.47
CA ALA A 33 6.30 -4.99 -1.64
C ALA A 33 4.90 -4.44 -1.38
N HIS A 34 4.77 -3.68 -0.29
CA HIS A 34 3.49 -3.09 0.08
C HIS A 34 3.68 -1.69 0.67
N SER A 35 3.12 -0.69 0.00
CA SER A 35 3.24 0.69 0.48
C SER A 35 1.95 1.15 1.14
N PHE A 36 2.06 2.16 2.00
CA PHE A 36 0.90 2.70 2.70
C PHE A 36 1.11 4.17 3.04
N CYS A 37 0.04 4.96 2.87
CA CYS A 37 0.10 6.38 3.16
C CYS A 37 -0.37 6.68 4.58
N GLN A 38 0.10 7.78 5.14
CA GLN A 38 -0.28 8.18 6.49
C GLN A 38 -1.79 8.05 6.70
N LYS A 39 -2.56 8.60 5.77
CA LYS A 39 -4.01 8.54 5.85
C LYS A 39 -4.48 7.13 6.22
N CYS A 40 -3.91 6.13 5.55
CA CYS A 40 -4.27 4.74 5.81
C CYS A 40 -3.61 4.24 7.08
N ILE A 41 -2.29 4.09 7.04
CA ILE A 41 -1.53 3.62 8.19
C ILE A 41 -2.05 4.24 9.49
N ASP A 42 -2.57 5.45 9.38
CA ASP A 42 -3.12 6.16 10.54
C ASP A 42 -4.50 5.63 10.90
N LYS A 43 -5.34 5.44 9.89
CA LYS A 43 -6.69 4.94 10.10
C LYS A 43 -6.66 3.59 10.81
N TRP A 44 -5.98 2.62 10.22
CA TRP A 44 -5.87 1.29 10.80
C TRP A 44 -4.64 1.18 11.69
N SER A 45 -4.85 0.77 12.94
CA SER A 45 -3.76 0.62 13.90
C SER A 45 -3.81 -0.75 14.56
N ASP A 46 -2.86 -1.61 14.20
CA ASP A 46 -2.79 -2.95 14.76
C ASP A 46 -1.71 -3.03 15.84
N ARG A 47 -2.07 -3.54 17.01
CA ARG A 47 -1.14 -3.67 18.11
C ARG A 47 0.23 -4.12 17.61
N HIS A 48 0.23 -5.11 16.71
CA HIS A 48 1.48 -5.63 16.16
C HIS A 48 1.85 -4.88 14.88
N ARG A 49 3.12 -5.01 14.48
CA ARG A 49 3.60 -4.34 13.28
C ARG A 49 3.50 -5.26 12.07
N ASN A 50 2.47 -6.11 12.06
CA ASN A 50 2.26 -7.04 10.96
C ASN A 50 1.64 -6.33 9.75
N CYS A 51 1.76 -6.94 8.59
CA CYS A 51 1.22 -6.37 7.36
C CYS A 51 -0.28 -6.65 7.25
N PRO A 52 -1.05 -5.59 6.96
CA PRO A 52 -2.51 -5.70 6.81
C PRO A 52 -2.91 -6.47 5.56
N ILE A 53 -2.34 -6.09 4.42
CA ILE A 53 -2.64 -6.75 3.16
C ILE A 53 -2.36 -8.24 3.23
N CYS A 54 -1.09 -8.58 3.46
CA CYS A 54 -0.68 -9.98 3.56
C CYS A 54 -1.62 -10.76 4.46
N ARG A 55 -2.01 -10.15 5.57
CA ARG A 55 -2.91 -10.78 6.53
C ARG A 55 -4.15 -11.32 5.83
N LEU A 56 -4.75 -10.49 4.99
CA LEU A 56 -5.95 -10.88 4.25
C LEU A 56 -5.64 -11.99 3.25
N GLN A 57 -4.52 -11.85 2.54
CA GLN A 57 -4.11 -12.83 1.56
C GLN A 57 -3.18 -13.87 2.18
N MET A 58 -3.76 -14.92 2.75
CA MET A 58 -2.98 -15.97 3.38
C MET A 58 -2.44 -16.95 2.33
N THR A 59 -3.33 -17.38 1.43
CA THR A 59 -2.94 -18.32 0.38
C THR A 59 -1.56 -17.99 -0.17
N GLY A 60 -0.92 -18.99 -0.76
CA GLY A 60 0.41 -18.78 -1.32
C GLY A 60 1.47 -18.59 -0.26
N ALA A 61 2.47 -17.77 -0.57
CA ALA A 61 3.55 -17.49 0.38
C ALA A 61 4.35 -16.27 -0.06
N ASN A 62 5.25 -15.82 0.82
CA ASN A 62 6.08 -14.66 0.53
C ASN A 62 7.21 -15.02 -0.43
N GLU A 63 8.04 -15.98 -0.03
CA GLU A 63 9.16 -16.42 -0.85
C GLU A 63 8.75 -16.49 -2.32
N SER A 64 9.74 -16.35 -3.21
CA SER A 64 9.49 -16.40 -4.64
C SER A 64 8.63 -17.60 -5.00
N SER A 65 7.51 -17.35 -5.67
CA SER A 65 6.60 -18.42 -6.08
C SER A 65 7.22 -19.28 -7.18
N GLY A 66 7.04 -20.59 -7.06
CA GLY A 66 7.60 -21.50 -8.05
C GLY A 66 8.67 -22.39 -7.47
N PRO A 67 8.92 -23.54 -8.12
CA PRO A 67 9.93 -24.51 -7.69
C PRO A 67 11.34 -23.99 -7.88
N SER A 68 12.04 -23.73 -6.77
CA SER A 68 13.41 -23.23 -6.82
C SER A 68 14.26 -24.08 -7.75
N SER A 69 14.31 -25.38 -7.47
CA SER A 69 15.10 -26.31 -8.27
C SER A 69 16.59 -26.05 -8.09
N GLY A 70 17.00 -25.81 -6.85
CA GLY A 70 18.40 -25.56 -6.55
C GLY A 70 18.92 -26.42 -5.42
N GLY A 1 -19.47 29.54 -12.05
CA GLY A 1 -18.12 30.02 -12.33
C GLY A 1 -17.07 28.98 -12.00
N SER A 2 -15.81 29.35 -12.19
CA SER A 2 -14.69 28.44 -11.91
C SER A 2 -13.41 29.22 -11.65
N SER A 3 -12.74 28.89 -10.55
CA SER A 3 -11.50 29.56 -10.19
C SER A 3 -10.38 28.55 -9.97
N GLY A 4 -9.15 28.99 -10.20
CA GLY A 4 -8.00 28.11 -10.03
C GLY A 4 -7.71 27.80 -8.58
N SER A 5 -7.48 26.52 -8.28
CA SER A 5 -7.20 26.10 -6.91
C SER A 5 -5.76 25.61 -6.78
N SER A 6 -5.16 25.87 -5.63
CA SER A 6 -3.79 25.46 -5.38
C SER A 6 -3.64 24.88 -3.97
N GLY A 7 -2.89 23.79 -3.85
CA GLY A 7 -2.68 23.16 -2.57
C GLY A 7 -2.53 21.66 -2.67
N ARG A 8 -1.57 21.22 -3.47
CA ARG A 8 -1.33 19.79 -3.66
C ARG A 8 -0.15 19.32 -2.82
N VAL A 9 -0.43 18.87 -1.61
CA VAL A 9 0.61 18.39 -0.70
C VAL A 9 1.13 17.03 -1.13
N LYS A 10 2.45 16.94 -1.33
CA LYS A 10 3.07 15.68 -1.74
C LYS A 10 4.35 15.43 -0.96
N GLN A 11 4.42 14.27 -0.31
CA GLN A 11 5.61 13.91 0.47
C GLN A 11 6.25 12.63 -0.07
N LEU A 12 7.53 12.72 -0.39
CA LEU A 12 8.26 11.57 -0.91
C LEU A 12 7.40 10.79 -1.91
N THR A 13 6.68 11.50 -2.75
CA THR A 13 5.82 10.88 -3.74
C THR A 13 6.62 10.48 -5.00
N ASP A 14 7.78 9.88 -4.77
CA ASP A 14 8.64 9.45 -5.87
C ASP A 14 8.70 7.93 -5.95
N GLU A 15 8.63 7.40 -7.17
CA GLU A 15 8.66 5.96 -7.38
C GLU A 15 8.00 5.22 -6.22
N GLU A 16 6.96 5.83 -5.67
CA GLU A 16 6.24 5.23 -4.54
C GLU A 16 4.78 5.68 -4.54
N GLU A 17 3.91 4.85 -3.95
CA GLU A 17 2.49 5.17 -3.88
C GLU A 17 1.74 4.11 -3.06
N CYS A 18 0.84 4.57 -2.21
CA CYS A 18 0.07 3.69 -1.36
C CYS A 18 -0.51 2.53 -2.18
N CYS A 19 -0.89 1.45 -1.48
CA CYS A 19 -1.46 0.29 -2.14
C CYS A 19 -2.93 0.10 -1.76
N ILE A 20 -3.27 0.50 -0.55
CA ILE A 20 -4.64 0.38 -0.06
C ILE A 20 -5.58 1.30 -0.84
N CYS A 21 -5.33 2.59 -0.76
CA CYS A 21 -6.15 3.58 -1.45
C CYS A 21 -5.47 4.07 -2.72
N MET A 22 -4.25 3.59 -2.95
CA MET A 22 -3.48 3.97 -4.14
C MET A 22 -3.75 5.42 -4.51
N ASP A 23 -3.58 6.32 -3.54
CA ASP A 23 -3.80 7.75 -3.77
C ASP A 23 -2.69 8.33 -4.63
N GLY A 24 -1.45 8.11 -4.21
CA GLY A 24 -0.31 8.64 -4.96
C GLY A 24 0.94 8.74 -4.10
N ARG A 25 0.76 9.14 -2.85
CA ARG A 25 1.88 9.29 -1.92
C ARG A 25 1.95 8.10 -0.97
N ALA A 26 3.17 7.75 -0.57
CA ALA A 26 3.38 6.64 0.35
C ALA A 26 4.23 7.06 1.54
N ASP A 27 3.70 6.86 2.74
CA ASP A 27 4.41 7.22 3.96
C ASP A 27 5.51 6.21 4.27
N LEU A 28 5.22 4.93 4.03
CA LEU A 28 6.19 3.87 4.29
C LEU A 28 5.98 2.71 3.32
N ILE A 29 7.05 1.94 3.09
CA ILE A 29 6.99 0.80 2.19
C ILE A 29 7.42 -0.48 2.90
N LEU A 30 6.72 -1.58 2.62
CA LEU A 30 7.03 -2.86 3.22
C LEU A 30 7.86 -3.73 2.27
N PRO A 31 8.60 -4.69 2.84
CA PRO A 31 9.44 -5.60 2.06
C PRO A 31 8.62 -6.58 1.23
N CYS A 32 7.30 -6.47 1.31
CA CYS A 32 6.40 -7.34 0.57
C CYS A 32 5.62 -6.55 -0.48
N ALA A 33 6.14 -5.39 -0.85
CA ALA A 33 5.49 -4.54 -1.85
C ALA A 33 4.15 -4.03 -1.34
N HIS A 34 4.16 -3.40 -0.17
CA HIS A 34 2.94 -2.86 0.42
C HIS A 34 3.22 -1.55 1.15
N SER A 35 2.74 -0.45 0.57
CA SER A 35 2.94 0.87 1.15
C SER A 35 1.67 1.36 1.83
N PHE A 36 1.81 2.40 2.65
CA PHE A 36 0.66 2.97 3.36
C PHE A 36 0.84 4.48 3.53
N CYS A 37 -0.07 5.24 2.92
CA CYS A 37 -0.02 6.70 3.01
C CYS A 37 -0.42 7.17 4.41
N GLN A 38 0.15 8.29 4.83
CA GLN A 38 -0.14 8.85 6.15
C GLN A 38 -1.59 8.57 6.54
N LYS A 39 -2.51 8.89 5.63
CA LYS A 39 -3.93 8.67 5.89
C LYS A 39 -4.20 7.23 6.32
N CYS A 40 -3.71 6.29 5.52
CA CYS A 40 -3.89 4.88 5.82
C CYS A 40 -3.19 4.49 7.12
N ILE A 41 -1.99 5.02 7.32
CA ILE A 41 -1.22 4.74 8.52
C ILE A 41 -2.08 4.88 9.78
N ASP A 42 -2.78 6.01 9.88
CA ASP A 42 -3.65 6.27 11.03
C ASP A 42 -4.68 5.16 11.19
N LYS A 43 -5.48 4.97 10.15
CA LYS A 43 -6.52 3.94 10.16
C LYS A 43 -6.06 2.71 10.95
N TRP A 44 -4.94 2.14 10.53
CA TRP A 44 -4.38 0.97 11.18
C TRP A 44 -3.83 1.32 12.56
N SER A 45 -4.69 1.24 13.58
CA SER A 45 -4.29 1.55 14.94
C SER A 45 -3.38 0.47 15.50
N ASP A 46 -3.61 -0.78 15.09
CA ASP A 46 -2.81 -1.90 15.55
C ASP A 46 -1.61 -2.12 14.64
N ARG A 47 -0.85 -1.06 14.40
CA ARG A 47 0.32 -1.13 13.55
C ARG A 47 1.42 -1.98 14.20
N HIS A 48 1.97 -2.92 13.43
CA HIS A 48 3.01 -3.79 13.93
C HIS A 48 3.82 -4.38 12.78
N ARG A 49 4.98 -4.95 13.10
CA ARG A 49 5.84 -5.55 12.09
C ARG A 49 5.01 -6.29 11.04
N ASN A 50 4.13 -7.17 11.50
CA ASN A 50 3.28 -7.94 10.59
C ASN A 50 2.63 -7.03 9.56
N CYS A 51 2.22 -7.62 8.44
CA CYS A 51 1.58 -6.86 7.36
C CYS A 51 0.07 -7.12 7.34
N PRO A 52 -0.71 -6.05 7.22
CA PRO A 52 -2.17 -6.13 7.18
C PRO A 52 -2.68 -6.77 5.89
N ILE A 53 -2.04 -6.42 4.78
CA ILE A 53 -2.43 -6.96 3.48
C ILE A 53 -2.17 -8.46 3.41
N CYS A 54 -0.90 -8.84 3.44
CA CYS A 54 -0.52 -10.25 3.38
C CYS A 54 -1.46 -11.10 4.23
N ARG A 55 -1.72 -10.64 5.45
CA ARG A 55 -2.60 -11.36 6.36
C ARG A 55 -3.79 -11.96 5.62
N LEU A 56 -4.33 -11.20 4.67
CA LEU A 56 -5.47 -11.66 3.89
C LEU A 56 -5.03 -12.64 2.80
N GLN A 57 -4.06 -12.21 1.99
CA GLN A 57 -3.55 -13.05 0.91
C GLN A 57 -3.55 -14.52 1.32
N MET A 58 -4.51 -15.26 0.79
CA MET A 58 -4.63 -16.68 1.09
C MET A 58 -3.26 -17.37 1.03
N THR A 59 -3.17 -18.55 1.64
CA THR A 59 -1.91 -19.30 1.67
C THR A 59 -0.88 -18.61 2.55
N GLY A 60 -1.30 -18.19 3.74
CA GLY A 60 -0.40 -17.53 4.66
C GLY A 60 -0.61 -17.96 6.09
N ALA A 61 -1.87 -18.00 6.52
CA ALA A 61 -2.21 -18.39 7.88
C ALA A 61 -3.37 -19.37 7.89
N ASN A 62 -3.38 -20.27 8.88
CA ASN A 62 -4.43 -21.27 9.00
C ASN A 62 -5.58 -20.74 9.85
N GLU A 63 -6.55 -20.09 9.20
CA GLU A 63 -7.70 -19.54 9.90
C GLU A 63 -8.82 -20.57 10.00
N SER A 64 -8.44 -21.82 10.30
CA SER A 64 -9.41 -22.90 10.41
C SER A 64 -10.39 -22.89 9.24
N SER A 65 -9.85 -22.75 8.04
CA SER A 65 -10.67 -22.72 6.84
C SER A 65 -10.88 -24.13 6.28
N GLY A 66 -12.14 -24.54 6.17
CA GLY A 66 -12.45 -25.85 5.66
C GLY A 66 -13.94 -26.16 5.68
N PRO A 67 -14.38 -26.86 6.73
CA PRO A 67 -15.80 -27.23 6.89
C PRO A 67 -16.67 -26.03 7.20
N SER A 68 -16.06 -24.97 7.71
CA SER A 68 -16.79 -23.75 8.05
C SER A 68 -17.93 -23.51 7.06
N SER A 69 -19.16 -23.70 7.52
CA SER A 69 -20.33 -23.49 6.68
C SER A 69 -20.94 -22.12 6.92
N GLY A 70 -20.49 -21.13 6.14
CA GLY A 70 -21.00 -19.79 6.28
C GLY A 70 -21.91 -19.38 5.14
N GLY A 1 -0.56 16.41 -33.32
CA GLY A 1 -1.55 17.00 -32.44
C GLY A 1 -2.70 17.63 -33.21
N SER A 2 -3.02 18.88 -32.87
CA SER A 2 -4.12 19.59 -33.53
C SER A 2 -3.67 20.99 -33.93
N SER A 3 -4.39 21.59 -34.88
CA SER A 3 -4.08 22.93 -35.34
C SER A 3 -4.96 23.97 -34.66
N GLY A 4 -4.43 25.18 -34.49
CA GLY A 4 -5.17 26.23 -33.84
C GLY A 4 -5.73 25.81 -32.50
N SER A 5 -4.91 25.11 -31.72
CA SER A 5 -5.33 24.65 -30.39
C SER A 5 -4.14 24.55 -29.45
N SER A 6 -4.43 24.46 -28.15
CA SER A 6 -3.38 24.38 -27.14
C SER A 6 -3.17 22.93 -26.70
N GLY A 7 -4.27 22.23 -26.45
CA GLY A 7 -4.18 20.84 -26.03
C GLY A 7 -3.33 20.66 -24.80
N ARG A 8 -3.66 21.38 -23.72
CA ARG A 8 -2.91 21.30 -22.48
C ARG A 8 -3.19 19.98 -21.77
N VAL A 9 -2.13 19.23 -21.51
CA VAL A 9 -2.25 17.94 -20.83
C VAL A 9 -1.58 17.98 -19.46
N LYS A 10 -2.26 17.40 -18.47
CA LYS A 10 -1.74 17.37 -17.10
C LYS A 10 -1.63 15.93 -16.60
N GLN A 11 -0.41 15.52 -16.26
CA GLN A 11 -0.17 14.17 -15.75
C GLN A 11 1.05 14.13 -14.86
N LEU A 12 0.92 13.44 -13.72
CA LEU A 12 2.02 13.33 -12.77
C LEU A 12 2.31 11.87 -12.46
N THR A 13 3.48 11.61 -11.86
CA THR A 13 3.88 10.25 -11.51
C THR A 13 4.93 10.27 -10.40
N ASP A 14 4.61 9.62 -9.29
CA ASP A 14 5.53 9.55 -8.16
C ASP A 14 5.99 8.12 -7.91
N GLU A 15 7.29 7.94 -7.68
CA GLU A 15 7.86 6.62 -7.43
C GLU A 15 7.07 5.89 -6.35
N GLU A 16 6.91 6.54 -5.20
CA GLU A 16 6.18 5.95 -4.08
C GLU A 16 4.69 6.22 -4.20
N GLU A 17 3.88 5.31 -3.67
CA GLU A 17 2.43 5.46 -3.72
C GLU A 17 1.74 4.36 -2.90
N CYS A 18 0.72 4.73 -2.16
CA CYS A 18 -0.03 3.79 -1.33
C CYS A 18 -0.49 2.60 -2.16
N CYS A 19 -0.85 1.51 -1.49
CA CYS A 19 -1.31 0.30 -2.15
C CYS A 19 -2.80 0.10 -1.93
N ILE A 20 -3.28 0.47 -0.75
CA ILE A 20 -4.69 0.33 -0.41
C ILE A 20 -5.55 1.28 -1.23
N CYS A 21 -5.44 2.58 -0.94
CA CYS A 21 -6.21 3.59 -1.65
C CYS A 21 -5.50 4.00 -2.93
N MET A 22 -4.19 4.19 -2.85
CA MET A 22 -3.40 4.60 -4.01
C MET A 22 -3.79 6.00 -4.48
N ASP A 23 -3.99 6.90 -3.53
CA ASP A 23 -4.38 8.27 -3.86
C ASP A 23 -3.17 9.08 -4.32
N GLY A 24 -2.12 9.06 -3.51
CA GLY A 24 -0.91 9.80 -3.85
C GLY A 24 0.35 9.03 -3.51
N ARG A 25 1.32 9.73 -2.92
CA ARG A 25 2.58 9.11 -2.55
C ARG A 25 2.40 8.20 -1.34
N ALA A 26 3.42 7.38 -1.06
CA ALA A 26 3.37 6.46 0.07
C ALA A 26 4.23 6.96 1.22
N ASP A 27 3.71 6.83 2.44
CA ASP A 27 4.43 7.26 3.63
C ASP A 27 5.56 6.30 3.96
N LEU A 28 5.34 5.02 3.68
CA LEU A 28 6.35 4.00 3.96
C LEU A 28 6.18 2.81 3.01
N ILE A 29 7.19 1.94 2.98
CA ILE A 29 7.15 0.76 2.13
C ILE A 29 7.55 -0.48 2.90
N LEU A 30 6.82 -1.58 2.69
CA LEU A 30 7.10 -2.84 3.36
C LEU A 30 8.00 -3.73 2.51
N PRO A 31 8.73 -4.64 3.16
CA PRO A 31 9.62 -5.58 2.48
C PRO A 31 8.87 -6.61 1.66
N CYS A 32 7.54 -6.50 1.64
CA CYS A 32 6.71 -7.44 0.89
C CYS A 32 5.97 -6.72 -0.23
N ALA A 33 6.52 -5.59 -0.68
CA ALA A 33 5.91 -4.81 -1.75
C ALA A 33 4.54 -4.30 -1.34
N HIS A 34 4.47 -3.71 -0.15
CA HIS A 34 3.20 -3.18 0.35
C HIS A 34 3.42 -1.84 1.05
N SER A 35 2.96 -0.77 0.41
CA SER A 35 3.12 0.57 0.95
C SER A 35 1.77 1.12 1.44
N PHE A 36 1.83 2.14 2.29
CA PHE A 36 0.62 2.74 2.84
C PHE A 36 0.84 4.22 3.12
N CYS A 37 -0.15 5.05 2.77
CA CYS A 37 -0.07 6.49 3.00
C CYS A 37 -0.33 6.82 4.46
N GLN A 38 0.00 8.05 4.84
CA GLN A 38 -0.20 8.51 6.21
C GLN A 38 -1.64 8.27 6.65
N LYS A 39 -2.59 8.58 5.76
CA LYS A 39 -4.00 8.42 6.05
C LYS A 39 -4.31 6.98 6.46
N CYS A 40 -4.20 6.06 5.50
CA CYS A 40 -4.46 4.65 5.75
C CYS A 40 -3.75 4.19 7.03
N ILE A 41 -2.44 4.36 7.06
CA ILE A 41 -1.64 3.97 8.22
C ILE A 41 -2.24 4.51 9.51
N ASP A 42 -2.48 5.82 9.54
CA ASP A 42 -3.05 6.47 10.71
C ASP A 42 -4.20 5.64 11.28
N LYS A 43 -5.03 5.10 10.40
CA LYS A 43 -6.16 4.28 10.82
C LYS A 43 -5.74 2.83 11.03
N TRP A 44 -5.38 2.16 9.94
CA TRP A 44 -4.95 0.77 10.02
C TRP A 44 -3.94 0.57 11.13
N SER A 45 -2.80 1.25 11.03
CA SER A 45 -1.76 1.14 12.04
C SER A 45 -2.07 2.01 13.25
N ASP A 46 -3.20 1.72 13.89
CA ASP A 46 -3.62 2.47 15.07
C ASP A 46 -3.17 1.77 16.35
N ARG A 47 -3.36 0.45 16.40
CA ARG A 47 -2.98 -0.33 17.56
C ARG A 47 -1.72 -1.15 17.27
N HIS A 48 -1.76 -1.93 16.20
CA HIS A 48 -0.63 -2.76 15.82
C HIS A 48 0.06 -2.20 14.58
N ARG A 49 1.17 -2.83 14.19
CA ARG A 49 1.92 -2.39 13.03
C ARG A 49 2.22 -3.56 12.09
N ASN A 50 1.23 -4.43 11.93
CA ASN A 50 1.38 -5.60 11.06
C ASN A 50 0.76 -5.34 9.69
N CYS A 51 1.24 -6.07 8.68
CA CYS A 51 0.74 -5.92 7.32
C CYS A 51 -0.63 -6.58 7.17
N PRO A 52 -1.63 -5.76 6.85
CA PRO A 52 -3.01 -6.23 6.66
C PRO A 52 -3.17 -7.09 5.41
N ILE A 53 -2.65 -6.60 4.29
CA ILE A 53 -2.73 -7.32 3.03
C ILE A 53 -2.27 -8.77 3.19
N CYS A 54 -1.09 -8.94 3.79
CA CYS A 54 -0.53 -10.26 4.01
C CYS A 54 -1.34 -11.03 5.05
N ARG A 55 -1.67 -10.35 6.15
CA ARG A 55 -2.45 -10.96 7.22
C ARG A 55 -3.63 -11.75 6.67
N LEU A 56 -4.22 -11.23 5.60
CA LEU A 56 -5.36 -11.89 4.97
C LEU A 56 -5.05 -13.34 4.64
N GLN A 57 -3.84 -13.57 4.12
CA GLN A 57 -3.42 -14.93 3.77
C GLN A 57 -4.00 -15.95 4.74
N MET A 58 -4.92 -16.77 4.23
CA MET A 58 -5.56 -17.80 5.05
C MET A 58 -4.52 -18.75 5.62
N THR A 59 -4.84 -19.33 6.77
CA THR A 59 -3.93 -20.27 7.43
C THR A 59 -4.53 -21.67 7.50
N GLY A 60 -5.81 -21.78 7.15
CA GLY A 60 -6.48 -23.06 7.17
C GLY A 60 -7.93 -22.97 6.72
N ALA A 61 -8.28 -23.78 5.73
CA ALA A 61 -9.64 -23.80 5.20
C ALA A 61 -10.66 -24.02 6.32
N ASN A 62 -11.59 -23.07 6.46
CA ASN A 62 -12.62 -23.16 7.48
C ASN A 62 -14.00 -22.88 6.90
N GLU A 63 -15.04 -23.30 7.61
CA GLU A 63 -16.40 -23.09 7.16
C GLU A 63 -17.28 -22.57 8.30
N SER A 64 -18.24 -21.70 7.96
CA SER A 64 -19.13 -21.13 8.96
C SER A 64 -20.50 -21.79 8.90
N SER A 65 -21.18 -21.85 10.05
CA SER A 65 -22.50 -22.46 10.12
C SER A 65 -23.32 -22.14 8.87
N GLY A 66 -24.29 -23.00 8.58
CA GLY A 66 -25.13 -22.80 7.42
C GLY A 66 -25.77 -21.42 7.40
N PRO A 67 -26.56 -21.16 6.35
CA PRO A 67 -27.25 -19.87 6.19
C PRO A 67 -28.37 -19.67 7.21
N SER A 68 -28.42 -18.48 7.80
CA SER A 68 -29.44 -18.17 8.80
C SER A 68 -30.83 -18.52 8.28
N SER A 69 -31.76 -18.74 9.21
CA SER A 69 -33.13 -19.08 8.85
C SER A 69 -34.11 -18.07 9.41
N GLY A 70 -35.25 -17.92 8.73
CA GLY A 70 -36.26 -16.98 9.18
C GLY A 70 -37.42 -17.65 9.87
N GLY A 1 -26.39 9.21 -17.27
CA GLY A 1 -26.69 9.54 -15.89
C GLY A 1 -26.20 10.94 -15.53
N SER A 2 -24.95 11.03 -15.09
CA SER A 2 -24.36 12.30 -14.69
C SER A 2 -22.86 12.33 -14.98
N SER A 3 -22.40 13.44 -15.53
CA SER A 3 -20.98 13.60 -15.86
C SER A 3 -20.57 15.07 -15.83
N GLY A 4 -19.49 15.36 -15.11
CA GLY A 4 -19.01 16.73 -15.00
C GLY A 4 -17.54 16.85 -15.31
N SER A 5 -16.74 17.04 -14.26
CA SER A 5 -15.29 17.18 -14.41
C SER A 5 -14.66 15.85 -14.82
N SER A 6 -14.97 14.80 -14.08
CA SER A 6 -14.43 13.48 -14.36
C SER A 6 -13.00 13.57 -14.87
N GLY A 7 -12.24 14.50 -14.31
CA GLY A 7 -10.85 14.68 -14.72
C GLY A 7 -9.87 14.26 -13.65
N ARG A 8 -9.52 12.98 -13.64
CA ARG A 8 -8.58 12.46 -12.65
C ARG A 8 -7.14 12.57 -13.16
N VAL A 9 -6.45 13.62 -12.73
CA VAL A 9 -5.06 13.84 -13.14
C VAL A 9 -4.24 12.57 -12.97
N LYS A 10 -3.23 12.42 -13.83
CA LYS A 10 -2.36 11.25 -13.79
C LYS A 10 -0.92 11.65 -13.52
N GLN A 11 -0.63 12.04 -12.28
CA GLN A 11 0.71 12.45 -11.90
C GLN A 11 1.09 11.89 -10.53
N LEU A 12 2.32 11.39 -10.41
CA LEU A 12 2.80 10.83 -9.15
C LEU A 12 4.12 11.46 -8.74
N THR A 13 4.07 12.31 -7.72
CA THR A 13 5.26 12.99 -7.22
C THR A 13 6.30 11.99 -6.76
N ASP A 14 5.87 10.98 -6.00
CA ASP A 14 6.77 9.95 -5.50
C ASP A 14 6.79 8.74 -6.43
N GLU A 15 7.93 8.04 -6.46
CA GLU A 15 8.07 6.87 -7.31
C GLU A 15 7.02 5.82 -6.97
N GLU A 16 6.80 5.60 -5.67
CA GLU A 16 5.82 4.63 -5.22
C GLU A 16 4.54 5.31 -4.75
N GLU A 17 3.55 4.51 -4.38
CA GLU A 17 2.28 5.04 -3.91
C GLU A 17 1.53 4.01 -3.08
N CYS A 18 0.70 4.49 -2.16
CA CYS A 18 -0.08 3.60 -1.30
C CYS A 18 -0.70 2.47 -2.10
N CYS A 19 -1.11 1.41 -1.40
CA CYS A 19 -1.73 0.27 -2.05
C CYS A 19 -3.21 0.14 -1.68
N ILE A 20 -3.53 0.52 -0.44
CA ILE A 20 -4.90 0.46 0.04
C ILE A 20 -5.79 1.45 -0.71
N CYS A 21 -5.33 2.69 -0.80
CA CYS A 21 -6.07 3.74 -1.49
C CYS A 21 -5.33 4.21 -2.74
N MET A 22 -4.01 4.07 -2.72
CA MET A 22 -3.18 4.48 -3.85
C MET A 22 -3.45 5.94 -4.21
N ASP A 23 -3.51 6.80 -3.21
CA ASP A 23 -3.76 8.23 -3.43
C ASP A 23 -2.75 8.81 -4.41
N GLY A 24 -1.47 8.60 -4.13
CA GLY A 24 -0.43 9.12 -4.99
C GLY A 24 0.96 8.86 -4.43
N ARG A 25 1.13 9.07 -3.13
CA ARG A 25 2.41 8.88 -2.49
C ARG A 25 2.33 7.79 -1.43
N ALA A 26 3.47 7.41 -0.87
CA ALA A 26 3.52 6.37 0.15
C ALA A 26 4.47 6.76 1.28
N ASP A 27 3.91 7.01 2.46
CA ASP A 27 4.71 7.39 3.62
C ASP A 27 5.78 6.35 3.91
N LEU A 28 5.39 5.08 3.91
CA LEU A 28 6.32 3.99 4.18
C LEU A 28 6.12 2.85 3.19
N ILE A 29 7.08 1.93 3.14
CA ILE A 29 7.00 0.79 2.24
C ILE A 29 7.42 -0.49 2.93
N LEU A 30 6.79 -1.60 2.56
CA LEU A 30 7.10 -2.90 3.16
C LEU A 30 7.98 -3.73 2.21
N PRO A 31 8.72 -4.68 2.79
CA PRO A 31 9.60 -5.57 2.03
C PRO A 31 8.84 -6.56 1.17
N CYS A 32 7.51 -6.45 1.19
CA CYS A 32 6.65 -7.33 0.41
C CYS A 32 5.85 -6.54 -0.62
N ALA A 33 6.39 -5.40 -1.04
CA ALA A 33 5.72 -4.56 -2.03
C ALA A 33 4.36 -4.09 -1.52
N HIS A 34 4.36 -3.50 -0.32
CA HIS A 34 3.13 -3.00 0.28
C HIS A 34 3.38 -1.70 1.05
N SER A 35 2.83 -0.60 0.54
CA SER A 35 3.00 0.69 1.18
C SER A 35 1.69 1.17 1.79
N PHE A 36 1.79 2.09 2.74
CA PHE A 36 0.61 2.63 3.42
C PHE A 36 0.79 4.12 3.71
N CYS A 37 -0.03 4.94 3.07
CA CYS A 37 0.03 6.38 3.26
C CYS A 37 -0.40 6.77 4.68
N GLN A 38 0.07 7.93 5.14
CA GLN A 38 -0.26 8.41 6.47
C GLN A 38 -1.74 8.25 6.75
N LYS A 39 -2.56 8.78 5.85
CA LYS A 39 -4.02 8.71 6.00
C LYS A 39 -4.44 7.31 6.44
N CYS A 40 -4.12 6.31 5.63
CA CYS A 40 -4.47 4.92 5.93
C CYS A 40 -3.86 4.49 7.27
N ILE A 41 -2.54 4.50 7.34
CA ILE A 41 -1.84 4.12 8.55
C ILE A 41 -2.58 4.61 9.80
N ASP A 42 -2.90 5.89 9.81
CA ASP A 42 -3.62 6.49 10.93
C ASP A 42 -4.94 5.77 11.18
N LYS A 43 -5.77 5.70 10.16
CA LYS A 43 -7.06 5.04 10.27
C LYS A 43 -6.91 3.62 10.82
N TRP A 44 -6.03 2.84 10.19
CA TRP A 44 -5.79 1.47 10.62
C TRP A 44 -4.69 1.42 11.68
N SER A 45 -4.73 2.36 12.61
CA SER A 45 -3.73 2.42 13.68
C SER A 45 -3.36 1.02 14.15
N ASP A 46 -4.37 0.21 14.45
CA ASP A 46 -4.15 -1.15 14.91
C ASP A 46 -3.47 -1.99 13.83
N ARG A 47 -2.16 -2.14 13.95
CA ARG A 47 -1.39 -2.92 12.99
C ARG A 47 -0.16 -3.54 13.64
N HIS A 48 -0.13 -4.87 13.68
CA HIS A 48 0.98 -5.59 14.28
C HIS A 48 2.23 -5.50 13.40
N ARG A 49 3.37 -5.91 13.95
CA ARG A 49 4.63 -5.87 13.21
C ARG A 49 4.46 -6.48 11.83
N ASN A 50 3.67 -7.54 11.74
CA ASN A 50 3.43 -8.22 10.48
C ASN A 50 2.65 -7.32 9.52
N CYS A 51 2.62 -7.70 8.24
CA CYS A 51 1.91 -6.93 7.23
C CYS A 51 0.44 -7.31 7.19
N PRO A 52 -0.44 -6.30 7.13
CA PRO A 52 -1.89 -6.49 7.09
C PRO A 52 -2.35 -7.10 5.77
N ILE A 53 -1.93 -6.50 4.67
CA ILE A 53 -2.29 -6.98 3.34
C ILE A 53 -2.07 -8.49 3.22
N CYS A 54 -0.87 -8.93 3.58
CA CYS A 54 -0.53 -10.34 3.51
C CYS A 54 -1.34 -11.15 4.53
N ARG A 55 -1.67 -10.51 5.64
CA ARG A 55 -2.44 -11.16 6.70
C ARG A 55 -3.59 -11.98 6.10
N LEU A 56 -4.49 -11.30 5.40
CA LEU A 56 -5.64 -11.97 4.78
C LEU A 56 -5.19 -12.84 3.62
N GLN A 57 -4.07 -12.48 3.00
CA GLN A 57 -3.53 -13.23 1.87
C GLN A 57 -2.50 -14.25 2.33
N MET A 58 -2.97 -15.35 2.91
CA MET A 58 -2.07 -16.39 3.40
C MET A 58 -1.88 -17.47 2.34
N THR A 59 -2.07 -17.10 1.07
CA THR A 59 -1.92 -18.04 -0.03
C THR A 59 -0.44 -18.30 -0.32
N GLY A 60 -0.11 -19.56 -0.57
CA GLY A 60 1.27 -19.93 -0.86
C GLY A 60 1.86 -20.85 0.18
N ALA A 61 2.07 -20.34 1.38
CA ALA A 61 2.64 -21.12 2.46
C ALA A 61 4.02 -21.65 2.10
N ASN A 62 4.83 -20.80 1.50
CA ASN A 62 6.18 -21.17 1.10
C ASN A 62 6.93 -21.85 2.25
N GLU A 63 7.05 -21.13 3.36
CA GLU A 63 7.73 -21.66 4.54
C GLU A 63 6.80 -22.55 5.36
N SER A 64 7.20 -23.81 5.52
CA SER A 64 6.40 -24.77 6.28
C SER A 64 7.30 -25.68 7.10
N SER A 65 7.02 -25.74 8.41
CA SER A 65 7.81 -26.58 9.31
C SER A 65 6.92 -27.56 10.05
N GLY A 66 7.50 -28.66 10.52
CA GLY A 66 6.74 -29.66 11.24
C GLY A 66 7.61 -30.80 11.73
N PRO A 67 7.60 -31.03 13.05
CA PRO A 67 8.40 -32.09 13.68
C PRO A 67 7.87 -33.48 13.34
N SER A 68 8.76 -34.48 13.34
CA SER A 68 8.37 -35.85 13.03
C SER A 68 9.41 -36.83 13.55
N SER A 69 8.95 -37.99 14.00
CA SER A 69 9.84 -39.02 14.53
C SER A 69 10.86 -38.42 15.49
N GLY A 70 10.40 -37.51 16.34
CA GLY A 70 11.27 -36.86 17.30
C GLY A 70 12.09 -35.75 16.68
N GLY A 1 19.46 19.04 -41.36
CA GLY A 1 18.29 19.79 -40.91
C GLY A 1 17.22 18.88 -40.33
N SER A 2 17.10 18.87 -39.01
CA SER A 2 16.12 18.03 -38.34
C SER A 2 14.76 18.74 -38.27
N SER A 3 13.76 18.03 -37.77
CA SER A 3 12.41 18.59 -37.65
C SER A 3 11.82 18.30 -36.28
N GLY A 4 11.30 19.34 -35.63
CA GLY A 4 10.71 19.17 -34.32
C GLY A 4 11.73 18.78 -33.27
N SER A 5 11.74 19.50 -32.15
CA SER A 5 12.68 19.23 -31.07
C SER A 5 11.94 19.13 -29.73
N SER A 6 12.41 18.23 -28.87
CA SER A 6 11.81 18.03 -27.56
C SER A 6 12.87 17.93 -26.48
N GLY A 7 12.59 18.54 -25.32
CA GLY A 7 13.54 18.51 -24.22
C GLY A 7 12.87 18.68 -22.88
N ARG A 8 12.07 17.70 -22.49
CA ARG A 8 11.35 17.75 -21.21
C ARG A 8 12.22 17.19 -20.08
N VAL A 9 12.26 17.91 -18.97
CA VAL A 9 13.06 17.49 -17.82
C VAL A 9 12.24 16.59 -16.89
N LYS A 10 12.87 15.52 -16.42
CA LYS A 10 12.21 14.58 -15.53
C LYS A 10 11.67 15.28 -14.29
N GLN A 11 10.36 15.29 -14.13
CA GLN A 11 9.72 15.93 -12.99
C GLN A 11 9.28 14.89 -11.96
N LEU A 12 10.14 13.91 -11.70
CA LEU A 12 9.83 12.86 -10.74
C LEU A 12 9.73 13.42 -9.33
N THR A 13 8.51 13.41 -8.79
CA THR A 13 8.28 13.92 -7.44
C THR A 13 7.97 12.79 -6.47
N ASP A 14 7.05 11.91 -6.85
CA ASP A 14 6.67 10.78 -6.02
C ASP A 14 7.29 9.49 -6.53
N GLU A 15 7.96 8.76 -5.65
CA GLU A 15 8.60 7.50 -6.01
C GLU A 15 7.61 6.35 -5.97
N GLU A 16 6.95 6.18 -4.83
CA GLU A 16 5.96 5.12 -4.67
C GLU A 16 4.59 5.69 -4.33
N GLU A 17 3.59 4.82 -4.24
CA GLU A 17 2.23 5.23 -3.94
C GLU A 17 1.52 4.18 -3.11
N CYS A 18 0.73 4.63 -2.14
CA CYS A 18 -0.01 3.73 -1.26
C CYS A 18 -0.64 2.60 -2.07
N CYS A 19 -0.98 1.50 -1.39
CA CYS A 19 -1.59 0.36 -2.04
C CYS A 19 -3.08 0.31 -1.76
N ILE A 20 -3.46 0.58 -0.52
CA ILE A 20 -4.87 0.58 -0.12
C ILE A 20 -5.67 1.58 -0.93
N CYS A 21 -5.41 2.86 -0.71
CA CYS A 21 -6.12 3.92 -1.42
C CYS A 21 -5.39 4.28 -2.71
N MET A 22 -4.07 4.18 -2.69
CA MET A 22 -3.26 4.49 -3.86
C MET A 22 -3.79 5.73 -4.58
N ASP A 23 -4.22 6.71 -3.80
CA ASP A 23 -4.75 7.95 -4.36
C ASP A 23 -3.65 8.99 -4.54
N GLY A 24 -2.79 9.11 -3.53
CA GLY A 24 -1.70 10.06 -3.60
C GLY A 24 -0.35 9.40 -3.79
N ARG A 25 0.42 9.32 -2.71
CA ARG A 25 1.74 8.70 -2.77
C ARG A 25 1.94 7.73 -1.60
N ALA A 26 3.14 7.16 -1.51
CA ALA A 26 3.45 6.22 -0.45
C ALA A 26 4.31 6.87 0.63
N ASP A 27 3.89 6.75 1.89
CA ASP A 27 4.61 7.32 3.01
C ASP A 27 5.79 6.42 3.41
N LEU A 28 5.56 5.12 3.38
CA LEU A 28 6.59 4.15 3.75
C LEU A 28 6.45 2.87 2.92
N ILE A 29 7.48 2.04 2.98
CA ILE A 29 7.49 0.77 2.24
C ILE A 29 7.79 -0.40 3.16
N LEU A 30 7.16 -1.54 2.88
CA LEU A 30 7.37 -2.74 3.69
C LEU A 30 8.22 -3.76 2.94
N PRO A 31 8.84 -4.67 3.69
CA PRO A 31 9.71 -5.71 3.11
C PRO A 31 8.91 -6.75 2.32
N CYS A 32 7.60 -6.57 2.28
CA CYS A 32 6.72 -7.49 1.56
C CYS A 32 6.17 -6.84 0.29
N ALA A 33 6.81 -5.75 -0.14
CA ALA A 33 6.39 -5.04 -1.33
C ALA A 33 5.02 -4.40 -1.13
N HIS A 34 4.83 -3.76 0.01
CA HIS A 34 3.57 -3.10 0.32
C HIS A 34 3.81 -1.71 0.92
N SER A 35 3.12 -0.72 0.37
CA SER A 35 3.25 0.66 0.84
C SER A 35 1.96 1.15 1.49
N PHE A 36 2.08 2.17 2.33
CA PHE A 36 0.93 2.73 3.02
C PHE A 36 1.14 4.21 3.32
N CYS A 37 0.15 5.02 2.98
CA CYS A 37 0.23 6.47 3.22
C CYS A 37 -0.13 6.80 4.67
N GLN A 38 0.23 8.01 5.09
CA GLN A 38 -0.04 8.45 6.45
C GLN A 38 -1.50 8.22 6.81
N LYS A 39 -2.40 8.67 5.96
CA LYS A 39 -3.84 8.51 6.18
C LYS A 39 -4.16 7.06 6.57
N CYS A 40 -3.87 6.13 5.66
CA CYS A 40 -4.14 4.72 5.90
C CYS A 40 -3.50 4.27 7.22
N ILE A 41 -2.17 4.33 7.28
CA ILE A 41 -1.44 3.93 8.46
C ILE A 41 -2.11 4.46 9.73
N ASP A 42 -2.59 5.70 9.67
CA ASP A 42 -3.27 6.30 10.81
C ASP A 42 -4.51 5.51 11.21
N LYS A 43 -5.22 5.01 10.20
CA LYS A 43 -6.43 4.23 10.44
C LYS A 43 -6.09 2.85 10.99
N TRP A 44 -5.46 2.03 10.15
CA TRP A 44 -5.08 0.68 10.56
C TRP A 44 -3.85 0.71 11.45
N SER A 45 -3.47 -0.46 11.98
CA SER A 45 -2.31 -0.56 12.85
C SER A 45 -2.60 0.05 14.22
N ASP A 46 -3.77 -0.26 14.75
CA ASP A 46 -4.17 0.27 16.05
C ASP A 46 -4.08 -0.82 17.12
N ARG A 47 -4.46 -2.04 16.75
CA ARG A 47 -4.42 -3.17 17.68
C ARG A 47 -3.23 -4.07 17.38
N HIS A 48 -3.00 -4.33 16.09
CA HIS A 48 -1.90 -5.19 15.67
C HIS A 48 -0.87 -4.39 14.85
N ARG A 49 0.36 -4.87 14.84
CA ARG A 49 1.43 -4.21 14.09
C ARG A 49 1.96 -5.11 12.97
N ASN A 50 1.04 -5.80 12.30
CA ASN A 50 1.42 -6.69 11.20
C ASN A 50 0.75 -6.26 9.90
N CYS A 51 1.44 -6.49 8.79
CA CYS A 51 0.92 -6.13 7.48
C CYS A 51 -0.46 -6.76 7.25
N PRO A 52 -1.48 -5.91 7.12
CA PRO A 52 -2.86 -6.36 6.90
C PRO A 52 -3.06 -6.94 5.51
N ILE A 53 -2.48 -6.28 4.51
CA ILE A 53 -2.59 -6.75 3.13
C ILE A 53 -2.23 -8.22 3.01
N CYS A 54 -1.08 -8.59 3.57
CA CYS A 54 -0.62 -9.97 3.53
C CYS A 54 -1.66 -10.91 4.13
N ARG A 55 -2.34 -10.45 5.18
CA ARG A 55 -3.36 -11.25 5.84
C ARG A 55 -4.47 -11.62 4.87
N LEU A 56 -5.13 -10.61 4.31
CA LEU A 56 -6.21 -10.83 3.37
C LEU A 56 -5.72 -11.59 2.14
N GLN A 57 -4.48 -11.32 1.75
CA GLN A 57 -3.89 -11.98 0.58
C GLN A 57 -3.90 -13.50 0.75
N MET A 58 -4.79 -14.16 0.03
CA MET A 58 -4.90 -15.62 0.10
C MET A 58 -3.93 -16.28 -0.86
N THR A 59 -2.81 -16.76 -0.34
CA THR A 59 -1.79 -17.41 -1.15
C THR A 59 -1.68 -16.76 -2.52
N GLY A 60 -1.80 -15.44 -2.55
CA GLY A 60 -1.71 -14.71 -3.80
C GLY A 60 -0.37 -14.88 -4.48
N ALA A 61 0.38 -13.79 -4.59
CA ALA A 61 1.70 -13.82 -5.22
C ALA A 61 2.54 -12.63 -4.78
N ASN A 62 3.66 -12.92 -4.11
CA ASN A 62 4.56 -11.87 -3.63
C ASN A 62 6.01 -12.20 -3.96
N GLU A 63 6.51 -11.63 -5.05
CA GLU A 63 7.88 -11.87 -5.48
C GLU A 63 8.88 -11.48 -4.37
N SER A 64 9.91 -12.29 -4.20
CA SER A 64 10.92 -12.04 -3.18
C SER A 64 12.07 -11.22 -3.76
N SER A 65 12.65 -10.36 -2.92
CA SER A 65 13.76 -9.52 -3.34
C SER A 65 14.90 -10.36 -3.90
N GLY A 66 15.21 -11.46 -3.22
CA GLY A 66 16.28 -12.33 -3.66
C GLY A 66 17.56 -12.13 -2.87
N PRO A 67 18.70 -12.32 -3.53
CA PRO A 67 20.02 -12.16 -2.91
C PRO A 67 20.34 -10.70 -2.57
N SER A 68 20.17 -10.34 -1.30
CA SER A 68 20.43 -8.97 -0.86
C SER A 68 21.91 -8.79 -0.54
N SER A 69 22.36 -7.54 -0.54
CA SER A 69 23.75 -7.22 -0.26
C SER A 69 24.16 -7.76 1.11
N GLY A 70 23.41 -7.37 2.14
CA GLY A 70 23.71 -7.83 3.48
C GLY A 70 22.52 -7.69 4.42
N GLY A 1 17.08 27.27 -35.79
CA GLY A 1 16.28 28.46 -35.99
C GLY A 1 16.19 29.32 -34.74
N SER A 2 15.10 29.15 -34.00
CA SER A 2 14.87 29.92 -32.78
C SER A 2 15.33 29.13 -31.55
N SER A 3 15.29 29.77 -30.39
CA SER A 3 15.68 29.13 -29.14
C SER A 3 14.49 28.52 -28.42
N GLY A 4 14.34 27.21 -28.54
CA GLY A 4 13.24 26.53 -27.89
C GLY A 4 13.18 26.78 -26.40
N SER A 5 12.38 25.99 -25.70
CA SER A 5 12.24 26.14 -24.25
C SER A 5 12.39 24.79 -23.55
N SER A 6 12.82 24.83 -22.30
CA SER A 6 13.01 23.62 -21.51
C SER A 6 11.72 22.80 -21.45
N GLY A 7 11.86 21.50 -21.23
CA GLY A 7 10.70 20.63 -21.14
C GLY A 7 10.97 19.39 -20.32
N ARG A 8 9.92 18.64 -20.02
CA ARG A 8 10.04 17.41 -19.23
C ARG A 8 10.64 17.71 -17.86
N VAL A 9 10.20 18.81 -17.26
CA VAL A 9 10.69 19.20 -15.94
C VAL A 9 10.85 17.99 -15.02
N LYS A 10 11.98 17.91 -14.34
CA LYS A 10 12.25 16.82 -13.43
C LYS A 10 12.25 17.29 -11.98
N GLN A 11 11.15 17.91 -11.57
CA GLN A 11 11.03 18.41 -10.20
C GLN A 11 9.75 17.90 -9.54
N LEU A 12 8.90 17.26 -10.34
CA LEU A 12 7.65 16.72 -9.83
C LEU A 12 7.35 15.36 -10.46
N THR A 13 7.52 14.29 -9.69
CA THR A 13 7.27 12.94 -10.17
C THR A 13 7.30 11.94 -9.02
N ASP A 14 6.27 11.12 -8.93
CA ASP A 14 6.18 10.11 -7.88
C ASP A 14 6.54 8.72 -8.43
N GLU A 15 7.01 7.85 -7.55
CA GLU A 15 7.39 6.50 -7.94
C GLU A 15 6.47 5.46 -7.31
N GLU A 16 6.26 5.58 -6.00
CA GLU A 16 5.40 4.66 -5.28
C GLU A 16 4.08 5.32 -4.91
N GLU A 17 3.18 4.56 -4.29
CA GLU A 17 1.88 5.08 -3.87
C GLU A 17 1.11 4.04 -3.08
N CYS A 18 0.30 4.50 -2.13
CA CYS A 18 -0.50 3.60 -1.30
C CYS A 18 -1.16 2.52 -2.15
N CYS A 19 -1.67 1.49 -1.49
CA CYS A 19 -2.34 0.39 -2.19
C CYS A 19 -3.83 0.36 -1.86
N ILE A 20 -4.17 0.78 -0.65
CA ILE A 20 -5.56 0.81 -0.21
C ILE A 20 -6.33 1.92 -0.90
N CYS A 21 -5.82 3.14 -0.80
CA CYS A 21 -6.46 4.30 -1.42
C CYS A 21 -5.87 4.58 -2.80
N MET A 22 -4.55 4.38 -2.93
CA MET A 22 -3.87 4.62 -4.18
C MET A 22 -4.04 6.06 -4.65
N ASP A 23 -4.05 6.98 -3.68
CA ASP A 23 -4.22 8.40 -3.99
C ASP A 23 -2.88 9.03 -4.38
N GLY A 24 -2.00 9.19 -3.39
CA GLY A 24 -0.70 9.78 -3.65
C GLY A 24 0.44 8.83 -3.33
N ARG A 25 1.65 9.38 -3.19
CA ARG A 25 2.82 8.57 -2.88
C ARG A 25 2.62 7.79 -1.58
N ALA A 26 3.64 7.04 -1.19
CA ALA A 26 3.57 6.24 0.03
C ALA A 26 4.52 6.78 1.09
N ASP A 27 4.07 6.79 2.34
CA ASP A 27 4.88 7.28 3.44
C ASP A 27 5.95 6.26 3.83
N LEU A 28 5.61 4.98 3.74
CA LEU A 28 6.54 3.91 4.08
C LEU A 28 6.35 2.71 3.15
N ILE A 29 7.38 1.90 3.03
CA ILE A 29 7.33 0.71 2.18
C ILE A 29 7.83 -0.52 2.92
N LEU A 30 7.05 -1.60 2.88
CA LEU A 30 7.43 -2.84 3.54
C LEU A 30 8.26 -3.73 2.62
N PRO A 31 9.05 -4.62 3.21
CA PRO A 31 9.91 -5.54 2.46
C PRO A 31 9.11 -6.61 1.73
N CYS A 32 7.79 -6.52 1.82
CA CYS A 32 6.89 -7.47 1.17
C CYS A 32 6.19 -6.83 -0.03
N ALA A 33 6.73 -5.72 -0.49
CA ALA A 33 6.15 -5.00 -1.64
C ALA A 33 4.79 -4.44 -1.28
N HIS A 34 4.66 -3.91 -0.06
CA HIS A 34 3.40 -3.32 0.40
C HIS A 34 3.64 -1.99 1.09
N SER A 35 3.02 -0.94 0.58
CA SER A 35 3.16 0.39 1.16
C SER A 35 1.82 0.93 1.64
N PHE A 36 1.87 1.93 2.51
CA PHE A 36 0.65 2.54 3.05
C PHE A 36 0.89 4.01 3.39
N CYS A 37 -0.04 4.86 2.96
CA CYS A 37 0.06 6.29 3.21
C CYS A 37 -0.35 6.61 4.64
N GLN A 38 0.24 7.68 5.18
CA GLN A 38 -0.05 8.10 6.55
C GLN A 38 -1.55 8.02 6.83
N LYS A 39 -2.34 8.71 6.03
CA LYS A 39 -3.79 8.71 6.19
C LYS A 39 -4.30 7.33 6.58
N CYS A 40 -4.04 6.35 5.71
CA CYS A 40 -4.48 4.98 5.96
C CYS A 40 -3.82 4.43 7.23
N ILE A 41 -2.50 4.31 7.19
CA ILE A 41 -1.74 3.79 8.33
C ILE A 41 -2.37 4.25 9.65
N ASP A 42 -2.73 5.52 9.73
CA ASP A 42 -3.34 6.07 10.92
C ASP A 42 -4.81 5.65 11.04
N LYS A 43 -5.51 5.70 9.92
CA LYS A 43 -6.93 5.31 9.89
C LYS A 43 -7.10 3.87 10.36
N TRP A 44 -6.50 2.93 9.63
CA TRP A 44 -6.59 1.52 9.97
C TRP A 44 -5.95 1.24 11.34
N SER A 45 -6.80 1.06 12.34
CA SER A 45 -6.32 0.80 13.69
C SER A 45 -6.21 -0.70 13.95
N ASP A 46 -5.12 -1.29 13.47
CA ASP A 46 -4.90 -2.73 13.65
C ASP A 46 -4.22 -3.01 14.99
N ARG A 47 -4.16 -4.28 15.36
CA ARG A 47 -3.54 -4.69 16.62
C ARG A 47 -2.31 -5.55 16.36
N HIS A 48 -1.60 -5.26 15.29
CA HIS A 48 -0.40 -6.01 14.94
C HIS A 48 0.37 -5.31 13.81
N ARG A 49 1.54 -4.78 14.16
CA ARG A 49 2.37 -4.08 13.18
C ARG A 49 2.45 -4.86 11.87
N ASN A 50 2.39 -6.18 11.98
CA ASN A 50 2.44 -7.05 10.81
C ASN A 50 1.66 -6.45 9.65
N CYS A 51 2.17 -6.62 8.43
CA CYS A 51 1.52 -6.11 7.24
C CYS A 51 0.09 -6.63 7.14
N PRO A 52 -0.86 -5.73 6.86
CA PRO A 52 -2.27 -6.07 6.72
C PRO A 52 -2.55 -6.88 5.46
N ILE A 53 -2.07 -6.38 4.33
CA ILE A 53 -2.26 -7.06 3.05
C ILE A 53 -1.87 -8.53 3.15
N CYS A 54 -0.62 -8.79 3.54
CA CYS A 54 -0.11 -10.14 3.67
C CYS A 54 -1.02 -10.97 4.58
N ARG A 55 -1.56 -10.33 5.61
CA ARG A 55 -2.44 -11.00 6.55
C ARG A 55 -3.45 -11.90 5.82
N LEU A 56 -3.93 -11.42 4.68
CA LEU A 56 -4.89 -12.18 3.88
C LEU A 56 -4.23 -12.78 2.66
N GLN A 57 -3.22 -12.10 2.14
CA GLN A 57 -2.49 -12.58 0.96
C GLN A 57 -2.42 -14.10 0.95
N MET A 58 -3.38 -14.72 0.27
CA MET A 58 -3.42 -16.17 0.17
C MET A 58 -2.96 -16.82 1.47
N THR A 59 -3.51 -16.35 2.59
CA THR A 59 -3.15 -16.88 3.90
C THR A 59 -4.40 -17.15 4.74
N GLY A 60 -5.47 -17.58 4.09
CA GLY A 60 -6.71 -17.86 4.80
C GLY A 60 -6.56 -18.99 5.80
N ALA A 61 -6.12 -18.64 7.01
CA ALA A 61 -5.94 -19.64 8.06
C ALA A 61 -7.28 -20.12 8.61
N ASN A 62 -7.79 -21.20 8.03
CA ASN A 62 -9.07 -21.77 8.45
C ASN A 62 -8.88 -23.16 9.04
N GLU A 63 -8.70 -23.22 10.35
CA GLU A 63 -8.50 -24.50 11.04
C GLU A 63 -9.82 -25.26 11.15
N SER A 64 -9.73 -26.58 11.11
CA SER A 64 -10.91 -27.43 11.20
C SER A 64 -10.54 -28.85 11.63
N SER A 65 -11.53 -29.61 12.08
CA SER A 65 -11.30 -30.98 12.51
C SER A 65 -11.84 -31.97 11.49
N GLY A 66 -13.13 -31.85 11.17
CA GLY A 66 -13.74 -32.75 10.20
C GLY A 66 -15.21 -32.94 10.44
N PRO A 67 -15.56 -33.54 11.60
CA PRO A 67 -16.96 -33.79 11.97
C PRO A 67 -17.71 -32.51 12.29
N SER A 68 -17.04 -31.37 12.15
CA SER A 68 -17.64 -30.08 12.43
C SER A 68 -18.95 -29.92 11.67
N SER A 69 -19.96 -29.37 12.34
CA SER A 69 -21.27 -29.16 11.73
C SER A 69 -21.18 -28.09 10.64
N GLY A 70 -21.74 -28.38 9.48
CA GLY A 70 -21.72 -27.44 8.37
C GLY A 70 -21.97 -28.10 7.03
N GLY A 1 -15.60 39.77 0.43
CA GLY A 1 -15.42 38.33 0.46
C GLY A 1 -14.11 37.94 1.10
N SER A 2 -13.73 36.66 0.95
CA SER A 2 -12.49 36.16 1.53
C SER A 2 -11.39 36.11 0.47
N SER A 3 -10.29 36.81 0.74
CA SER A 3 -9.17 36.85 -0.18
C SER A 3 -8.55 35.47 -0.35
N GLY A 4 -8.31 34.79 0.77
CA GLY A 4 -7.72 33.46 0.73
C GLY A 4 -6.72 33.31 -0.39
N SER A 5 -5.88 34.32 -0.58
CA SER A 5 -4.87 34.30 -1.63
C SER A 5 -3.54 33.78 -1.09
N SER A 6 -3.39 32.45 -1.09
CA SER A 6 -2.17 31.82 -0.60
C SER A 6 -1.65 30.80 -1.60
N GLY A 7 -0.42 30.35 -1.38
CA GLY A 7 0.17 29.37 -2.28
C GLY A 7 1.42 28.74 -1.69
N ARG A 8 1.43 27.41 -1.61
CA ARG A 8 2.56 26.69 -1.07
C ARG A 8 2.42 25.18 -1.30
N VAL A 9 3.19 24.66 -2.25
CA VAL A 9 3.14 23.23 -2.57
C VAL A 9 3.71 22.40 -1.44
N LYS A 10 2.86 21.56 -0.84
CA LYS A 10 3.28 20.70 0.25
C LYS A 10 3.13 19.22 -0.12
N GLN A 11 3.50 18.90 -1.36
CA GLN A 11 3.40 17.53 -1.85
C GLN A 11 4.79 17.00 -2.24
N LEU A 12 4.99 15.71 -2.06
CA LEU A 12 6.27 15.08 -2.39
C LEU A 12 6.21 14.43 -3.78
N THR A 13 7.14 14.82 -4.65
CA THR A 13 7.20 14.28 -6.00
C THR A 13 7.98 12.97 -6.04
N ASP A 14 7.27 11.87 -5.80
CA ASP A 14 7.89 10.55 -5.81
C ASP A 14 7.03 9.56 -6.58
N GLU A 15 7.65 8.46 -7.02
CA GLU A 15 6.94 7.44 -7.77
C GLU A 15 6.13 6.54 -6.84
N GLU A 16 6.71 6.21 -5.69
CA GLU A 16 6.04 5.35 -4.71
C GLU A 16 4.62 5.85 -4.45
N GLU A 17 3.76 4.94 -3.98
CA GLU A 17 2.37 5.28 -3.69
C GLU A 17 1.72 4.22 -2.80
N CYS A 18 0.69 4.63 -2.07
CA CYS A 18 -0.02 3.72 -1.19
C CYS A 18 -0.58 2.53 -1.95
N CYS A 19 -0.93 1.47 -1.22
CA CYS A 19 -1.47 0.27 -1.83
C CYS A 19 -2.99 0.19 -1.62
N ILE A 20 -3.41 0.47 -0.39
CA ILE A 20 -4.83 0.43 -0.05
C ILE A 20 -5.62 1.44 -0.87
N CYS A 21 -5.39 2.72 -0.63
CA CYS A 21 -6.07 3.78 -1.35
C CYS A 21 -5.37 4.10 -2.66
N MET A 22 -4.06 3.85 -2.69
CA MET A 22 -3.27 4.11 -3.90
C MET A 22 -3.71 5.41 -4.57
N ASP A 23 -4.13 6.38 -3.77
CA ASP A 23 -4.58 7.66 -4.29
C ASP A 23 -3.61 8.77 -3.90
N GLY A 24 -2.31 8.51 -4.05
CA GLY A 24 -1.31 9.50 -3.71
C GLY A 24 0.08 8.89 -3.59
N ARG A 25 0.85 9.36 -2.62
CA ARG A 25 2.20 8.87 -2.40
C ARG A 25 2.22 7.77 -1.33
N ALA A 26 3.42 7.33 -0.97
CA ALA A 26 3.58 6.28 0.04
C ALA A 26 4.44 6.78 1.19
N ASP A 27 3.91 6.68 2.40
CA ASP A 27 4.65 7.12 3.60
C ASP A 27 5.73 6.11 3.96
N LEU A 28 5.40 4.83 3.87
CA LEU A 28 6.33 3.76 4.19
C LEU A 28 6.22 2.60 3.21
N ILE A 29 7.30 1.85 3.06
CA ILE A 29 7.31 0.70 2.15
C ILE A 29 7.72 -0.57 2.88
N LEU A 30 6.91 -1.62 2.72
CA LEU A 30 7.19 -2.90 3.37
C LEU A 30 8.06 -3.78 2.47
N PRO A 31 8.77 -4.74 3.07
CA PRO A 31 9.64 -5.66 2.35
C PRO A 31 8.86 -6.65 1.49
N CYS A 32 7.54 -6.51 1.50
CA CYS A 32 6.67 -7.39 0.73
C CYS A 32 5.98 -6.62 -0.41
N ALA A 33 6.59 -5.51 -0.81
CA ALA A 33 6.04 -4.68 -1.88
C ALA A 33 4.66 -4.14 -1.49
N HIS A 34 4.55 -3.61 -0.28
CA HIS A 34 3.30 -3.06 0.20
C HIS A 34 3.53 -1.74 0.96
N SER A 35 3.18 -0.63 0.34
CA SER A 35 3.35 0.68 0.96
C SER A 35 2.03 1.21 1.51
N PHE A 36 2.12 2.18 2.41
CA PHE A 36 0.93 2.77 3.01
C PHE A 36 1.14 4.26 3.29
N CYS A 37 0.13 5.06 2.99
CA CYS A 37 0.20 6.50 3.19
C CYS A 37 -0.16 6.85 4.64
N GLN A 38 0.18 8.07 5.05
CA GLN A 38 -0.11 8.53 6.40
C GLN A 38 -1.59 8.36 6.73
N LYS A 39 -2.44 8.91 5.86
CA LYS A 39 -3.88 8.81 6.05
C LYS A 39 -4.29 7.42 6.53
N CYS A 40 -4.10 6.42 5.66
CA CYS A 40 -4.44 5.05 5.99
C CYS A 40 -3.78 4.63 7.29
N ILE A 41 -2.46 4.59 7.29
CA ILE A 41 -1.71 4.20 8.47
C ILE A 41 -2.32 4.80 9.74
N ASP A 42 -2.84 6.01 9.62
CA ASP A 42 -3.47 6.68 10.76
C ASP A 42 -4.81 6.04 11.10
N LYS A 43 -5.67 5.90 10.09
CA LYS A 43 -6.99 5.31 10.28
C LYS A 43 -6.90 4.05 11.15
N TRP A 44 -6.00 3.14 10.77
CA TRP A 44 -5.81 1.90 11.51
C TRP A 44 -5.26 2.18 12.90
N SER A 45 -5.94 1.66 13.92
CA SER A 45 -5.52 1.85 15.30
C SER A 45 -4.13 1.27 15.53
N ASP A 46 -3.49 1.68 16.62
CA ASP A 46 -2.15 1.20 16.95
C ASP A 46 -2.04 -0.30 16.69
N ARG A 47 -1.37 -0.65 15.60
CA ARG A 47 -1.18 -2.05 15.22
C ARG A 47 0.30 -2.39 15.10
N HIS A 48 0.65 -3.63 15.45
CA HIS A 48 2.04 -4.07 15.38
C HIS A 48 2.64 -3.77 14.01
N ARG A 49 3.91 -4.10 13.83
CA ARG A 49 4.60 -3.86 12.57
C ARG A 49 4.33 -4.98 11.58
N ASN A 50 3.06 -5.36 11.45
CA ASN A 50 2.67 -6.43 10.53
C ASN A 50 2.03 -5.86 9.27
N CYS A 51 1.77 -6.73 8.30
CA CYS A 51 1.16 -6.30 7.04
C CYS A 51 -0.25 -6.89 6.91
N PRO A 52 -1.23 -6.00 6.71
CA PRO A 52 -2.64 -6.39 6.57
C PRO A 52 -2.90 -7.13 5.25
N ILE A 53 -2.31 -6.61 4.17
CA ILE A 53 -2.48 -7.22 2.85
C ILE A 53 -2.12 -8.70 2.88
N CYS A 54 -0.94 -9.01 3.41
CA CYS A 54 -0.48 -10.39 3.50
C CYS A 54 -1.32 -11.18 4.49
N ARG A 55 -1.70 -10.53 5.58
CA ARG A 55 -2.51 -11.17 6.61
C ARG A 55 -3.71 -11.89 6.00
N LEU A 56 -4.30 -11.27 4.98
CA LEU A 56 -5.45 -11.86 4.31
C LEU A 56 -5.17 -13.28 3.87
N GLN A 57 -4.07 -13.47 3.13
CA GLN A 57 -3.69 -14.79 2.65
C GLN A 57 -2.95 -15.57 3.74
N MET A 58 -3.71 -16.08 4.71
CA MET A 58 -3.13 -16.85 5.81
C MET A 58 -2.73 -18.24 5.34
N THR A 59 -1.63 -18.76 5.88
CA THR A 59 -1.14 -20.07 5.51
C THR A 59 -2.19 -21.15 5.79
N GLY A 60 -1.96 -22.34 5.25
CA GLY A 60 -2.89 -23.43 5.46
C GLY A 60 -2.25 -24.79 5.27
N ALA A 61 -2.96 -25.84 5.68
CA ALA A 61 -2.45 -27.20 5.55
C ALA A 61 -3.52 -28.23 5.92
N ASN A 62 -3.60 -29.30 5.14
CA ASN A 62 -4.57 -30.35 5.39
C ASN A 62 -4.19 -31.17 6.62
N GLU A 63 -5.19 -31.65 7.35
CA GLU A 63 -4.95 -32.45 8.54
C GLU A 63 -4.25 -33.76 8.19
N SER A 64 -3.75 -34.45 9.20
CA SER A 64 -3.05 -35.72 9.00
C SER A 64 -4.00 -36.78 8.43
N SER A 65 -3.84 -37.07 7.15
CA SER A 65 -4.69 -38.06 6.49
C SER A 65 -3.88 -39.29 6.08
N GLY A 66 -2.78 -39.04 5.35
CA GLY A 66 -1.93 -40.13 4.91
C GLY A 66 -0.62 -40.20 5.66
N PRO A 67 -0.64 -40.83 6.85
CA PRO A 67 0.55 -40.97 7.69
C PRO A 67 1.59 -41.92 7.08
N SER A 68 1.18 -42.63 6.04
CA SER A 68 2.07 -43.58 5.38
C SER A 68 1.66 -43.78 3.92
N SER A 69 2.65 -43.78 3.02
CA SER A 69 2.39 -43.95 1.60
C SER A 69 1.19 -43.13 1.16
N GLY A 70 1.11 -41.89 1.65
CA GLY A 70 0.01 -41.02 1.31
C GLY A 70 0.44 -39.57 1.16
N GLY A 1 -12.05 41.80 -15.96
CA GLY A 1 -11.23 41.71 -14.77
C GLY A 1 -10.02 40.84 -14.97
N SER A 2 -9.65 40.10 -13.93
CA SER A 2 -8.48 39.21 -13.98
C SER A 2 -8.33 38.62 -15.37
N SER A 3 -7.09 38.54 -15.84
CA SER A 3 -6.81 37.99 -17.16
C SER A 3 -5.64 37.00 -17.09
N GLY A 4 -5.75 35.92 -17.86
CA GLY A 4 -4.71 34.91 -17.88
C GLY A 4 -3.38 35.45 -18.37
N SER A 5 -2.38 34.58 -18.48
CA SER A 5 -1.06 34.99 -18.94
C SER A 5 -0.16 33.77 -19.14
N SER A 6 1.04 34.01 -19.66
CA SER A 6 1.99 32.94 -19.91
C SER A 6 2.14 32.04 -18.68
N GLY A 7 2.33 30.75 -18.92
CA GLY A 7 2.48 29.80 -17.82
C GLY A 7 3.32 28.60 -18.20
N ARG A 8 4.29 28.28 -17.36
CA ARG A 8 5.17 27.14 -17.62
C ARG A 8 4.59 25.86 -17.03
N VAL A 9 4.88 24.74 -17.68
CA VAL A 9 4.38 23.44 -17.22
C VAL A 9 4.85 23.15 -15.80
N LYS A 10 4.24 22.14 -15.18
CA LYS A 10 4.59 21.76 -13.82
C LYS A 10 5.88 20.94 -13.80
N GLN A 11 6.71 21.19 -12.79
CA GLN A 11 7.98 20.47 -12.66
C GLN A 11 7.96 19.56 -11.43
N LEU A 12 6.83 18.89 -11.21
CA LEU A 12 6.68 17.98 -10.09
C LEU A 12 6.07 16.65 -10.52
N THR A 13 6.43 15.57 -9.83
CA THR A 13 5.92 14.25 -10.16
C THR A 13 6.38 13.23 -9.12
N ASP A 14 5.43 12.45 -8.61
CA ASP A 14 5.74 11.42 -7.62
C ASP A 14 6.07 10.09 -8.29
N GLU A 15 6.79 9.23 -7.58
CA GLU A 15 7.17 7.93 -8.11
C GLU A 15 6.50 6.80 -7.35
N GLU A 16 6.25 7.05 -6.06
CA GLU A 16 5.60 6.06 -5.21
C GLU A 16 4.14 6.42 -4.95
N GLU A 17 3.40 5.49 -4.36
CA GLU A 17 1.99 5.71 -4.06
C GLU A 17 1.42 4.57 -3.23
N CYS A 18 0.47 4.89 -2.36
CA CYS A 18 -0.16 3.88 -1.51
C CYS A 18 -0.67 2.70 -2.35
N CYS A 19 -0.95 1.60 -1.68
CA CYS A 19 -1.44 0.40 -2.35
C CYS A 19 -2.93 0.20 -2.11
N ILE A 20 -3.36 0.48 -0.88
CA ILE A 20 -4.77 0.33 -0.52
C ILE A 20 -5.63 1.37 -1.24
N CYS A 21 -5.43 2.64 -0.89
CA CYS A 21 -6.19 3.72 -1.50
C CYS A 21 -5.59 4.11 -2.85
N MET A 22 -4.27 4.04 -2.94
CA MET A 22 -3.58 4.39 -4.18
C MET A 22 -4.00 5.76 -4.67
N ASP A 23 -4.12 6.72 -3.75
CA ASP A 23 -4.52 8.08 -4.10
C ASP A 23 -3.34 9.03 -3.97
N GLY A 24 -2.61 8.92 -2.87
CA GLY A 24 -1.47 9.79 -2.64
C GLY A 24 -0.15 9.04 -2.70
N ARG A 25 0.88 9.63 -2.09
CA ARG A 25 2.20 9.01 -2.08
C ARG A 25 2.28 7.91 -1.03
N ALA A 26 3.47 7.33 -0.88
CA ALA A 26 3.68 6.27 0.10
C ALA A 26 4.59 6.74 1.24
N ASP A 27 4.08 6.68 2.47
CA ASP A 27 4.84 7.10 3.63
C ASP A 27 5.92 6.08 3.96
N LEU A 28 5.56 4.80 3.88
CA LEU A 28 6.50 3.72 4.18
C LEU A 28 6.26 2.52 3.27
N ILE A 29 7.29 1.73 3.05
CA ILE A 29 7.20 0.55 2.20
C ILE A 29 7.64 -0.71 2.94
N LEU A 30 6.90 -1.80 2.75
CA LEU A 30 7.22 -3.06 3.40
C LEU A 30 8.08 -3.93 2.49
N PRO A 31 8.84 -4.86 3.10
CA PRO A 31 9.71 -5.78 2.37
C PRO A 31 8.93 -6.81 1.56
N CYS A 32 7.62 -6.70 1.58
CA CYS A 32 6.75 -7.61 0.86
C CYS A 32 6.01 -6.89 -0.26
N ALA A 33 6.53 -5.74 -0.66
CA ALA A 33 5.92 -4.95 -1.74
C ALA A 33 4.56 -4.41 -1.30
N HIS A 34 4.53 -3.71 -0.18
CA HIS A 34 3.29 -3.14 0.35
C HIS A 34 3.55 -1.81 1.04
N SER A 35 2.95 -0.74 0.51
CA SER A 35 3.12 0.59 1.08
C SER A 35 1.81 1.11 1.67
N PHE A 36 1.92 2.09 2.55
CA PHE A 36 0.74 2.67 3.18
C PHE A 36 0.95 4.17 3.46
N CYS A 37 0.09 4.99 2.86
CA CYS A 37 0.18 6.44 3.03
C CYS A 37 -0.17 6.83 4.47
N GLN A 38 0.12 8.08 4.81
CA GLN A 38 -0.16 8.59 6.15
C GLN A 38 -1.63 8.39 6.52
N LYS A 39 -2.52 8.71 5.58
CA LYS A 39 -3.95 8.56 5.80
C LYS A 39 -4.29 7.15 6.29
N CYS A 40 -4.07 6.17 5.44
CA CYS A 40 -4.35 4.78 5.78
C CYS A 40 -3.70 4.41 7.12
N ILE A 41 -2.38 4.51 7.17
CA ILE A 41 -1.63 4.19 8.37
C ILE A 41 -2.30 4.81 9.61
N ASP A 42 -2.71 6.06 9.49
CA ASP A 42 -3.36 6.75 10.59
C ASP A 42 -4.72 6.14 10.88
N LYS A 43 -5.49 5.89 9.83
CA LYS A 43 -6.82 5.30 9.98
C LYS A 43 -6.77 4.06 10.86
N TRP A 44 -6.01 3.06 10.42
CA TRP A 44 -5.87 1.82 11.17
C TRP A 44 -4.71 1.88 12.14
N SER A 45 -5.01 2.00 13.43
CA SER A 45 -3.97 2.08 14.45
C SER A 45 -3.04 0.88 14.37
N ASP A 46 -1.73 1.15 14.42
CA ASP A 46 -0.73 0.10 14.35
C ASP A 46 -0.67 -0.69 15.66
N ARG A 47 -1.63 -1.59 15.84
CA ARG A 47 -1.69 -2.40 17.05
C ARG A 47 -0.62 -3.48 17.03
N HIS A 48 -0.59 -4.26 15.95
CA HIS A 48 0.39 -5.33 15.81
C HIS A 48 1.59 -4.87 15.00
N ARG A 49 2.56 -5.77 14.81
CA ARG A 49 3.76 -5.45 14.05
C ARG A 49 3.91 -6.37 12.86
N ASN A 50 2.81 -6.57 12.13
CA ASN A 50 2.82 -7.44 10.95
C ASN A 50 2.15 -6.75 9.77
N CYS A 51 2.26 -7.37 8.60
CA CYS A 51 1.67 -6.82 7.38
C CYS A 51 0.19 -7.21 7.28
N PRO A 52 -0.67 -6.19 7.10
CA PRO A 52 -2.11 -6.40 6.98
C PRO A 52 -2.51 -7.09 5.68
N ILE A 53 -2.00 -6.55 4.57
CA ILE A 53 -2.29 -7.11 3.25
C ILE A 53 -2.05 -8.63 3.23
N CYS A 54 -0.84 -9.03 3.60
CA CYS A 54 -0.48 -10.44 3.63
C CYS A 54 -1.37 -11.21 4.61
N ARG A 55 -1.69 -10.58 5.73
CA ARG A 55 -2.53 -11.19 6.75
C ARG A 55 -3.85 -11.67 6.14
N LEU A 56 -4.40 -10.86 5.24
CA LEU A 56 -5.67 -11.20 4.59
C LEU A 56 -5.57 -12.55 3.88
N GLN A 57 -4.38 -12.87 3.39
CA GLN A 57 -4.17 -14.13 2.69
C GLN A 57 -5.13 -14.28 1.52
N MET A 58 -5.26 -13.21 0.73
CA MET A 58 -6.15 -13.23 -0.42
C MET A 58 -5.95 -14.49 -1.26
N THR A 59 -4.70 -14.73 -1.64
CA THR A 59 -4.36 -15.90 -2.44
C THR A 59 -3.57 -16.92 -1.63
N GLY A 60 -4.13 -18.12 -1.50
CA GLY A 60 -3.47 -19.16 -0.74
C GLY A 60 -4.02 -20.55 -1.04
N ALA A 61 -3.18 -21.41 -1.59
CA ALA A 61 -3.59 -22.77 -1.94
C ALA A 61 -4.99 -22.78 -2.54
N ASN A 62 -5.26 -21.81 -3.42
CA ASN A 62 -6.56 -21.72 -4.07
C ASN A 62 -6.59 -22.52 -5.35
N GLU A 63 -7.74 -23.11 -5.66
CA GLU A 63 -7.90 -23.91 -6.87
C GLU A 63 -8.96 -23.30 -7.79
N SER A 64 -8.85 -23.61 -9.08
CA SER A 64 -9.79 -23.10 -10.07
C SER A 64 -11.17 -23.71 -9.87
N SER A 65 -12.12 -22.89 -9.42
CA SER A 65 -13.48 -23.35 -9.18
C SER A 65 -14.49 -22.47 -9.91
N GLY A 66 -15.72 -22.96 -10.03
CA GLY A 66 -16.76 -22.20 -10.72
C GLY A 66 -16.84 -20.77 -10.23
N PRO A 67 -17.29 -20.59 -8.97
CA PRO A 67 -17.41 -19.26 -8.37
C PRO A 67 -16.07 -18.62 -8.09
N SER A 68 -16.08 -17.29 -7.96
CA SER A 68 -14.85 -16.55 -7.70
C SER A 68 -13.70 -17.07 -8.55
N SER A 69 -13.97 -17.27 -9.83
CA SER A 69 -12.96 -17.78 -10.76
C SER A 69 -12.33 -16.64 -11.54
N GLY A 70 -13.15 -15.89 -12.26
CA GLY A 70 -12.65 -14.77 -13.04
C GLY A 70 -11.62 -13.94 -12.29
N GLY A 1 -22.87 11.58 -19.37
CA GLY A 1 -21.60 12.14 -19.81
C GLY A 1 -21.46 13.61 -19.44
N SER A 2 -20.27 13.99 -19.00
CA SER A 2 -20.01 15.37 -18.60
C SER A 2 -18.51 15.65 -18.57
N SER A 3 -18.16 16.91 -18.31
CA SER A 3 -16.76 17.31 -18.26
C SER A 3 -16.62 18.73 -17.73
N GLY A 4 -15.96 18.87 -16.59
CA GLY A 4 -15.77 20.18 -15.99
C GLY A 4 -14.40 20.75 -16.27
N SER A 5 -14.31 21.63 -17.27
CA SER A 5 -13.04 22.25 -17.65
C SER A 5 -12.75 23.46 -16.77
N SER A 6 -13.03 23.34 -15.49
CA SER A 6 -12.79 24.44 -14.54
C SER A 6 -11.51 24.21 -13.75
N GLY A 7 -10.42 24.78 -14.25
CA GLY A 7 -9.14 24.63 -13.58
C GLY A 7 -8.47 23.30 -13.87
N ARG A 8 -7.21 23.35 -14.25
CA ARG A 8 -6.46 22.13 -14.57
C ARG A 8 -5.56 21.74 -13.40
N VAL A 9 -6.10 21.81 -12.20
CA VAL A 9 -5.34 21.45 -10.99
C VAL A 9 -5.36 19.95 -10.75
N LYS A 10 -4.54 19.22 -11.52
CA LYS A 10 -4.46 17.77 -11.39
C LYS A 10 -3.02 17.31 -11.20
N GLN A 11 -2.60 17.19 -9.95
CA GLN A 11 -1.24 16.78 -9.64
C GLN A 11 -1.25 15.60 -8.67
N LEU A 12 -1.50 14.41 -9.20
CA LEU A 12 -1.53 13.19 -8.37
C LEU A 12 -0.52 12.17 -8.87
N THR A 13 0.72 12.29 -8.41
CA THR A 13 1.78 11.38 -8.80
C THR A 13 3.04 11.60 -7.97
N ASP A 14 3.56 10.53 -7.38
CA ASP A 14 4.76 10.61 -6.56
C ASP A 14 5.57 9.32 -6.65
N GLU A 15 6.86 9.41 -6.37
CA GLU A 15 7.75 8.26 -6.42
C GLU A 15 7.09 7.04 -5.78
N GLU A 16 6.43 7.25 -4.64
CA GLU A 16 5.76 6.18 -3.93
C GLU A 16 4.24 6.29 -4.08
N GLU A 17 3.54 5.22 -3.74
CA GLU A 17 2.09 5.18 -3.84
C GLU A 17 1.50 4.14 -2.90
N CYS A 18 0.52 4.55 -2.09
CA CYS A 18 -0.13 3.65 -1.16
C CYS A 18 -0.67 2.41 -1.86
N CYS A 19 -0.91 1.35 -1.09
CA CYS A 19 -1.42 0.11 -1.65
C CYS A 19 -2.92 -0.02 -1.41
N ILE A 20 -3.35 0.37 -0.21
CA ILE A 20 -4.76 0.30 0.14
C ILE A 20 -5.60 1.26 -0.69
N CYS A 21 -5.33 2.55 -0.55
CA CYS A 21 -6.04 3.58 -1.30
C CYS A 21 -5.37 3.84 -2.65
N MET A 22 -4.04 3.86 -2.65
CA MET A 22 -3.28 4.09 -3.86
C MET A 22 -3.78 5.35 -4.58
N ASP A 23 -4.00 6.41 -3.82
CA ASP A 23 -4.48 7.67 -4.38
C ASP A 23 -3.35 8.69 -4.47
N GLY A 24 -2.61 8.85 -3.38
CA GLY A 24 -1.51 9.79 -3.34
C GLY A 24 -0.16 9.10 -3.37
N ARG A 25 0.61 9.29 -2.30
CA ARG A 25 1.94 8.69 -2.21
C ARG A 25 2.06 7.83 -0.95
N ALA A 26 3.02 6.91 -0.96
CA ALA A 26 3.23 6.03 0.19
C ALA A 26 4.27 6.62 1.15
N ASP A 27 3.93 6.64 2.43
CA ASP A 27 4.83 7.18 3.45
C ASP A 27 5.92 6.16 3.79
N LEU A 28 5.56 4.89 3.83
CA LEU A 28 6.51 3.83 4.15
C LEU A 28 6.36 2.66 3.19
N ILE A 29 7.41 1.85 3.08
CA ILE A 29 7.40 0.69 2.20
C ILE A 29 7.80 -0.57 2.94
N LEU A 30 7.06 -1.65 2.68
CA LEU A 30 7.34 -2.93 3.33
C LEU A 30 8.23 -3.81 2.45
N PRO A 31 8.94 -4.75 3.08
CA PRO A 31 9.83 -5.67 2.38
C PRO A 31 9.07 -6.68 1.53
N CYS A 32 7.74 -6.57 1.54
CA CYS A 32 6.90 -7.48 0.76
C CYS A 32 6.15 -6.73 -0.33
N ALA A 33 6.72 -5.61 -0.77
CA ALA A 33 6.11 -4.80 -1.82
C ALA A 33 4.74 -4.30 -1.38
N HIS A 34 4.69 -3.69 -0.21
CA HIS A 34 3.43 -3.14 0.31
C HIS A 34 3.67 -1.82 1.04
N SER A 35 3.20 -0.74 0.43
CA SER A 35 3.36 0.59 1.02
C SER A 35 2.04 1.13 1.52
N PHE A 36 2.10 2.12 2.40
CA PHE A 36 0.90 2.72 2.97
C PHE A 36 1.11 4.21 3.24
N CYS A 37 0.09 5.01 2.95
CA CYS A 37 0.16 6.46 3.16
C CYS A 37 -0.17 6.81 4.60
N GLN A 38 0.13 8.05 4.99
CA GLN A 38 -0.14 8.51 6.34
C GLN A 38 -1.64 8.40 6.67
N LYS A 39 -2.48 8.82 5.73
CA LYS A 39 -3.92 8.77 5.92
C LYS A 39 -4.36 7.40 6.43
N CYS A 40 -4.11 6.37 5.62
CA CYS A 40 -4.47 5.00 5.99
C CYS A 40 -3.78 4.59 7.29
N ILE A 41 -2.45 4.53 7.25
CA ILE A 41 -1.68 4.14 8.43
C ILE A 41 -2.24 4.79 9.70
N ASP A 42 -2.74 6.01 9.56
CA ASP A 42 -3.31 6.73 10.69
C ASP A 42 -4.71 6.22 11.00
N LYS A 43 -5.56 6.18 9.99
CA LYS A 43 -6.94 5.71 10.15
C LYS A 43 -6.98 4.50 11.08
N TRP A 44 -6.31 3.42 10.69
CA TRP A 44 -6.28 2.20 11.48
C TRP A 44 -5.37 2.37 12.70
N SER A 45 -5.83 1.90 13.84
CA SER A 45 -5.06 1.99 15.08
C SER A 45 -3.83 1.10 15.03
N ASP A 46 -2.98 1.20 16.05
CA ASP A 46 -1.77 0.40 16.11
C ASP A 46 -1.82 -0.56 17.30
N ARG A 47 -1.95 -1.85 17.01
CA ARG A 47 -2.01 -2.86 18.05
C ARG A 47 -1.02 -3.98 17.78
N HIS A 48 -1.08 -4.55 16.58
CA HIS A 48 -0.18 -5.63 16.19
C HIS A 48 0.98 -5.10 15.37
N ARG A 49 0.71 -4.09 14.56
CA ARG A 49 1.74 -3.49 13.71
C ARG A 49 2.25 -4.49 12.68
N ASN A 50 1.32 -5.18 12.02
CA ASN A 50 1.67 -6.17 11.01
C ASN A 50 1.09 -5.79 9.66
N CYS A 51 1.62 -6.40 8.60
CA CYS A 51 1.16 -6.14 7.25
C CYS A 51 -0.25 -6.69 7.03
N PRO A 52 -1.20 -5.79 6.75
CA PRO A 52 -2.61 -6.16 6.51
C PRO A 52 -2.79 -6.91 5.20
N ILE A 53 -2.24 -6.38 4.13
CA ILE A 53 -2.35 -7.01 2.81
C ILE A 53 -2.11 -8.50 2.90
N CYS A 54 -0.88 -8.88 3.22
CA CYS A 54 -0.51 -10.30 3.34
C CYS A 54 -1.53 -11.05 4.19
N ARG A 55 -1.95 -10.42 5.28
CA ARG A 55 -2.92 -11.02 6.19
C ARG A 55 -4.22 -11.37 5.46
N LEU A 56 -4.68 -10.44 4.63
CA LEU A 56 -5.91 -10.63 3.86
C LEU A 56 -5.85 -11.95 3.08
N GLN A 57 -4.77 -12.14 2.33
CA GLN A 57 -4.59 -13.34 1.54
C GLN A 57 -4.95 -14.59 2.34
N MET A 58 -6.20 -15.05 2.19
CA MET A 58 -6.67 -16.23 2.90
C MET A 58 -6.19 -17.50 2.23
N THR A 59 -5.55 -18.37 3.01
CA THR A 59 -5.03 -19.63 2.48
C THR A 59 -5.95 -20.79 2.85
N GLY A 60 -6.92 -21.07 1.98
CA GLY A 60 -7.85 -22.15 2.24
C GLY A 60 -9.29 -21.68 2.29
N ALA A 61 -9.83 -21.29 1.14
CA ALA A 61 -11.20 -20.82 1.07
C ALA A 61 -11.94 -21.46 -0.11
N ASN A 62 -13.26 -21.29 -0.14
CA ASN A 62 -14.07 -21.85 -1.21
C ASN A 62 -14.44 -20.78 -2.23
N GLU A 63 -15.02 -21.21 -3.35
CA GLU A 63 -15.41 -20.29 -4.41
C GLU A 63 -16.25 -19.15 -3.85
N SER A 64 -16.43 -18.11 -4.65
CA SER A 64 -17.21 -16.94 -4.24
C SER A 64 -18.53 -17.37 -3.60
N SER A 65 -18.68 -17.07 -2.31
CA SER A 65 -19.89 -17.42 -1.58
C SER A 65 -20.78 -16.20 -1.37
N GLY A 66 -22.00 -16.42 -0.90
CA GLY A 66 -22.92 -15.33 -0.65
C GLY A 66 -22.59 -14.56 0.61
N PRO A 67 -23.60 -13.91 1.19
CA PRO A 67 -23.43 -13.13 2.42
C PRO A 67 -23.16 -13.99 3.64
N SER A 68 -22.21 -13.57 4.46
CA SER A 68 -21.84 -14.32 5.67
C SER A 68 -22.91 -14.16 6.74
N SER A 69 -23.14 -12.92 7.16
CA SER A 69 -24.13 -12.64 8.20
C SER A 69 -25.34 -13.55 8.05
N GLY A 70 -25.78 -14.12 9.17
CA GLY A 70 -26.92 -15.02 9.15
C GLY A 70 -28.07 -14.51 10.00
N GLY A 1 -10.63 24.29 -15.45
CA GLY A 1 -10.77 25.71 -15.19
C GLY A 1 -10.16 26.56 -16.29
N SER A 2 -9.72 27.76 -15.93
CA SER A 2 -9.12 28.68 -16.91
C SER A 2 -8.32 29.77 -16.20
N SER A 3 -7.05 29.90 -16.56
CA SER A 3 -6.18 30.90 -15.95
C SER A 3 -4.86 31.01 -16.72
N GLY A 4 -4.34 32.23 -16.83
CA GLY A 4 -3.10 32.44 -17.53
C GLY A 4 -1.90 31.89 -16.77
N SER A 5 -0.84 32.69 -16.69
CA SER A 5 0.37 32.28 -15.99
C SER A 5 0.18 32.35 -14.47
N SER A 6 -0.15 31.20 -13.88
CA SER A 6 -0.36 31.13 -12.44
C SER A 6 -0.47 29.68 -11.98
N GLY A 7 -0.39 29.47 -10.67
CA GLY A 7 -0.48 28.12 -10.12
C GLY A 7 -0.20 28.08 -8.63
N ARG A 8 -0.03 26.88 -8.10
CA ARG A 8 0.23 26.71 -6.68
C ARG A 8 1.66 26.22 -6.45
N VAL A 9 2.56 27.14 -6.11
CA VAL A 9 3.95 26.80 -5.87
C VAL A 9 4.08 25.46 -5.16
N LYS A 10 4.97 24.62 -5.65
CA LYS A 10 5.18 23.30 -5.06
C LYS A 10 6.50 22.70 -5.54
N GLN A 11 7.30 22.19 -4.61
CA GLN A 11 8.58 21.59 -4.93
C GLN A 11 8.70 20.20 -4.31
N LEU A 12 7.64 19.41 -4.42
CA LEU A 12 7.64 18.07 -3.87
C LEU A 12 7.21 17.04 -4.92
N THR A 13 7.81 15.86 -4.88
CA THR A 13 7.50 14.81 -5.82
C THR A 13 7.84 13.43 -5.25
N ASP A 14 6.84 12.55 -5.22
CA ASP A 14 7.05 11.20 -4.69
C ASP A 14 7.07 10.18 -5.82
N GLU A 15 7.84 9.11 -5.63
CA GLU A 15 7.95 8.06 -6.64
C GLU A 15 7.04 6.89 -6.30
N GLU A 16 6.88 6.61 -5.01
CA GLU A 16 6.03 5.52 -4.56
C GLU A 16 4.61 6.01 -4.28
N GLU A 17 3.69 5.06 -4.16
CA GLU A 17 2.29 5.39 -3.90
C GLU A 17 1.62 4.30 -3.08
N CYS A 18 0.78 4.71 -2.14
CA CYS A 18 0.06 3.76 -1.27
C CYS A 18 -0.49 2.60 -2.10
N CYS A 19 -0.76 1.49 -1.41
CA CYS A 19 -1.29 0.30 -2.08
C CYS A 19 -2.81 0.21 -1.87
N ILE A 20 -3.25 0.47 -0.65
CA ILE A 20 -4.66 0.41 -0.32
C ILE A 20 -5.46 1.41 -1.14
N CYS A 21 -5.24 2.69 -0.90
CA CYS A 21 -5.93 3.74 -1.62
C CYS A 21 -5.18 4.13 -2.89
N MET A 22 -3.85 4.00 -2.84
CA MET A 22 -3.01 4.34 -3.98
C MET A 22 -3.52 5.60 -4.69
N ASP A 23 -4.16 6.48 -3.92
CA ASP A 23 -4.69 7.72 -4.46
C ASP A 23 -3.86 8.91 -3.99
N GLY A 24 -2.54 8.79 -4.07
CA GLY A 24 -1.66 9.86 -3.66
C GLY A 24 -0.20 9.44 -3.61
N ARG A 25 0.33 9.31 -2.39
CA ARG A 25 1.72 8.91 -2.22
C ARG A 25 1.86 7.94 -1.03
N ALA A 26 2.96 7.20 -1.01
CA ALA A 26 3.21 6.24 0.06
C ALA A 26 4.20 6.81 1.08
N ASP A 27 3.85 6.71 2.35
CA ASP A 27 4.70 7.21 3.42
C ASP A 27 5.84 6.24 3.69
N LEU A 28 5.54 4.95 3.65
CA LEU A 28 6.55 3.92 3.90
C LEU A 28 6.34 2.73 2.98
N ILE A 29 7.34 1.85 2.91
CA ILE A 29 7.25 0.66 2.07
C ILE A 29 7.66 -0.59 2.85
N LEU A 30 6.80 -1.60 2.81
CA LEU A 30 7.08 -2.85 3.52
C LEU A 30 8.00 -3.75 2.69
N PRO A 31 8.70 -4.66 3.38
CA PRO A 31 9.63 -5.60 2.73
C PRO A 31 8.90 -6.64 1.88
N CYS A 32 7.58 -6.52 1.81
CA CYS A 32 6.76 -7.45 1.04
C CYS A 32 6.10 -6.75 -0.14
N ALA A 33 6.66 -5.60 -0.54
CA ALA A 33 6.13 -4.83 -1.66
C ALA A 33 4.75 -4.27 -1.31
N HIS A 34 4.63 -3.69 -0.13
CA HIS A 34 3.37 -3.11 0.32
C HIS A 34 3.60 -1.78 1.03
N SER A 35 3.12 -0.70 0.43
CA SER A 35 3.28 0.63 1.00
C SER A 35 1.97 1.12 1.61
N PHE A 36 2.06 2.15 2.43
CA PHE A 36 0.87 2.72 3.08
C PHE A 36 1.07 4.21 3.37
N CYS A 37 0.07 5.01 3.00
CA CYS A 37 0.14 6.45 3.21
C CYS A 37 -0.22 6.80 4.65
N GLN A 38 0.18 8.00 5.08
CA GLN A 38 -0.11 8.45 6.44
C GLN A 38 -1.58 8.26 6.78
N LYS A 39 -2.45 8.59 5.83
CA LYS A 39 -3.89 8.46 6.03
C LYS A 39 -4.24 7.04 6.48
N CYS A 40 -3.99 6.08 5.61
CA CYS A 40 -4.28 4.67 5.92
C CYS A 40 -3.60 4.25 7.22
N ILE A 41 -2.28 4.38 7.26
CA ILE A 41 -1.51 4.01 8.44
C ILE A 41 -2.16 4.54 9.71
N ASP A 42 -2.50 5.83 9.69
CA ASP A 42 -3.12 6.47 10.85
C ASP A 42 -4.44 5.77 11.20
N LYS A 43 -5.24 5.48 10.18
CA LYS A 43 -6.52 4.81 10.38
C LYS A 43 -6.34 3.50 11.15
N TRP A 44 -5.41 2.67 10.69
CA TRP A 44 -5.14 1.40 11.34
C TRP A 44 -4.34 1.59 12.62
N SER A 45 -5.04 1.54 13.75
CA SER A 45 -4.40 1.71 15.05
C SER A 45 -3.74 0.42 15.51
N ASP A 46 -3.04 -0.24 14.58
CA ASP A 46 -2.36 -1.49 14.89
C ASP A 46 -0.85 -1.29 14.94
N ARG A 47 -0.26 -1.57 16.10
CA ARG A 47 1.19 -1.41 16.27
C ARG A 47 1.87 -2.77 16.39
N HIS A 48 2.27 -3.33 15.24
CA HIS A 48 2.94 -4.62 15.22
C HIS A 48 3.81 -4.76 13.97
N ARG A 49 4.62 -5.81 13.93
CA ARG A 49 5.50 -6.05 12.80
C ARG A 49 4.83 -6.98 11.79
N ASN A 50 3.56 -6.73 11.52
CA ASN A 50 2.80 -7.54 10.56
C ASN A 50 2.25 -6.68 9.43
N CYS A 51 1.67 -7.33 8.43
CA CYS A 51 1.11 -6.63 7.29
C CYS A 51 -0.35 -7.01 7.08
N PRO A 52 -1.21 -6.00 6.86
CA PRO A 52 -2.65 -6.20 6.65
C PRO A 52 -2.94 -6.85 5.30
N ILE A 53 -2.34 -6.32 4.24
CA ILE A 53 -2.54 -6.86 2.90
C ILE A 53 -2.19 -8.34 2.85
N CYS A 54 -1.18 -8.73 3.61
CA CYS A 54 -0.74 -10.12 3.65
C CYS A 54 -1.63 -10.94 4.58
N ARG A 55 -2.11 -10.30 5.65
CA ARG A 55 -2.97 -10.97 6.61
C ARG A 55 -4.21 -11.54 5.94
N LEU A 56 -4.97 -10.67 5.28
CA LEU A 56 -6.18 -11.07 4.59
C LEU A 56 -5.88 -12.05 3.46
N GLN A 57 -4.78 -11.79 2.74
CA GLN A 57 -4.37 -12.63 1.63
C GLN A 57 -3.98 -14.02 2.13
N MET A 58 -4.92 -14.97 2.05
CA MET A 58 -4.67 -16.33 2.49
C MET A 58 -4.27 -17.22 1.31
N THR A 59 -5.02 -17.12 0.22
CA THR A 59 -4.74 -17.90 -0.97
C THR A 59 -3.25 -17.99 -1.24
N GLY A 60 -2.72 -19.21 -1.30
CA GLY A 60 -1.31 -19.40 -1.56
C GLY A 60 -0.94 -19.14 -3.00
N ALA A 61 0.19 -18.45 -3.21
CA ALA A 61 0.65 -18.13 -4.55
C ALA A 61 1.72 -19.11 -5.01
N ASN A 62 1.31 -20.16 -5.70
CA ASN A 62 2.23 -21.17 -6.20
C ASN A 62 3.32 -21.47 -5.16
N GLU A 63 2.92 -21.55 -3.90
CA GLU A 63 3.85 -21.83 -2.82
C GLU A 63 3.25 -22.83 -1.83
N SER A 64 4.11 -23.45 -1.02
CA SER A 64 3.68 -24.43 -0.05
C SER A 64 2.53 -23.89 0.79
N SER A 65 1.50 -24.72 0.98
CA SER A 65 0.33 -24.32 1.74
C SER A 65 0.12 -25.26 2.94
N GLY A 66 -0.63 -24.79 3.93
CA GLY A 66 -0.90 -25.60 5.10
C GLY A 66 -2.36 -25.70 5.43
N PRO A 67 -2.84 -24.81 6.32
CA PRO A 67 -4.25 -24.78 6.74
C PRO A 67 -5.17 -24.29 5.62
N SER A 68 -6.20 -25.07 5.33
CA SER A 68 -7.16 -24.72 4.29
C SER A 68 -8.55 -24.49 4.86
N SER A 69 -9.30 -23.59 4.26
CA SER A 69 -10.66 -23.28 4.72
C SER A 69 -11.52 -22.79 3.57
N GLY A 70 -12.71 -23.37 3.44
CA GLY A 70 -13.62 -22.99 2.37
C GLY A 70 -14.78 -22.15 2.88
N GLY A 1 1.55 1.70 -32.66
CA GLY A 1 1.76 2.98 -33.30
C GLY A 1 0.65 3.97 -33.01
N SER A 2 1.02 5.15 -32.52
CA SER A 2 0.04 6.18 -32.19
C SER A 2 0.57 7.57 -32.55
N SER A 3 -0.12 8.25 -33.45
CA SER A 3 0.28 9.59 -33.87
C SER A 3 -0.33 10.66 -32.97
N GLY A 4 0.37 11.78 -32.83
CA GLY A 4 -0.13 12.86 -32.00
C GLY A 4 0.01 12.56 -30.52
N SER A 5 -0.78 13.25 -29.70
CA SER A 5 -0.73 13.07 -28.26
C SER A 5 -2.14 12.89 -27.68
N SER A 6 -2.33 11.82 -26.93
CA SER A 6 -3.63 11.54 -26.32
C SER A 6 -3.47 10.72 -25.04
N GLY A 7 -4.13 11.16 -23.99
CA GLY A 7 -4.05 10.45 -22.72
C GLY A 7 -4.32 11.37 -21.53
N ARG A 8 -3.42 11.34 -20.55
CA ARG A 8 -3.57 12.17 -19.36
C ARG A 8 -2.29 12.95 -19.08
N VAL A 9 -2.29 14.23 -19.46
CA VAL A 9 -1.14 15.08 -19.24
C VAL A 9 -0.89 15.33 -17.75
N LYS A 10 0.37 15.28 -17.35
CA LYS A 10 0.73 15.49 -15.95
C LYS A 10 2.17 15.99 -15.83
N GLN A 11 2.42 16.87 -14.88
CA GLN A 11 3.76 17.41 -14.67
C GLN A 11 4.27 17.08 -13.27
N LEU A 12 4.05 15.83 -12.85
CA LEU A 12 4.48 15.37 -11.54
C LEU A 12 5.11 13.99 -11.62
N THR A 13 5.89 13.63 -10.60
CA THR A 13 6.55 12.33 -10.56
C THR A 13 6.70 11.84 -9.13
N ASP A 14 6.00 10.77 -8.79
CA ASP A 14 6.06 10.19 -7.46
C ASP A 14 6.84 8.88 -7.46
N GLU A 15 7.64 8.68 -6.41
CA GLU A 15 8.45 7.47 -6.30
C GLU A 15 7.66 6.36 -5.63
N GLU A 16 6.99 6.69 -4.54
CA GLU A 16 6.19 5.70 -3.81
C GLU A 16 4.70 6.02 -3.92
N GLU A 17 3.87 5.00 -3.71
CA GLU A 17 2.42 5.17 -3.80
C GLU A 17 1.71 4.11 -2.98
N CYS A 18 0.71 4.53 -2.21
CA CYS A 18 -0.06 3.62 -1.37
C CYS A 18 -0.62 2.46 -2.20
N CYS A 19 -0.96 1.37 -1.53
CA CYS A 19 -1.51 0.20 -2.20
C CYS A 19 -2.97 -0.02 -1.82
N ILE A 20 -3.35 0.50 -0.65
CA ILE A 20 -4.71 0.36 -0.17
C ILE A 20 -5.66 1.33 -0.88
N CYS A 21 -5.44 2.62 -0.66
CA CYS A 21 -6.27 3.65 -1.29
C CYS A 21 -5.60 4.20 -2.54
N MET A 22 -4.28 4.10 -2.58
CA MET A 22 -3.52 4.59 -3.74
C MET A 22 -3.82 6.06 -4.00
N ASP A 23 -3.80 6.87 -2.94
CA ASP A 23 -4.06 8.30 -3.07
C ASP A 23 -3.11 8.94 -4.06
N GLY A 24 -1.83 8.58 -3.98
CA GLY A 24 -0.83 9.14 -4.87
C GLY A 24 0.58 9.00 -4.34
N ARG A 25 0.71 9.02 -3.02
CA ARG A 25 2.01 8.90 -2.38
C ARG A 25 1.99 7.82 -1.30
N ALA A 26 3.14 7.58 -0.69
CA ALA A 26 3.26 6.59 0.37
C ALA A 26 4.13 7.10 1.52
N ASP A 27 3.78 6.71 2.73
CA ASP A 27 4.54 7.12 3.92
C ASP A 27 5.63 6.11 4.24
N LEU A 28 5.36 4.84 3.96
CA LEU A 28 6.31 3.77 4.23
C LEU A 28 6.05 2.58 3.32
N ILE A 29 7.12 1.85 3.00
CA ILE A 29 7.01 0.68 2.14
C ILE A 29 7.43 -0.59 2.88
N LEU A 30 6.75 -1.68 2.61
CA LEU A 30 7.06 -2.96 3.25
C LEU A 30 7.98 -3.80 2.38
N PRO A 31 8.72 -4.71 3.02
CA PRO A 31 9.66 -5.60 2.32
C PRO A 31 8.95 -6.63 1.45
N CYS A 32 7.63 -6.55 1.40
CA CYS A 32 6.83 -7.47 0.60
C CYS A 32 6.09 -6.73 -0.51
N ALA A 33 6.58 -5.54 -0.84
CA ALA A 33 5.97 -4.74 -1.90
C ALA A 33 4.61 -4.22 -1.47
N HIS A 34 4.54 -3.63 -0.27
CA HIS A 34 3.29 -3.10 0.25
C HIS A 34 3.53 -1.79 0.99
N SER A 35 3.02 -0.70 0.42
CA SER A 35 3.19 0.62 1.03
C SER A 35 1.87 1.11 1.64
N PHE A 36 1.97 2.12 2.50
CA PHE A 36 0.79 2.67 3.16
C PHE A 36 0.98 4.16 3.44
N CYS A 37 0.09 4.97 2.88
CA CYS A 37 0.16 6.42 3.05
C CYS A 37 -0.23 6.81 4.49
N GLN A 38 0.14 8.01 4.88
CA GLN A 38 -0.16 8.51 6.22
C GLN A 38 -1.63 8.28 6.57
N LYS A 39 -2.51 8.72 5.67
CA LYS A 39 -3.95 8.56 5.88
C LYS A 39 -4.28 7.16 6.37
N CYS A 40 -4.02 6.17 5.52
CA CYS A 40 -4.29 4.78 5.86
C CYS A 40 -3.65 4.41 7.19
N ILE A 41 -2.33 4.48 7.25
CA ILE A 41 -1.59 4.15 8.47
C ILE A 41 -2.25 4.76 9.69
N ASP A 42 -2.75 5.99 9.54
CA ASP A 42 -3.42 6.68 10.64
C ASP A 42 -4.74 6.02 10.97
N LYS A 43 -5.56 5.80 9.94
CA LYS A 43 -6.87 5.17 10.12
C LYS A 43 -6.72 3.78 10.75
N TRP A 44 -5.89 2.94 10.15
CA TRP A 44 -5.66 1.59 10.65
C TRP A 44 -4.78 1.62 11.89
N SER A 45 -5.10 0.75 12.86
CA SER A 45 -4.33 0.68 14.10
C SER A 45 -3.36 -0.49 14.07
N ASP A 46 -2.07 -0.18 13.92
CA ASP A 46 -1.04 -1.20 13.87
C ASP A 46 0.34 -0.60 14.14
N ARG A 47 1.08 -1.21 15.06
CA ARG A 47 2.41 -0.73 15.41
C ARG A 47 3.48 -1.73 14.96
N HIS A 48 3.37 -2.96 15.43
CA HIS A 48 4.32 -4.01 15.08
C HIS A 48 4.65 -3.96 13.59
N ARG A 49 5.72 -4.67 13.20
CA ARG A 49 6.13 -4.71 11.81
C ARG A 49 5.35 -5.75 11.04
N ASN A 50 4.03 -5.79 11.27
CA ASN A 50 3.16 -6.76 10.59
C ASN A 50 2.61 -6.17 9.30
N CYS A 51 1.96 -7.02 8.50
CA CYS A 51 1.39 -6.58 7.24
C CYS A 51 -0.07 -7.04 7.12
N PRO A 52 -0.98 -6.07 6.96
CA PRO A 52 -2.41 -6.34 6.83
C PRO A 52 -2.76 -7.02 5.51
N ILE A 53 -2.26 -6.45 4.41
CA ILE A 53 -2.51 -7.01 3.09
C ILE A 53 -2.17 -8.49 3.04
N CYS A 54 -0.98 -8.84 3.50
CA CYS A 54 -0.53 -10.23 3.50
C CYS A 54 -1.31 -11.04 4.54
N ARG A 55 -1.56 -10.44 5.69
CA ARG A 55 -2.29 -11.11 6.76
C ARG A 55 -3.66 -11.59 6.27
N LEU A 56 -4.16 -10.95 5.21
CA LEU A 56 -5.45 -11.31 4.64
C LEU A 56 -5.29 -12.35 3.53
N GLN A 57 -4.23 -12.20 2.74
CA GLN A 57 -3.96 -13.13 1.64
C GLN A 57 -2.81 -14.06 2.00
N MET A 58 -2.95 -14.78 3.11
CA MET A 58 -1.92 -15.71 3.55
C MET A 58 -1.41 -16.55 2.40
N THR A 59 -0.10 -16.64 2.26
CA THR A 59 0.51 -17.42 1.19
C THR A 59 -0.18 -18.76 1.01
N GLY A 60 0.03 -19.38 -0.14
CA GLY A 60 -0.59 -20.67 -0.41
C GLY A 60 0.37 -21.83 -0.24
N ALA A 61 1.01 -21.90 0.91
CA ALA A 61 1.97 -22.96 1.21
C ALA A 61 1.38 -24.33 0.88
N ASN A 62 2.24 -25.28 0.55
CA ASN A 62 1.80 -26.63 0.22
C ASN A 62 1.00 -27.24 1.36
N GLU A 63 -0.16 -27.82 1.03
CA GLU A 63 -1.01 -28.43 2.03
C GLU A 63 -1.86 -29.55 1.42
N SER A 64 -2.12 -30.59 2.20
CA SER A 64 -2.91 -31.72 1.73
C SER A 64 -4.39 -31.34 1.61
N SER A 65 -5.00 -31.74 0.50
CA SER A 65 -6.41 -31.44 0.26
C SER A 65 -7.04 -32.49 -0.64
N GLY A 66 -8.32 -32.78 -0.40
CA GLY A 66 -9.02 -33.77 -1.18
C GLY A 66 -8.64 -35.18 -0.80
N PRO A 67 -9.26 -35.71 0.27
CA PRO A 67 -9.00 -37.06 0.75
C PRO A 67 -9.53 -38.14 -0.19
N SER A 68 -10.65 -37.83 -0.84
CA SER A 68 -11.27 -38.77 -1.78
C SER A 68 -10.70 -38.59 -3.19
N SER A 69 -10.83 -39.62 -4.01
CA SER A 69 -10.33 -39.57 -5.38
C SER A 69 -11.02 -38.46 -6.17
N GLY A 70 -10.40 -37.29 -6.20
CA GLY A 70 -10.96 -36.17 -6.92
C GLY A 70 -10.01 -35.61 -7.96
N GLY A 1 -21.49 14.47 -3.04
CA GLY A 1 -21.49 15.78 -3.63
C GLY A 1 -20.14 16.18 -4.20
N SER A 2 -20.09 16.40 -5.51
CA SER A 2 -18.85 16.76 -6.17
C SER A 2 -19.12 17.31 -7.57
N SER A 3 -18.17 18.09 -8.10
CA SER A 3 -18.31 18.67 -9.42
C SER A 3 -16.99 19.28 -9.89
N GLY A 4 -16.49 18.81 -11.02
CA GLY A 4 -15.24 19.31 -11.55
C GLY A 4 -14.34 18.21 -12.08
N SER A 5 -13.66 18.48 -13.19
CA SER A 5 -12.77 17.50 -13.80
C SER A 5 -11.50 18.17 -14.31
N SER A 6 -10.44 17.38 -14.45
CA SER A 6 -9.15 17.90 -14.92
C SER A 6 -8.83 17.34 -16.31
N GLY A 7 -7.74 17.83 -16.89
CA GLY A 7 -7.33 17.38 -18.20
C GLY A 7 -6.63 16.04 -18.16
N ARG A 8 -6.52 15.40 -19.32
CA ARG A 8 -5.86 14.09 -19.41
C ARG A 8 -4.36 14.22 -19.19
N VAL A 9 -3.81 13.40 -18.31
CA VAL A 9 -2.39 13.42 -18.02
C VAL A 9 -1.75 12.06 -18.31
N LYS A 10 -0.64 12.09 -19.05
CA LYS A 10 0.07 10.86 -19.39
C LYS A 10 1.53 10.93 -18.93
N GLN A 11 1.73 11.24 -17.67
CA GLN A 11 3.08 11.34 -17.10
C GLN A 11 3.11 10.83 -15.67
N LEU A 12 4.31 10.54 -15.17
CA LEU A 12 4.47 10.04 -13.81
C LEU A 12 5.64 10.73 -13.12
N THR A 13 5.36 11.39 -12.00
CA THR A 13 6.39 12.09 -11.25
C THR A 13 6.67 11.38 -9.92
N ASP A 14 5.61 11.02 -9.21
CA ASP A 14 5.75 10.34 -7.93
C ASP A 14 6.46 9.00 -8.10
N GLU A 15 7.20 8.59 -7.07
CA GLU A 15 7.93 7.33 -7.11
C GLU A 15 7.17 6.24 -6.36
N GLU A 16 6.75 6.55 -5.14
CA GLU A 16 6.01 5.59 -4.32
C GLU A 16 4.53 5.96 -4.24
N GLU A 17 3.71 4.99 -3.86
CA GLU A 17 2.28 5.22 -3.75
C GLU A 17 1.63 4.17 -2.85
N CYS A 18 0.59 4.57 -2.12
CA CYS A 18 -0.11 3.67 -1.22
C CYS A 18 -0.72 2.50 -1.98
N CYS A 19 -1.00 1.42 -1.27
CA CYS A 19 -1.59 0.23 -1.88
C CYS A 19 -3.11 0.24 -1.75
N ILE A 20 -3.59 0.56 -0.55
CA ILE A 20 -5.02 0.61 -0.28
C ILE A 20 -5.71 1.65 -1.15
N CYS A 21 -5.51 2.92 -0.83
CA CYS A 21 -6.11 4.01 -1.58
C CYS A 21 -5.31 4.30 -2.84
N MET A 22 -4.00 4.12 -2.77
CA MET A 22 -3.12 4.35 -3.90
C MET A 22 -3.55 5.61 -4.67
N ASP A 23 -4.02 6.61 -3.93
CA ASP A 23 -4.45 7.86 -4.54
C ASP A 23 -3.28 8.81 -4.77
N GLY A 24 -2.54 9.07 -3.70
CA GLY A 24 -1.39 9.96 -3.80
C GLY A 24 -0.07 9.22 -3.75
N ARG A 25 0.71 9.45 -2.70
CA ARG A 25 2.00 8.80 -2.54
C ARG A 25 2.03 7.92 -1.30
N ALA A 26 3.11 7.17 -1.12
CA ALA A 26 3.25 6.29 0.03
C ALA A 26 4.20 6.89 1.07
N ASP A 27 3.85 6.73 2.33
CA ASP A 27 4.68 7.27 3.42
C ASP A 27 5.80 6.29 3.77
N LEU A 28 5.49 5.00 3.71
CA LEU A 28 6.47 3.97 4.03
C LEU A 28 6.31 2.75 3.10
N ILE A 29 7.30 1.87 3.12
CA ILE A 29 7.26 0.67 2.28
C ILE A 29 7.64 -0.57 3.09
N LEU A 30 6.89 -1.64 2.89
CA LEU A 30 7.15 -2.90 3.60
C LEU A 30 8.05 -3.80 2.77
N PRO A 31 8.72 -4.75 3.44
CA PRO A 31 9.62 -5.71 2.79
C PRO A 31 8.86 -6.71 1.93
N CYS A 32 7.55 -6.55 1.84
CA CYS A 32 6.72 -7.44 1.05
C CYS A 32 6.17 -6.73 -0.18
N ALA A 33 6.75 -5.57 -0.49
CA ALA A 33 6.32 -4.80 -1.64
C ALA A 33 4.95 -4.17 -1.41
N HIS A 34 4.67 -3.84 -0.16
CA HIS A 34 3.39 -3.23 0.21
C HIS A 34 3.60 -1.91 0.93
N SER A 35 3.24 -0.81 0.27
CA SER A 35 3.40 0.52 0.86
C SER A 35 2.06 1.06 1.34
N PHE A 36 2.11 2.08 2.20
CA PHE A 36 0.90 2.69 2.74
C PHE A 36 1.12 4.17 3.03
N CYS A 37 0.06 4.95 2.90
CA CYS A 37 0.13 6.39 3.15
C CYS A 37 -0.18 6.71 4.60
N GLN A 38 0.05 7.96 5.00
CA GLN A 38 -0.20 8.39 6.36
C GLN A 38 -1.68 8.26 6.71
N LYS A 39 -2.54 8.70 5.79
CA LYS A 39 -3.98 8.64 5.99
C LYS A 39 -4.39 7.25 6.45
N CYS A 40 -4.15 6.25 5.60
CA CYS A 40 -4.50 4.88 5.91
C CYS A 40 -3.80 4.41 7.18
N ILE A 41 -2.48 4.34 7.13
CA ILE A 41 -1.68 3.92 8.28
C ILE A 41 -2.24 4.48 9.57
N ASP A 42 -2.58 5.77 9.55
CA ASP A 42 -3.12 6.44 10.72
C ASP A 42 -4.23 5.60 11.37
N LYS A 43 -5.27 5.33 10.61
CA LYS A 43 -6.40 4.53 11.11
C LYS A 43 -5.91 3.18 11.63
N TRP A 44 -4.99 2.57 10.90
CA TRP A 44 -4.44 1.27 11.31
C TRP A 44 -3.40 1.44 12.40
N SER A 45 -3.03 0.33 13.03
CA SER A 45 -2.05 0.34 14.11
C SER A 45 -0.64 0.10 13.57
N ASP A 46 0.16 1.16 13.52
CA ASP A 46 1.53 1.06 13.03
C ASP A 46 2.50 0.77 14.17
N ARG A 47 2.09 -0.13 15.07
CA ARG A 47 2.92 -0.50 16.21
C ARG A 47 3.87 -1.63 15.84
N HIS A 48 3.34 -2.66 15.18
CA HIS A 48 4.14 -3.80 14.78
C HIS A 48 4.29 -3.85 13.25
N ARG A 49 5.10 -4.78 12.78
CA ARG A 49 5.33 -4.93 11.34
C ARG A 49 4.21 -5.73 10.70
N ASN A 50 3.09 -5.85 11.39
CA ASN A 50 1.94 -6.61 10.88
C ASN A 50 1.41 -5.97 9.60
N CYS A 51 1.35 -6.77 8.54
CA CYS A 51 0.87 -6.30 7.25
C CYS A 51 -0.61 -6.68 7.05
N PRO A 52 -1.46 -5.65 6.92
CA PRO A 52 -2.91 -5.85 6.72
C PRO A 52 -3.23 -6.42 5.35
N ILE A 53 -2.24 -6.41 4.46
CA ILE A 53 -2.42 -6.94 3.11
C ILE A 53 -2.16 -8.43 3.07
N CYS A 54 -0.94 -8.82 3.42
CA CYS A 54 -0.55 -10.23 3.42
C CYS A 54 -1.40 -11.02 4.41
N ARG A 55 -1.90 -10.35 5.44
CA ARG A 55 -2.72 -10.99 6.45
C ARG A 55 -3.80 -11.87 5.81
N LEU A 56 -4.36 -11.38 4.70
CA LEU A 56 -5.39 -12.12 3.98
C LEU A 56 -4.78 -12.97 2.88
N GLN A 57 -3.74 -12.45 2.25
CA GLN A 57 -3.06 -13.17 1.16
C GLN A 57 -2.16 -14.26 1.71
N MET A 58 -2.61 -15.51 1.59
CA MET A 58 -1.85 -16.65 2.08
C MET A 58 -0.50 -16.73 1.38
N THR A 59 0.57 -16.80 2.18
CA THR A 59 1.92 -16.88 1.66
C THR A 59 2.57 -18.22 1.98
N GLY A 60 3.48 -18.66 1.12
CA GLY A 60 4.15 -19.93 1.34
C GLY A 60 5.05 -19.90 2.56
N ALA A 61 4.53 -20.38 3.68
CA ALA A 61 5.29 -20.41 4.93
C ALA A 61 5.89 -21.80 5.17
N ASN A 62 7.03 -22.06 4.56
CA ASN A 62 7.70 -23.35 4.71
C ASN A 62 8.31 -23.49 6.10
N GLU A 63 9.03 -22.45 6.53
CA GLU A 63 9.66 -22.46 7.85
C GLU A 63 8.63 -22.25 8.94
N SER A 64 8.98 -22.65 10.16
CA SER A 64 8.08 -22.52 11.30
C SER A 64 8.83 -22.69 12.62
N SER A 65 8.74 -21.69 13.49
CA SER A 65 9.42 -21.74 14.78
C SER A 65 8.97 -22.96 15.59
N GLY A 66 7.66 -23.14 15.69
CA GLY A 66 7.12 -24.27 16.44
C GLY A 66 5.63 -24.14 16.69
N PRO A 67 5.04 -25.19 17.28
CA PRO A 67 3.60 -25.21 17.58
C PRO A 67 3.24 -24.25 18.71
N SER A 68 4.03 -24.28 19.79
CA SER A 68 3.78 -23.41 20.93
C SER A 68 4.46 -22.06 20.75
N SER A 69 3.66 -21.01 20.66
CA SER A 69 4.20 -19.66 20.47
C SER A 69 5.19 -19.31 21.58
N GLY A 70 4.78 -19.54 22.83
CA GLY A 70 5.64 -19.25 23.96
C GLY A 70 5.38 -17.88 24.56
#